data_2O6R
# 
_entry.id   2O6R 
# 
_audit_conform.dict_name       mmcif_pdbx.dic 
_audit_conform.dict_version    5.397 
_audit_conform.dict_location   http://mmcif.pdb.org/dictionaries/ascii/mmcif_pdbx.dic 
# 
loop_
_database_2.database_id 
_database_2.database_code 
_database_2.pdbx_database_accession 
_database_2.pdbx_DOI 
PDB   2O6R         pdb_00002o6r 10.2210/pdb2o6r/pdb 
RCSB  RCSB040757   ?            ?                   
WWPDB D_1000040757 ?            ?                   
# 
loop_
_pdbx_audit_revision_history.ordinal 
_pdbx_audit_revision_history.data_content_type 
_pdbx_audit_revision_history.major_revision 
_pdbx_audit_revision_history.minor_revision 
_pdbx_audit_revision_history.revision_date 
1 'Structure model' 1 0 2006-12-26 
2 'Structure model' 1 1 2007-12-03 
3 'Structure model' 1 2 2011-07-13 
4 'Structure model' 1 3 2023-10-25 
5 'Structure model' 1 4 2024-10-30 
# 
_pdbx_audit_revision_details.ordinal             1 
_pdbx_audit_revision_details.revision_ordinal    1 
_pdbx_audit_revision_details.data_content_type   'Structure model' 
_pdbx_audit_revision_details.provider            repository 
_pdbx_audit_revision_details.type                'Initial release' 
_pdbx_audit_revision_details.description         ? 
_pdbx_audit_revision_details.details             ? 
# 
loop_
_pdbx_audit_revision_group.ordinal 
_pdbx_audit_revision_group.revision_ordinal 
_pdbx_audit_revision_group.data_content_type 
_pdbx_audit_revision_group.group 
1 2 'Structure model' 'Version format compliance' 
2 3 'Structure model' 'Version format compliance' 
3 4 'Structure model' 'Data collection'           
4 4 'Structure model' 'Database references'       
5 4 'Structure model' 'Refinement description'    
6 5 'Structure model' 'Structure summary'         
# 
loop_
_pdbx_audit_revision_category.ordinal 
_pdbx_audit_revision_category.revision_ordinal 
_pdbx_audit_revision_category.data_content_type 
_pdbx_audit_revision_category.category 
1 4 'Structure model' chem_comp_atom                
2 4 'Structure model' chem_comp_bond                
3 4 'Structure model' database_2                    
4 4 'Structure model' pdbx_initial_refinement_model 
5 5 'Structure model' pdbx_entry_details            
6 5 'Structure model' pdbx_modification_feature     
# 
loop_
_pdbx_audit_revision_item.ordinal 
_pdbx_audit_revision_item.revision_ordinal 
_pdbx_audit_revision_item.data_content_type 
_pdbx_audit_revision_item.item 
1 4 'Structure model' '_database_2.pdbx_DOI'                
2 4 'Structure model' '_database_2.pdbx_database_accession' 
# 
_pdbx_database_status.status_code                     REL 
_pdbx_database_status.entry_id                        2O6R 
_pdbx_database_status.recvd_initial_deposition_date   2006-12-08 
_pdbx_database_status.deposit_site                    RCSB 
_pdbx_database_status.process_site                    PDBJ 
_pdbx_database_status.status_code_sf                  REL 
_pdbx_database_status.status_code_mr                  ? 
_pdbx_database_status.SG_entry                        ? 
_pdbx_database_status.pdb_format_compatible           Y 
_pdbx_database_status.status_code_cs                  ? 
_pdbx_database_status.status_code_nmr_data            ? 
_pdbx_database_status.methods_development_category    ? 
# 
loop_
_pdbx_database_related.db_name 
_pdbx_database_related.db_id 
_pdbx_database_related.details 
_pdbx_database_related.content_type 
PDB 2O6Q 'Inshore Hagfish Variable Lymphocyte Receptor A29' unspecified 
PDB 2O6S 'Inshore Hagfish Variable Lymphocyte Receptor B59' unspecified 
# 
loop_
_audit_author.name 
_audit_author.pdbx_ordinal 
'Lee, J.O.' 1 
'Kim, H.M.' 2 
'Oh, S.C.'  3 
# 
_citation.id                        primary 
_citation.title                     'Structural diversity of the hagfish variable lymphocyte receptors' 
_citation.journal_abbrev            J.Biol.Chem. 
_citation.journal_volume            282 
_citation.page_first                6726 
_citation.page_last                 6732 
_citation.year                      2007 
_citation.journal_id_ASTM           JBCHA3 
_citation.country                   US 
_citation.journal_id_ISSN           0021-9258 
_citation.journal_id_CSD            0071 
_citation.book_publisher            ? 
_citation.pdbx_database_id_PubMed   17192264 
_citation.pdbx_database_id_DOI      10.1074/jbc.M608471200 
# 
loop_
_citation_author.citation_id 
_citation_author.name 
_citation_author.ordinal 
_citation_author.identifier_ORCID 
primary 'Kim, H.M.'     1  ? 
primary 'Oh, S.C.'      2  ? 
primary 'Lim, K.J.'     3  ? 
primary 'Kasamatsu, J.' 4  ? 
primary 'Heo, J.Y.'     5  ? 
primary 'Park, B.S.'    6  ? 
primary 'Lee, H.'       7  ? 
primary 'Yoo, O.J.'     8  ? 
primary 'Kasahara, M.'  9  ? 
primary 'Lee, J.O.'     10 ? 
# 
loop_
_entity.id 
_entity.type 
_entity.src_method 
_entity.pdbx_description 
_entity.formula_weight 
_entity.pdbx_number_of_molecules 
_entity.pdbx_ec 
_entity.pdbx_mutation 
_entity.pdbx_fragment 
_entity.details 
1 polymer man 'Variable lymphocyte receptor B' 19653.533 1   ? ? 'Leucine-rich repeat (LRR), residues 24-200' ? 
2 water   nat water                            18.015    191 ? ? ?                                            ? 
# 
_entity_name_com.entity_id   1 
_entity_name_com.name        'Variable Lymphocyte Receptor B61' 
# 
_entity_poly.entity_id                      1 
_entity_poly.type                           'polypeptide(L)' 
_entity_poly.nstd_linkage                   no 
_entity_poly.nstd_monomer                   no 
_entity_poly.pdbx_seq_one_letter_code       
;CPSRCSCSGTEIRCNSKGLTSVPTGIPSSATRLELESNKLQSLPHGVFDKLTQLTKLSLSQNQIQSLPDGVFDKLTKLTI
LYLHENKLQSLPNGVFDKLTQLKELALDTNQLKSVPDGIFDRLTSLQKIWLHTNPWDCSCPRIDYLSRWLNKNSQKEQGS
AKCSGSGKPVRSIICPT
;
_entity_poly.pdbx_seq_one_letter_code_can   
;CPSRCSCSGTEIRCNSKGLTSVPTGIPSSATRLELESNKLQSLPHGVFDKLTQLTKLSLSQNQIQSLPDGVFDKLTKLTI
LYLHENKLQSLPNGVFDKLTQLKELALDTNQLKSVPDGIFDRLTSLQKIWLHTNPWDCSCPRIDYLSRWLNKNSQKEQGS
AKCSGSGKPVRSIICPT
;
_entity_poly.pdbx_strand_id                 A 
_entity_poly.pdbx_target_identifier         ? 
# 
_pdbx_entity_nonpoly.entity_id   2 
_pdbx_entity_nonpoly.name        water 
_pdbx_entity_nonpoly.comp_id     HOH 
# 
loop_
_entity_poly_seq.entity_id 
_entity_poly_seq.num 
_entity_poly_seq.mon_id 
_entity_poly_seq.hetero 
1 1   CYS n 
1 2   PRO n 
1 3   SER n 
1 4   ARG n 
1 5   CYS n 
1 6   SER n 
1 7   CYS n 
1 8   SER n 
1 9   GLY n 
1 10  THR n 
1 11  GLU n 
1 12  ILE n 
1 13  ARG n 
1 14  CYS n 
1 15  ASN n 
1 16  SER n 
1 17  LYS n 
1 18  GLY n 
1 19  LEU n 
1 20  THR n 
1 21  SER n 
1 22  VAL n 
1 23  PRO n 
1 24  THR n 
1 25  GLY n 
1 26  ILE n 
1 27  PRO n 
1 28  SER n 
1 29  SER n 
1 30  ALA n 
1 31  THR n 
1 32  ARG n 
1 33  LEU n 
1 34  GLU n 
1 35  LEU n 
1 36  GLU n 
1 37  SER n 
1 38  ASN n 
1 39  LYS n 
1 40  LEU n 
1 41  GLN n 
1 42  SER n 
1 43  LEU n 
1 44  PRO n 
1 45  HIS n 
1 46  GLY n 
1 47  VAL n 
1 48  PHE n 
1 49  ASP n 
1 50  LYS n 
1 51  LEU n 
1 52  THR n 
1 53  GLN n 
1 54  LEU n 
1 55  THR n 
1 56  LYS n 
1 57  LEU n 
1 58  SER n 
1 59  LEU n 
1 60  SER n 
1 61  GLN n 
1 62  ASN n 
1 63  GLN n 
1 64  ILE n 
1 65  GLN n 
1 66  SER n 
1 67  LEU n 
1 68  PRO n 
1 69  ASP n 
1 70  GLY n 
1 71  VAL n 
1 72  PHE n 
1 73  ASP n 
1 74  LYS n 
1 75  LEU n 
1 76  THR n 
1 77  LYS n 
1 78  LEU n 
1 79  THR n 
1 80  ILE n 
1 81  LEU n 
1 82  TYR n 
1 83  LEU n 
1 84  HIS n 
1 85  GLU n 
1 86  ASN n 
1 87  LYS n 
1 88  LEU n 
1 89  GLN n 
1 90  SER n 
1 91  LEU n 
1 92  PRO n 
1 93  ASN n 
1 94  GLY n 
1 95  VAL n 
1 96  PHE n 
1 97  ASP n 
1 98  LYS n 
1 99  LEU n 
1 100 THR n 
1 101 GLN n 
1 102 LEU n 
1 103 LYS n 
1 104 GLU n 
1 105 LEU n 
1 106 ALA n 
1 107 LEU n 
1 108 ASP n 
1 109 THR n 
1 110 ASN n 
1 111 GLN n 
1 112 LEU n 
1 113 LYS n 
1 114 SER n 
1 115 VAL n 
1 116 PRO n 
1 117 ASP n 
1 118 GLY n 
1 119 ILE n 
1 120 PHE n 
1 121 ASP n 
1 122 ARG n 
1 123 LEU n 
1 124 THR n 
1 125 SER n 
1 126 LEU n 
1 127 GLN n 
1 128 LYS n 
1 129 ILE n 
1 130 TRP n 
1 131 LEU n 
1 132 HIS n 
1 133 THR n 
1 134 ASN n 
1 135 PRO n 
1 136 TRP n 
1 137 ASP n 
1 138 CYS n 
1 139 SER n 
1 140 CYS n 
1 141 PRO n 
1 142 ARG n 
1 143 ILE n 
1 144 ASP n 
1 145 TYR n 
1 146 LEU n 
1 147 SER n 
1 148 ARG n 
1 149 TRP n 
1 150 LEU n 
1 151 ASN n 
1 152 LYS n 
1 153 ASN n 
1 154 SER n 
1 155 GLN n 
1 156 LYS n 
1 157 GLU n 
1 158 GLN n 
1 159 GLY n 
1 160 SER n 
1 161 ALA n 
1 162 LYS n 
1 163 CYS n 
1 164 SER n 
1 165 GLY n 
1 166 SER n 
1 167 GLY n 
1 168 LYS n 
1 169 PRO n 
1 170 VAL n 
1 171 ARG n 
1 172 SER n 
1 173 ILE n 
1 174 ILE n 
1 175 CYS n 
1 176 PRO n 
1 177 THR n 
# 
_entity_src_gen.entity_id                          1 
_entity_src_gen.pdbx_src_id                        1 
_entity_src_gen.pdbx_alt_source_flag               sample 
_entity_src_gen.pdbx_seq_type                      ? 
_entity_src_gen.pdbx_beg_seq_num                   ? 
_entity_src_gen.pdbx_end_seq_num                   ? 
_entity_src_gen.gene_src_common_name               'inshore hagfish' 
_entity_src_gen.gene_src_genus                     Eptatretus 
_entity_src_gen.pdbx_gene_src_gene                 VLRB 
_entity_src_gen.gene_src_species                   ? 
_entity_src_gen.gene_src_strain                    ? 
_entity_src_gen.gene_src_tissue                    ? 
_entity_src_gen.gene_src_tissue_fraction           ? 
_entity_src_gen.gene_src_details                   ? 
_entity_src_gen.pdbx_gene_src_fragment             ? 
_entity_src_gen.pdbx_gene_src_scientific_name      'Eptatretus burgeri' 
_entity_src_gen.pdbx_gene_src_ncbi_taxonomy_id     7764 
_entity_src_gen.pdbx_gene_src_variant              ? 
_entity_src_gen.pdbx_gene_src_cell_line            ? 
_entity_src_gen.pdbx_gene_src_atcc                 ? 
_entity_src_gen.pdbx_gene_src_organ                ? 
_entity_src_gen.pdbx_gene_src_organelle            ? 
_entity_src_gen.pdbx_gene_src_cell                 ? 
_entity_src_gen.pdbx_gene_src_cellular_location    ? 
_entity_src_gen.host_org_common_name               'fall armyworm' 
_entity_src_gen.pdbx_host_org_scientific_name      'Spodoptera frugiperda' 
_entity_src_gen.pdbx_host_org_ncbi_taxonomy_id     7108 
_entity_src_gen.host_org_genus                     Spodoptera 
_entity_src_gen.pdbx_host_org_gene                 ? 
_entity_src_gen.pdbx_host_org_organ                ? 
_entity_src_gen.host_org_species                   ? 
_entity_src_gen.pdbx_host_org_tissue               ? 
_entity_src_gen.pdbx_host_org_tissue_fraction      ? 
_entity_src_gen.pdbx_host_org_strain               ? 
_entity_src_gen.pdbx_host_org_variant              ? 
_entity_src_gen.pdbx_host_org_cell_line            Hi5 
_entity_src_gen.pdbx_host_org_atcc                 ? 
_entity_src_gen.pdbx_host_org_culture_collection   ? 
_entity_src_gen.pdbx_host_org_cell                 ? 
_entity_src_gen.pdbx_host_org_organelle            ? 
_entity_src_gen.pdbx_host_org_cellular_location    ? 
_entity_src_gen.pdbx_host_org_vector_type          baculovirus 
_entity_src_gen.pdbx_host_org_vector               ? 
_entity_src_gen.host_org_details                   ? 
_entity_src_gen.expression_system_id               ? 
_entity_src_gen.plasmid_name                       pVL1393 
_entity_src_gen.plasmid_details                    ? 
_entity_src_gen.pdbx_description                   ? 
# 
loop_
_chem_comp.id 
_chem_comp.type 
_chem_comp.mon_nstd_flag 
_chem_comp.name 
_chem_comp.pdbx_synonyms 
_chem_comp.formula 
_chem_comp.formula_weight 
ALA 'L-peptide linking' y ALANINE         ? 'C3 H7 N O2'     89.093  
ARG 'L-peptide linking' y ARGININE        ? 'C6 H15 N4 O2 1' 175.209 
ASN 'L-peptide linking' y ASPARAGINE      ? 'C4 H8 N2 O3'    132.118 
ASP 'L-peptide linking' y 'ASPARTIC ACID' ? 'C4 H7 N O4'     133.103 
CYS 'L-peptide linking' y CYSTEINE        ? 'C3 H7 N O2 S'   121.158 
GLN 'L-peptide linking' y GLUTAMINE       ? 'C5 H10 N2 O3'   146.144 
GLU 'L-peptide linking' y 'GLUTAMIC ACID' ? 'C5 H9 N O4'     147.129 
GLY 'peptide linking'   y GLYCINE         ? 'C2 H5 N O2'     75.067  
HIS 'L-peptide linking' y HISTIDINE       ? 'C6 H10 N3 O2 1' 156.162 
HOH non-polymer         . WATER           ? 'H2 O'           18.015  
ILE 'L-peptide linking' y ISOLEUCINE      ? 'C6 H13 N O2'    131.173 
LEU 'L-peptide linking' y LEUCINE         ? 'C6 H13 N O2'    131.173 
LYS 'L-peptide linking' y LYSINE          ? 'C6 H15 N2 O2 1' 147.195 
PHE 'L-peptide linking' y PHENYLALANINE   ? 'C9 H11 N O2'    165.189 
PRO 'L-peptide linking' y PROLINE         ? 'C5 H9 N O2'     115.130 
SER 'L-peptide linking' y SERINE          ? 'C3 H7 N O3'     105.093 
THR 'L-peptide linking' y THREONINE       ? 'C4 H9 N O3'     119.119 
TRP 'L-peptide linking' y TRYPTOPHAN      ? 'C11 H12 N2 O2'  204.225 
TYR 'L-peptide linking' y TYROSINE        ? 'C9 H11 N O3'    181.189 
VAL 'L-peptide linking' y VALINE          ? 'C5 H11 N O2'    117.146 
# 
loop_
_pdbx_poly_seq_scheme.asym_id 
_pdbx_poly_seq_scheme.entity_id 
_pdbx_poly_seq_scheme.seq_id 
_pdbx_poly_seq_scheme.mon_id 
_pdbx_poly_seq_scheme.ndb_seq_num 
_pdbx_poly_seq_scheme.pdb_seq_num 
_pdbx_poly_seq_scheme.auth_seq_num 
_pdbx_poly_seq_scheme.pdb_mon_id 
_pdbx_poly_seq_scheme.auth_mon_id 
_pdbx_poly_seq_scheme.pdb_strand_id 
_pdbx_poly_seq_scheme.pdb_ins_code 
_pdbx_poly_seq_scheme.hetero 
A 1 1   CYS 1   24  24  CYS CYS A . n 
A 1 2   PRO 2   25  25  PRO PRO A . n 
A 1 3   SER 3   26  26  SER SER A . n 
A 1 4   ARG 4   27  27  ARG ARG A . n 
A 1 5   CYS 5   28  28  CYS CYS A . n 
A 1 6   SER 6   29  29  SER SER A . n 
A 1 7   CYS 7   30  30  CYS CYS A . n 
A 1 8   SER 8   31  31  SER SER A . n 
A 1 9   GLY 9   32  32  GLY GLY A . n 
A 1 10  THR 10  33  33  THR THR A . n 
A 1 11  GLU 11  34  34  GLU GLU A . n 
A 1 12  ILE 12  35  35  ILE ILE A . n 
A 1 13  ARG 13  36  36  ARG ARG A . n 
A 1 14  CYS 14  37  37  CYS CYS A . n 
A 1 15  ASN 15  38  38  ASN ASN A . n 
A 1 16  SER 16  39  39  SER SER A . n 
A 1 17  LYS 17  40  40  LYS LYS A . n 
A 1 18  GLY 18  41  41  GLY GLY A . n 
A 1 19  LEU 19  42  42  LEU LEU A . n 
A 1 20  THR 20  43  43  THR THR A . n 
A 1 21  SER 21  44  44  SER SER A . n 
A 1 22  VAL 22  45  45  VAL VAL A . n 
A 1 23  PRO 23  46  46  PRO PRO A . n 
A 1 24  THR 24  47  47  THR THR A . n 
A 1 25  GLY 25  48  48  GLY GLY A . n 
A 1 26  ILE 26  49  49  ILE ILE A . n 
A 1 27  PRO 27  50  50  PRO PRO A . n 
A 1 28  SER 28  51  51  SER SER A . n 
A 1 29  SER 29  52  52  SER SER A . n 
A 1 30  ALA 30  53  53  ALA ALA A . n 
A 1 31  THR 31  54  54  THR THR A . n 
A 1 32  ARG 32  55  55  ARG ARG A . n 
A 1 33  LEU 33  56  56  LEU LEU A . n 
A 1 34  GLU 34  57  57  GLU GLU A . n 
A 1 35  LEU 35  58  58  LEU LEU A . n 
A 1 36  GLU 36  59  59  GLU GLU A . n 
A 1 37  SER 37  60  60  SER SER A . n 
A 1 38  ASN 38  61  61  ASN ASN A . n 
A 1 39  LYS 39  62  62  LYS LYS A . n 
A 1 40  LEU 40  63  63  LEU LEU A . n 
A 1 41  GLN 41  64  64  GLN GLN A . n 
A 1 42  SER 42  65  65  SER SER A . n 
A 1 43  LEU 43  66  66  LEU LEU A . n 
A 1 44  PRO 44  67  67  PRO PRO A . n 
A 1 45  HIS 45  68  68  HIS HIS A . n 
A 1 46  GLY 46  69  69  GLY GLY A . n 
A 1 47  VAL 47  70  70  VAL VAL A . n 
A 1 48  PHE 48  71  71  PHE PHE A . n 
A 1 49  ASP 49  72  72  ASP ASP A . n 
A 1 50  LYS 50  73  73  LYS LYS A . n 
A 1 51  LEU 51  74  74  LEU LEU A . n 
A 1 52  THR 52  75  75  THR THR A . n 
A 1 53  GLN 53  76  76  GLN GLN A . n 
A 1 54  LEU 54  77  77  LEU LEU A . n 
A 1 55  THR 55  78  78  THR THR A . n 
A 1 56  LYS 56  79  79  LYS LYS A . n 
A 1 57  LEU 57  80  80  LEU LEU A . n 
A 1 58  SER 58  81  81  SER SER A . n 
A 1 59  LEU 59  82  82  LEU LEU A . n 
A 1 60  SER 60  83  83  SER SER A . n 
A 1 61  GLN 61  84  84  GLN GLN A . n 
A 1 62  ASN 62  85  85  ASN ASN A . n 
A 1 63  GLN 63  86  86  GLN GLN A . n 
A 1 64  ILE 64  87  87  ILE ILE A . n 
A 1 65  GLN 65  88  88  GLN GLN A . n 
A 1 66  SER 66  89  89  SER SER A . n 
A 1 67  LEU 67  90  90  LEU LEU A . n 
A 1 68  PRO 68  91  91  PRO PRO A . n 
A 1 69  ASP 69  92  92  ASP ASP A . n 
A 1 70  GLY 70  93  93  GLY GLY A . n 
A 1 71  VAL 71  94  94  VAL VAL A . n 
A 1 72  PHE 72  95  95  PHE PHE A . n 
A 1 73  ASP 73  96  96  ASP ASP A . n 
A 1 74  LYS 74  97  97  LYS LYS A . n 
A 1 75  LEU 75  98  98  LEU LEU A . n 
A 1 76  THR 76  99  99  THR THR A . n 
A 1 77  LYS 77  100 100 LYS LYS A . n 
A 1 78  LEU 78  101 101 LEU LEU A . n 
A 1 79  THR 79  102 102 THR THR A . n 
A 1 80  ILE 80  103 103 ILE ILE A . n 
A 1 81  LEU 81  104 104 LEU LEU A . n 
A 1 82  TYR 82  105 105 TYR TYR A . n 
A 1 83  LEU 83  106 106 LEU LEU A . n 
A 1 84  HIS 84  107 107 HIS HIS A . n 
A 1 85  GLU 85  108 108 GLU GLU A . n 
A 1 86  ASN 86  109 109 ASN ASN A . n 
A 1 87  LYS 87  110 110 LYS LYS A . n 
A 1 88  LEU 88  111 111 LEU LEU A . n 
A 1 89  GLN 89  112 112 GLN GLN A . n 
A 1 90  SER 90  113 113 SER SER A . n 
A 1 91  LEU 91  114 114 LEU LEU A . n 
A 1 92  PRO 92  115 115 PRO PRO A . n 
A 1 93  ASN 93  116 116 ASN ASN A . n 
A 1 94  GLY 94  117 117 GLY GLY A . n 
A 1 95  VAL 95  118 118 VAL VAL A . n 
A 1 96  PHE 96  119 119 PHE PHE A . n 
A 1 97  ASP 97  120 120 ASP ASP A . n 
A 1 98  LYS 98  121 121 LYS LYS A . n 
A 1 99  LEU 99  122 122 LEU LEU A . n 
A 1 100 THR 100 123 123 THR THR A . n 
A 1 101 GLN 101 124 124 GLN GLN A . n 
A 1 102 LEU 102 125 125 LEU LEU A . n 
A 1 103 LYS 103 126 126 LYS LYS A . n 
A 1 104 GLU 104 127 127 GLU GLU A . n 
A 1 105 LEU 105 128 128 LEU LEU A . n 
A 1 106 ALA 106 129 129 ALA ALA A . n 
A 1 107 LEU 107 130 130 LEU LEU A . n 
A 1 108 ASP 108 131 131 ASP ASP A . n 
A 1 109 THR 109 132 132 THR THR A . n 
A 1 110 ASN 110 133 133 ASN ASN A . n 
A 1 111 GLN 111 134 134 GLN GLN A . n 
A 1 112 LEU 112 135 135 LEU LEU A . n 
A 1 113 LYS 113 136 136 LYS LYS A . n 
A 1 114 SER 114 137 137 SER SER A . n 
A 1 115 VAL 115 138 138 VAL VAL A . n 
A 1 116 PRO 116 139 139 PRO PRO A . n 
A 1 117 ASP 117 140 140 ASP ASP A . n 
A 1 118 GLY 118 141 141 GLY GLY A . n 
A 1 119 ILE 119 142 142 ILE ILE A . n 
A 1 120 PHE 120 143 143 PHE PHE A . n 
A 1 121 ASP 121 144 144 ASP ASP A . n 
A 1 122 ARG 122 145 145 ARG ARG A . n 
A 1 123 LEU 123 146 146 LEU LEU A . n 
A 1 124 THR 124 147 147 THR THR A . n 
A 1 125 SER 125 148 148 SER SER A . n 
A 1 126 LEU 126 149 149 LEU LEU A . n 
A 1 127 GLN 127 150 150 GLN GLN A . n 
A 1 128 LYS 128 151 151 LYS LYS A . n 
A 1 129 ILE 129 152 152 ILE ILE A . n 
A 1 130 TRP 130 153 153 TRP TRP A . n 
A 1 131 LEU 131 154 154 LEU LEU A . n 
A 1 132 HIS 132 155 155 HIS HIS A . n 
A 1 133 THR 133 156 156 THR THR A . n 
A 1 134 ASN 134 157 157 ASN ASN A . n 
A 1 135 PRO 135 158 158 PRO PRO A . n 
A 1 136 TRP 136 159 159 TRP TRP A . n 
A 1 137 ASP 137 160 160 ASP ASP A . n 
A 1 138 CYS 138 161 161 CYS CYS A . n 
A 1 139 SER 139 162 162 SER SER A . n 
A 1 140 CYS 140 163 163 CYS CYS A . n 
A 1 141 PRO 141 164 164 PRO PRO A . n 
A 1 142 ARG 142 165 165 ARG ARG A . n 
A 1 143 ILE 143 166 166 ILE ILE A . n 
A 1 144 ASP 144 167 167 ASP ASP A . n 
A 1 145 TYR 145 168 168 TYR TYR A . n 
A 1 146 LEU 146 169 169 LEU LEU A . n 
A 1 147 SER 147 170 170 SER SER A . n 
A 1 148 ARG 148 171 171 ARG ARG A . n 
A 1 149 TRP 149 172 172 TRP TRP A . n 
A 1 150 LEU 150 173 173 LEU LEU A . n 
A 1 151 ASN 151 174 174 ASN ASN A . n 
A 1 152 LYS 152 175 175 LYS LYS A . n 
A 1 153 ASN 153 176 176 ASN ASN A . n 
A 1 154 SER 154 177 177 SER SER A . n 
A 1 155 GLN 155 178 178 GLN GLN A . n 
A 1 156 LYS 156 179 179 LYS LYS A . n 
A 1 157 GLU 157 180 180 GLU GLU A . n 
A 1 158 GLN 158 181 181 GLN GLN A . n 
A 1 159 GLY 159 182 182 GLY GLY A . n 
A 1 160 SER 160 183 183 SER SER A . n 
A 1 161 ALA 161 184 184 ALA ALA A . n 
A 1 162 LYS 162 185 185 LYS LYS A . n 
A 1 163 CYS 163 186 186 CYS CYS A . n 
A 1 164 SER 164 187 187 SER SER A . n 
A 1 165 GLY 165 188 188 GLY GLY A . n 
A 1 166 SER 166 189 189 SER SER A . n 
A 1 167 GLY 167 190 190 GLY GLY A . n 
A 1 168 LYS 168 191 191 LYS LYS A . n 
A 1 169 PRO 169 192 192 PRO PRO A . n 
A 1 170 VAL 170 193 193 VAL VAL A . n 
A 1 171 ARG 171 194 194 ARG ARG A . n 
A 1 172 SER 172 195 195 SER SER A . n 
A 1 173 ILE 173 196 196 ILE ILE A . n 
A 1 174 ILE 174 197 197 ILE ILE A . n 
A 1 175 CYS 175 198 198 CYS CYS A . n 
A 1 176 PRO 176 199 199 PRO PRO A . n 
A 1 177 THR 177 200 200 THR THR A . n 
# 
loop_
_pdbx_nonpoly_scheme.asym_id 
_pdbx_nonpoly_scheme.entity_id 
_pdbx_nonpoly_scheme.mon_id 
_pdbx_nonpoly_scheme.ndb_seq_num 
_pdbx_nonpoly_scheme.pdb_seq_num 
_pdbx_nonpoly_scheme.auth_seq_num 
_pdbx_nonpoly_scheme.pdb_mon_id 
_pdbx_nonpoly_scheme.auth_mon_id 
_pdbx_nonpoly_scheme.pdb_strand_id 
_pdbx_nonpoly_scheme.pdb_ins_code 
B 2 HOH 1   201 1   HOH TIP A . 
B 2 HOH 2   202 2   HOH TIP A . 
B 2 HOH 3   203 3   HOH TIP A . 
B 2 HOH 4   204 4   HOH TIP A . 
B 2 HOH 5   205 5   HOH TIP A . 
B 2 HOH 6   206 6   HOH TIP A . 
B 2 HOH 7   207 7   HOH TIP A . 
B 2 HOH 8   208 8   HOH TIP A . 
B 2 HOH 9   209 9   HOH TIP A . 
B 2 HOH 10  210 10  HOH TIP A . 
B 2 HOH 11  211 11  HOH TIP A . 
B 2 HOH 12  212 12  HOH TIP A . 
B 2 HOH 13  213 13  HOH TIP A . 
B 2 HOH 14  214 14  HOH TIP A . 
B 2 HOH 15  215 15  HOH TIP A . 
B 2 HOH 16  216 16  HOH TIP A . 
B 2 HOH 17  217 17  HOH TIP A . 
B 2 HOH 18  218 18  HOH TIP A . 
B 2 HOH 19  219 19  HOH TIP A . 
B 2 HOH 20  220 20  HOH TIP A . 
B 2 HOH 21  221 21  HOH TIP A . 
B 2 HOH 22  222 22  HOH TIP A . 
B 2 HOH 23  223 23  HOH TIP A . 
B 2 HOH 24  224 24  HOH TIP A . 
B 2 HOH 25  225 25  HOH TIP A . 
B 2 HOH 26  226 26  HOH TIP A . 
B 2 HOH 27  227 27  HOH TIP A . 
B 2 HOH 28  228 28  HOH TIP A . 
B 2 HOH 29  229 29  HOH TIP A . 
B 2 HOH 30  230 30  HOH TIP A . 
B 2 HOH 31  231 31  HOH TIP A . 
B 2 HOH 32  232 32  HOH TIP A . 
B 2 HOH 33  233 33  HOH TIP A . 
B 2 HOH 34  234 34  HOH TIP A . 
B 2 HOH 35  235 35  HOH TIP A . 
B 2 HOH 36  236 36  HOH TIP A . 
B 2 HOH 37  237 37  HOH TIP A . 
B 2 HOH 38  238 38  HOH TIP A . 
B 2 HOH 39  239 39  HOH TIP A . 
B 2 HOH 40  240 40  HOH TIP A . 
B 2 HOH 41  241 41  HOH TIP A . 
B 2 HOH 42  242 42  HOH TIP A . 
B 2 HOH 43  243 43  HOH TIP A . 
B 2 HOH 44  244 44  HOH TIP A . 
B 2 HOH 45  245 45  HOH TIP A . 
B 2 HOH 46  246 46  HOH TIP A . 
B 2 HOH 47  247 47  HOH TIP A . 
B 2 HOH 48  248 48  HOH TIP A . 
B 2 HOH 49  249 49  HOH TIP A . 
B 2 HOH 50  250 50  HOH TIP A . 
B 2 HOH 51  251 51  HOH TIP A . 
B 2 HOH 52  252 52  HOH TIP A . 
B 2 HOH 53  253 53  HOH TIP A . 
B 2 HOH 54  254 54  HOH TIP A . 
B 2 HOH 55  255 55  HOH TIP A . 
B 2 HOH 56  256 56  HOH TIP A . 
B 2 HOH 57  257 57  HOH TIP A . 
B 2 HOH 58  258 58  HOH TIP A . 
B 2 HOH 59  259 59  HOH TIP A . 
B 2 HOH 60  260 60  HOH TIP A . 
B 2 HOH 61  261 61  HOH TIP A . 
B 2 HOH 62  262 62  HOH TIP A . 
B 2 HOH 63  263 63  HOH TIP A . 
B 2 HOH 64  264 64  HOH TIP A . 
B 2 HOH 65  265 65  HOH TIP A . 
B 2 HOH 66  266 66  HOH TIP A . 
B 2 HOH 67  267 67  HOH TIP A . 
B 2 HOH 68  268 68  HOH TIP A . 
B 2 HOH 69  269 69  HOH TIP A . 
B 2 HOH 70  270 70  HOH TIP A . 
B 2 HOH 71  271 71  HOH TIP A . 
B 2 HOH 72  272 72  HOH TIP A . 
B 2 HOH 73  273 73  HOH TIP A . 
B 2 HOH 74  274 74  HOH TIP A . 
B 2 HOH 75  275 75  HOH TIP A . 
B 2 HOH 76  276 76  HOH TIP A . 
B 2 HOH 77  277 77  HOH TIP A . 
B 2 HOH 78  278 78  HOH TIP A . 
B 2 HOH 79  279 79  HOH TIP A . 
B 2 HOH 80  280 80  HOH TIP A . 
B 2 HOH 81  281 81  HOH TIP A . 
B 2 HOH 82  282 82  HOH TIP A . 
B 2 HOH 83  283 83  HOH TIP A . 
B 2 HOH 84  284 84  HOH TIP A . 
B 2 HOH 85  285 85  HOH TIP A . 
B 2 HOH 86  286 86  HOH TIP A . 
B 2 HOH 87  287 87  HOH TIP A . 
B 2 HOH 88  288 88  HOH TIP A . 
B 2 HOH 89  289 89  HOH TIP A . 
B 2 HOH 90  290 90  HOH TIP A . 
B 2 HOH 91  291 91  HOH TIP A . 
B 2 HOH 92  292 92  HOH TIP A . 
B 2 HOH 93  293 93  HOH TIP A . 
B 2 HOH 94  294 94  HOH TIP A . 
B 2 HOH 95  295 95  HOH TIP A . 
B 2 HOH 96  296 96  HOH TIP A . 
B 2 HOH 97  297 97  HOH TIP A . 
B 2 HOH 98  298 98  HOH TIP A . 
B 2 HOH 99  299 99  HOH TIP A . 
B 2 HOH 100 300 100 HOH TIP A . 
B 2 HOH 101 301 101 HOH TIP A . 
B 2 HOH 102 302 102 HOH TIP A . 
B 2 HOH 103 303 103 HOH TIP A . 
B 2 HOH 104 304 104 HOH TIP A . 
B 2 HOH 105 305 105 HOH TIP A . 
B 2 HOH 106 306 106 HOH TIP A . 
B 2 HOH 107 307 107 HOH TIP A . 
B 2 HOH 108 308 108 HOH TIP A . 
B 2 HOH 109 309 109 HOH TIP A . 
B 2 HOH 110 310 110 HOH TIP A . 
B 2 HOH 111 311 111 HOH TIP A . 
B 2 HOH 112 312 112 HOH TIP A . 
B 2 HOH 113 313 113 HOH TIP A . 
B 2 HOH 114 314 114 HOH TIP A . 
B 2 HOH 115 315 115 HOH TIP A . 
B 2 HOH 116 316 116 HOH TIP A . 
B 2 HOH 117 317 117 HOH TIP A . 
B 2 HOH 118 318 118 HOH TIP A . 
B 2 HOH 119 319 119 HOH TIP A . 
B 2 HOH 120 320 120 HOH TIP A . 
B 2 HOH 121 321 121 HOH TIP A . 
B 2 HOH 122 322 122 HOH TIP A . 
B 2 HOH 123 323 123 HOH TIP A . 
B 2 HOH 124 324 124 HOH TIP A . 
B 2 HOH 125 325 125 HOH TIP A . 
B 2 HOH 126 326 126 HOH TIP A . 
B 2 HOH 127 327 127 HOH TIP A . 
B 2 HOH 128 328 128 HOH TIP A . 
B 2 HOH 129 329 129 HOH TIP A . 
B 2 HOH 130 330 130 HOH TIP A . 
B 2 HOH 131 331 131 HOH TIP A . 
B 2 HOH 132 332 132 HOH TIP A . 
B 2 HOH 133 333 133 HOH TIP A . 
B 2 HOH 134 334 134 HOH TIP A . 
B 2 HOH 135 335 135 HOH TIP A . 
B 2 HOH 136 336 136 HOH TIP A . 
B 2 HOH 137 337 137 HOH TIP A . 
B 2 HOH 138 338 138 HOH TIP A . 
B 2 HOH 139 339 139 HOH TIP A . 
B 2 HOH 140 340 140 HOH TIP A . 
B 2 HOH 141 341 141 HOH TIP A . 
B 2 HOH 142 342 142 HOH TIP A . 
B 2 HOH 143 343 143 HOH TIP A . 
B 2 HOH 144 344 144 HOH TIP A . 
B 2 HOH 145 345 145 HOH TIP A . 
B 2 HOH 146 346 146 HOH TIP A . 
B 2 HOH 147 347 147 HOH TIP A . 
B 2 HOH 148 348 148 HOH TIP A . 
B 2 HOH 149 349 149 HOH TIP A . 
B 2 HOH 150 350 150 HOH TIP A . 
B 2 HOH 151 351 151 HOH TIP A . 
B 2 HOH 152 352 152 HOH TIP A . 
B 2 HOH 153 353 153 HOH TIP A . 
B 2 HOH 154 354 154 HOH TIP A . 
B 2 HOH 155 355 155 HOH TIP A . 
B 2 HOH 156 356 156 HOH TIP A . 
B 2 HOH 157 357 157 HOH TIP A . 
B 2 HOH 158 358 158 HOH TIP A . 
B 2 HOH 159 359 159 HOH TIP A . 
B 2 HOH 160 360 160 HOH TIP A . 
B 2 HOH 161 361 161 HOH TIP A . 
B 2 HOH 162 362 162 HOH TIP A . 
B 2 HOH 163 363 163 HOH TIP A . 
B 2 HOH 164 364 164 HOH TIP A . 
B 2 HOH 165 365 165 HOH TIP A . 
B 2 HOH 166 366 166 HOH TIP A . 
B 2 HOH 167 367 167 HOH TIP A . 
B 2 HOH 168 368 168 HOH TIP A . 
B 2 HOH 169 369 169 HOH TIP A . 
B 2 HOH 170 370 170 HOH TIP A . 
B 2 HOH 171 371 171 HOH TIP A . 
B 2 HOH 172 372 172 HOH TIP A . 
B 2 HOH 173 373 173 HOH TIP A . 
B 2 HOH 174 374 174 HOH TIP A . 
B 2 HOH 175 375 175 HOH TIP A . 
B 2 HOH 176 376 176 HOH TIP A . 
B 2 HOH 177 377 177 HOH TIP A . 
B 2 HOH 178 378 178 HOH TIP A . 
B 2 HOH 179 379 179 HOH TIP A . 
B 2 HOH 180 380 180 HOH TIP A . 
B 2 HOH 181 381 181 HOH TIP A . 
B 2 HOH 182 382 182 HOH TIP A . 
B 2 HOH 183 383 183 HOH TIP A . 
B 2 HOH 184 384 184 HOH TIP A . 
B 2 HOH 185 385 185 HOH TIP A . 
B 2 HOH 186 386 186 HOH TIP A . 
B 2 HOH 187 387 187 HOH TIP A . 
B 2 HOH 188 388 188 HOH TIP A . 
B 2 HOH 189 389 189 HOH TIP A . 
B 2 HOH 190 390 190 HOH TIP A . 
B 2 HOH 191 391 191 HOH TIP A . 
# 
loop_
_software.name 
_software.classification 
_software.version 
_software.citation_id 
_software.pdbx_ordinal 
CNS      refinement        1.1 ? 1 
HKL-2000 'data collection' .   ? 2 
HKL-2000 'data reduction'  .   ? 3 
HKL-2000 'data scaling'    .   ? 4 
PHASES   phasing           .   ? 5 
# 
_cell.entry_id           2O6R 
_cell.length_a           42.774 
_cell.length_b           55.355 
_cell.length_c           81.060 
_cell.angle_alpha        90.00 
_cell.angle_beta         90.00 
_cell.angle_gamma        90.00 
_cell.Z_PDB              4 
_cell.pdbx_unique_axis   ? 
_cell.length_a_esd       ? 
_cell.length_b_esd       ? 
_cell.length_c_esd       ? 
_cell.angle_alpha_esd    ? 
_cell.angle_beta_esd     ? 
_cell.angle_gamma_esd    ? 
# 
_symmetry.entry_id                         2O6R 
_symmetry.space_group_name_H-M             'P 21 21 21' 
_symmetry.pdbx_full_space_group_name_H-M   ? 
_symmetry.cell_setting                     ? 
_symmetry.Int_Tables_number                19 
_symmetry.space_group_name_Hall            ? 
# 
_exptl.entry_id          2O6R 
_exptl.method            'X-RAY DIFFRACTION' 
_exptl.crystals_number   1 
# 
_exptl_crystal.id                    1 
_exptl_crystal.density_meas          ? 
_exptl_crystal.density_Matthews      2.44 
_exptl_crystal.density_percent_sol   49.59 
_exptl_crystal.description           ? 
_exptl_crystal.F_000                 ? 
_exptl_crystal.preparation           ? 
# 
_exptl_crystal_grow.crystal_id      1 
_exptl_crystal_grow.method          'VAPOR DIFFUSION, HANGING DROP' 
_exptl_crystal_grow.temp            295.0 
_exptl_crystal_grow.temp_details    ? 
_exptl_crystal_grow.pH              8.5 
_exptl_crystal_grow.pdbx_details    
'30% PEG 4000, 0.1M Tris-Hcl, 0.2M sodium chloride, pH 8.5, VAPOR DIFFUSION, HANGING DROP, temperature 295.0K' 
_exptl_crystal_grow.pdbx_pH_range   . 
# 
_diffrn.id                     1 
_diffrn.ambient_temp           295 
_diffrn.ambient_temp_details   ? 
_diffrn.crystal_id             1 
# 
_diffrn_detector.diffrn_id              1 
_diffrn_detector.detector               CCD 
_diffrn_detector.type                   'ADSC QUANTUM 210' 
_diffrn_detector.pdbx_collection_date   2006-06-09 
_diffrn_detector.details                ? 
# 
_diffrn_radiation.diffrn_id                        1 
_diffrn_radiation.wavelength_id                    1 
_diffrn_radiation.pdbx_monochromatic_or_laue_m_l   M 
_diffrn_radiation.monochromator                    'Si 111 CHANNEL' 
_diffrn_radiation.pdbx_diffrn_protocol             'SINGLE WAVELENGTH' 
_diffrn_radiation.pdbx_scattering_type             x-ray 
# 
_diffrn_radiation_wavelength.id           1 
_diffrn_radiation_wavelength.wavelength   0.97175 
_diffrn_radiation_wavelength.wt           1.0 
# 
_diffrn_source.diffrn_id                   1 
_diffrn_source.source                      SYNCHROTRON 
_diffrn_source.type                        'PAL/PLS BEAMLINE 4A' 
_diffrn_source.pdbx_synchrotron_site       PAL/PLS 
_diffrn_source.pdbx_synchrotron_beamline   4A 
_diffrn_source.pdbx_wavelength             ? 
_diffrn_source.pdbx_wavelength_list        0.97175 
# 
_reflns.entry_id                     2O6R 
_reflns.observed_criterion_sigma_I   ? 
_reflns.observed_criterion_sigma_F   ? 
_reflns.d_resolution_low             20 
_reflns.d_resolution_high            2.3 
_reflns.number_obs                   8477 
_reflns.number_all                   ? 
_reflns.percent_possible_obs         93.6 
_reflns.pdbx_Rmerge_I_obs            ? 
_reflns.pdbx_Rsym_value              ? 
_reflns.pdbx_netI_over_sigmaI        63.2 
_reflns.B_iso_Wilson_estimate        10.6 
_reflns.pdbx_redundancy              ? 
_reflns.R_free_details               ? 
_reflns.limit_h_max                  ? 
_reflns.limit_h_min                  ? 
_reflns.limit_k_max                  ? 
_reflns.limit_k_min                  ? 
_reflns.limit_l_max                  ? 
_reflns.limit_l_min                  ? 
_reflns.observed_criterion_F_max     ? 
_reflns.observed_criterion_F_min     ? 
_reflns.pdbx_chi_squared             ? 
_reflns.pdbx_scaling_rejects         ? 
_reflns.pdbx_diffrn_id               1 
_reflns.pdbx_ordinal                 1 
# 
_reflns_shell.d_res_high             2.3 
_reflns_shell.d_res_low              ? 
_reflns_shell.percent_possible_all   68.7 
_reflns_shell.Rmerge_I_obs           ? 
_reflns_shell.pdbx_Rsym_value        0.05 
_reflns_shell.meanI_over_sigI_obs    46.6 
_reflns_shell.pdbx_redundancy        ? 
_reflns_shell.percent_possible_obs   ? 
_reflns_shell.number_unique_all      ? 
_reflns_shell.number_measured_all    ? 
_reflns_shell.number_measured_obs    ? 
_reflns_shell.number_unique_obs      ? 
_reflns_shell.pdbx_chi_squared       ? 
_reflns_shell.pdbx_diffrn_id         ? 
_reflns_shell.pdbx_ordinal           1 
# 
_refine.entry_id                                 2O6R 
_refine.ls_number_reflns_obs                     8434 
_refine.ls_number_reflns_all                     ? 
_refine.pdbx_ls_sigma_I                          ? 
_refine.pdbx_ls_sigma_F                          0.0 
_refine.pdbx_data_cutoff_high_absF               1587740.85 
_refine.pdbx_data_cutoff_low_absF                0.000000 
_refine.pdbx_data_cutoff_high_rms_absF           ? 
_refine.ls_d_res_low                             19.34 
_refine.ls_d_res_high                            2.30 
_refine.ls_percent_reflns_obs                    93.7 
_refine.ls_R_factor_obs                          0.191 
_refine.ls_R_factor_all                          0.212 
_refine.ls_R_factor_R_work                       0.191 
_refine.ls_R_factor_R_free                       0.259 
_refine.ls_R_factor_R_free_error                 0.009 
_refine.ls_R_factor_R_free_error_details         ? 
_refine.ls_percent_reflns_R_free                 10.4 
_refine.ls_number_reflns_R_free                  877 
_refine.ls_number_parameters                     ? 
_refine.ls_number_restraints                     ? 
_refine.occupancy_min                            ? 
_refine.occupancy_max                            ? 
_refine.correlation_coeff_Fo_to_Fc               ? 
_refine.correlation_coeff_Fo_to_Fc_free          ? 
_refine.B_iso_mean                               14.3 
_refine.aniso_B[1][1]                            -0.46 
_refine.aniso_B[2][2]                            -3.15 
_refine.aniso_B[3][3]                            3.61 
_refine.aniso_B[1][2]                            0.00 
_refine.aniso_B[1][3]                            0.00 
_refine.aniso_B[2][3]                            0.00 
_refine.solvent_model_details                    'FLAT MODEL' 
_refine.solvent_model_param_ksol                 0.348692 
_refine.solvent_model_param_bsol                 22.0386 
_refine.pdbx_solvent_vdw_probe_radii             ? 
_refine.pdbx_solvent_ion_probe_radii             ? 
_refine.pdbx_solvent_shrinkage_radii             ? 
_refine.pdbx_ls_cross_valid_method               THROUGHOUT 
_refine.details                                  ? 
_refine.pdbx_starting_model                      'PDB entry 1M10' 
_refine.pdbx_method_to_determine_struct          'MOLECULAR REPLACEMENT' 
_refine.pdbx_isotropic_thermal_model             OVERALL 
_refine.pdbx_stereochemistry_target_values       ? 
_refine.pdbx_stereochem_target_val_spec_case     ? 
_refine.pdbx_R_Free_selection_details            RANDOM 
_refine.pdbx_overall_ESU_R                       ? 
_refine.pdbx_overall_ESU_R_Free                  ? 
_refine.overall_SU_ML                            ? 
_refine.overall_SU_B                             ? 
_refine.ls_redundancy_reflns_obs                 ? 
_refine.B_iso_min                                ? 
_refine.B_iso_max                                ? 
_refine.overall_SU_R_Cruickshank_DPI             ? 
_refine.overall_SU_R_free                        ? 
_refine.ls_wR_factor_R_free                      ? 
_refine.ls_wR_factor_R_work                      ? 
_refine.overall_FOM_free_R_set                   ? 
_refine.overall_FOM_work_R_set                   ? 
_refine.pdbx_refine_id                           'X-RAY DIFFRACTION' 
_refine.pdbx_diffrn_id                           1 
_refine.pdbx_TLS_residual_ADP_flag               ? 
_refine.pdbx_overall_phase_error                 ? 
_refine.pdbx_overall_SU_R_free_Cruickshank_DPI   ? 
_refine.pdbx_overall_SU_R_Blow_DPI               ? 
_refine.pdbx_overall_SU_R_free_Blow_DPI          ? 
# 
_refine_analyze.entry_id                        2O6R 
_refine_analyze.Luzzati_coordinate_error_obs    0.24 
_refine_analyze.Luzzati_sigma_a_obs             0.13 
_refine_analyze.Luzzati_d_res_low_obs           5.00 
_refine_analyze.Luzzati_coordinate_error_free   0.34 
_refine_analyze.Luzzati_sigma_a_free            0.27 
_refine_analyze.Luzzati_d_res_low_free          ? 
_refine_analyze.number_disordered_residues      ? 
_refine_analyze.occupancy_sum_hydrogen          ? 
_refine_analyze.occupancy_sum_non_hydrogen      ? 
_refine_analyze.pdbx_Luzzati_d_res_high_obs     ? 
_refine_analyze.pdbx_refine_id                  'X-RAY DIFFRACTION' 
# 
_refine_hist.pdbx_refine_id                   'X-RAY DIFFRACTION' 
_refine_hist.cycle_id                         LAST 
_refine_hist.pdbx_number_atoms_protein        1374 
_refine_hist.pdbx_number_atoms_nucleic_acid   0 
_refine_hist.pdbx_number_atoms_ligand         0 
_refine_hist.number_atoms_solvent             191 
_refine_hist.number_atoms_total               1565 
_refine_hist.d_res_high                       2.30 
_refine_hist.d_res_low                        19.34 
# 
loop_
_refine_ls_restr.type 
_refine_ls_restr.dev_ideal 
_refine_ls_restr.dev_ideal_target 
_refine_ls_restr.weight 
_refine_ls_restr.number 
_refine_ls_restr.pdbx_refine_id 
_refine_ls_restr.pdbx_restraint_function 
c_bond_d           0.012 ? ? ? 'X-RAY DIFFRACTION' ? 
c_angle_deg        1.8   ? ? ? 'X-RAY DIFFRACTION' ? 
c_dihedral_angle_d 26.1  ? ? ? 'X-RAY DIFFRACTION' ? 
c_improper_angle_d 1.24  ? ? ? 'X-RAY DIFFRACTION' ? 
# 
_refine_ls_shell.pdbx_total_number_of_bins_used   6 
_refine_ls_shell.d_res_high                       2.30 
_refine_ls_shell.d_res_low                        2.44 
_refine_ls_shell.number_reflns_R_work             1002 
_refine_ls_shell.R_factor_R_work                  0.174 
_refine_ls_shell.percent_reflns_obs               75.2 
_refine_ls_shell.R_factor_R_free                  0.25 
_refine_ls_shell.R_factor_R_free_error            0.025 
_refine_ls_shell.percent_reflns_R_free            9.2 
_refine_ls_shell.number_reflns_R_free             102 
_refine_ls_shell.number_reflns_all                ? 
_refine_ls_shell.R_factor_all                     ? 
_refine_ls_shell.number_reflns_obs                ? 
_refine_ls_shell.redundancy_reflns_obs            ? 
_refine_ls_shell.pdbx_refine_id                   'X-RAY DIFFRACTION' 
# 
loop_
_pdbx_xplor_file.serial_no 
_pdbx_xplor_file.param_file 
_pdbx_xplor_file.topol_file 
_pdbx_xplor_file.pdbx_refine_id 
1 protein_rep.param  protein.top      'X-RAY DIFFRACTION' 
2 dna-rna_rep.param  dna-rna.top      'X-RAY DIFFRACTION' 
3 water_rep.param    water.top        'X-RAY DIFFRACTION' 
5 carbohydrate.param carbohydrate.top 'X-RAY DIFFRACTION' 
# 
_struct.entry_id                  2O6R 
_struct.title                     'Structural diversity of the hagfish Variable Lymphocyte Receptors B61' 
_struct.pdbx_model_details        ? 
_struct.pdbx_CASP_flag            ? 
_struct.pdbx_model_type_details   ? 
# 
_struct_keywords.entry_id        2O6R 
_struct_keywords.pdbx_keywords   'IMMUNE SYSTEM' 
_struct_keywords.text            'Leucine-rich repeat protein, LRR, IMMUNE SYSTEM' 
# 
loop_
_struct_asym.id 
_struct_asym.pdbx_blank_PDB_chainid_flag 
_struct_asym.pdbx_modified 
_struct_asym.entity_id 
_struct_asym.details 
A N N 1 ? 
B N N 2 ? 
# 
_struct_ref.id                         1 
_struct_ref.db_name                    UNP 
_struct_ref.db_code                    Q4G1L2_EPTBU 
_struct_ref.pdbx_db_accession          Q4G1L2 
_struct_ref.entity_id                  1 
_struct_ref.pdbx_seq_one_letter_code   
;CPSRCSCSGTEIRCNSKGLTSVPTGIPSSATRLELESNKLQSLPHGVFDKLTQLTKLSLSQNQIQSLPDGVFDKLTKLTI
LYLHENKLQSLPNGVFDKLTQLKELALDTNQLKSVPDGIFDRLTSLQKIWLHTNPWDCSCPRIDYLSRWLNKNSQKEQGS
AKCSGSGKPVRSIICPT
;
_struct_ref.pdbx_align_begin           24 
_struct_ref.pdbx_db_isoform            ? 
# 
_struct_ref_seq.align_id                      1 
_struct_ref_seq.ref_id                        1 
_struct_ref_seq.pdbx_PDB_id_code              2O6R 
_struct_ref_seq.pdbx_strand_id                A 
_struct_ref_seq.seq_align_beg                 1 
_struct_ref_seq.pdbx_seq_align_beg_ins_code   ? 
_struct_ref_seq.seq_align_end                 177 
_struct_ref_seq.pdbx_seq_align_end_ins_code   ? 
_struct_ref_seq.pdbx_db_accession             Q4G1L2 
_struct_ref_seq.db_align_beg                  24 
_struct_ref_seq.pdbx_db_align_beg_ins_code    ? 
_struct_ref_seq.db_align_end                  200 
_struct_ref_seq.pdbx_db_align_end_ins_code    ? 
_struct_ref_seq.pdbx_auth_seq_align_beg       24 
_struct_ref_seq.pdbx_auth_seq_align_end       200 
# 
_pdbx_struct_assembly.id                   1 
_pdbx_struct_assembly.details              author_defined_assembly 
_pdbx_struct_assembly.method_details       ? 
_pdbx_struct_assembly.oligomeric_details   monomeric 
_pdbx_struct_assembly.oligomeric_count     1 
# 
_pdbx_struct_assembly_gen.assembly_id       1 
_pdbx_struct_assembly_gen.oper_expression   1 
_pdbx_struct_assembly_gen.asym_id_list      A,B 
# 
_pdbx_struct_oper_list.id                   1 
_pdbx_struct_oper_list.type                 'identity operation' 
_pdbx_struct_oper_list.name                 1_555 
_pdbx_struct_oper_list.symmetry_operation   x,y,z 
_pdbx_struct_oper_list.matrix[1][1]         1.0000000000 
_pdbx_struct_oper_list.matrix[1][2]         0.0000000000 
_pdbx_struct_oper_list.matrix[1][3]         0.0000000000 
_pdbx_struct_oper_list.vector[1]            0.0000000000 
_pdbx_struct_oper_list.matrix[2][1]         0.0000000000 
_pdbx_struct_oper_list.matrix[2][2]         1.0000000000 
_pdbx_struct_oper_list.matrix[2][3]         0.0000000000 
_pdbx_struct_oper_list.vector[2]            0.0000000000 
_pdbx_struct_oper_list.matrix[3][1]         0.0000000000 
_pdbx_struct_oper_list.matrix[3][2]         0.0000000000 
_pdbx_struct_oper_list.matrix[3][3]         1.0000000000 
_pdbx_struct_oper_list.vector[3]            0.0000000000 
# 
_struct_biol.id        1 
_struct_biol.details   ? 
# 
loop_
_struct_conf.conf_type_id 
_struct_conf.id 
_struct_conf.pdbx_PDB_helix_id 
_struct_conf.beg_label_comp_id 
_struct_conf.beg_label_asym_id 
_struct_conf.beg_label_seq_id 
_struct_conf.pdbx_beg_PDB_ins_code 
_struct_conf.end_label_comp_id 
_struct_conf.end_label_asym_id 
_struct_conf.end_label_seq_id 
_struct_conf.pdbx_end_PDB_ins_code 
_struct_conf.beg_auth_comp_id 
_struct_conf.beg_auth_asym_id 
_struct_conf.beg_auth_seq_id 
_struct_conf.end_auth_comp_id 
_struct_conf.end_auth_asym_id 
_struct_conf.end_auth_seq_id 
_struct_conf.pdbx_PDB_helix_class 
_struct_conf.details 
_struct_conf.pdbx_PDB_helix_length 
HELX_P HELX_P1 1 SER A 139 ? ASN A 153 ? SER A 162 ASN A 176 1 ? 15 
HELX_P HELX_P2 2 PRO A 169 ? ILE A 173 ? PRO A 192 ILE A 196 5 ? 5  
# 
_struct_conf_type.id          HELX_P 
_struct_conf_type.criteria    ? 
_struct_conf_type.reference   ? 
# 
loop_
_struct_conn.id 
_struct_conn.conn_type_id 
_struct_conn.pdbx_leaving_atom_flag 
_struct_conn.pdbx_PDB_id 
_struct_conn.ptnr1_label_asym_id 
_struct_conn.ptnr1_label_comp_id 
_struct_conn.ptnr1_label_seq_id 
_struct_conn.ptnr1_label_atom_id 
_struct_conn.pdbx_ptnr1_label_alt_id 
_struct_conn.pdbx_ptnr1_PDB_ins_code 
_struct_conn.pdbx_ptnr1_standard_comp_id 
_struct_conn.ptnr1_symmetry 
_struct_conn.ptnr2_label_asym_id 
_struct_conn.ptnr2_label_comp_id 
_struct_conn.ptnr2_label_seq_id 
_struct_conn.ptnr2_label_atom_id 
_struct_conn.pdbx_ptnr2_label_alt_id 
_struct_conn.pdbx_ptnr2_PDB_ins_code 
_struct_conn.ptnr1_auth_asym_id 
_struct_conn.ptnr1_auth_comp_id 
_struct_conn.ptnr1_auth_seq_id 
_struct_conn.ptnr2_auth_asym_id 
_struct_conn.ptnr2_auth_comp_id 
_struct_conn.ptnr2_auth_seq_id 
_struct_conn.ptnr2_symmetry 
_struct_conn.pdbx_ptnr3_label_atom_id 
_struct_conn.pdbx_ptnr3_label_seq_id 
_struct_conn.pdbx_ptnr3_label_comp_id 
_struct_conn.pdbx_ptnr3_label_asym_id 
_struct_conn.pdbx_ptnr3_label_alt_id 
_struct_conn.pdbx_ptnr3_PDB_ins_code 
_struct_conn.details 
_struct_conn.pdbx_dist_value 
_struct_conn.pdbx_value_order 
_struct_conn.pdbx_role 
disulf1 disulf ? ? A CYS 1   SG ? ? ? 1_555 A CYS 7   SG ? ? A CYS 24  A CYS 30  1_555 ? ? ? ? ? ? ? 2.047 ? ? 
disulf2 disulf ? ? A CYS 5   SG ? ? ? 1_555 A CYS 14  SG ? ? A CYS 28  A CYS 37  1_555 ? ? ? ? ? ? ? 2.028 ? ? 
disulf3 disulf ? ? A CYS 138 SG ? ? ? 1_555 A CYS 163 SG ? ? A CYS 161 A CYS 186 1_555 ? ? ? ? ? ? ? 2.046 ? ? 
disulf4 disulf ? ? A CYS 140 SG ? ? ? 1_555 A CYS 175 SG ? ? A CYS 163 A CYS 198 1_555 ? ? ? ? ? ? ? 2.056 ? ? 
# 
_struct_conn_type.id          disulf 
_struct_conn_type.criteria    ? 
_struct_conn_type.reference   ? 
# 
loop_
_pdbx_modification_feature.ordinal 
_pdbx_modification_feature.label_comp_id 
_pdbx_modification_feature.label_asym_id 
_pdbx_modification_feature.label_seq_id 
_pdbx_modification_feature.label_alt_id 
_pdbx_modification_feature.modified_residue_label_comp_id 
_pdbx_modification_feature.modified_residue_label_asym_id 
_pdbx_modification_feature.modified_residue_label_seq_id 
_pdbx_modification_feature.modified_residue_label_alt_id 
_pdbx_modification_feature.auth_comp_id 
_pdbx_modification_feature.auth_asym_id 
_pdbx_modification_feature.auth_seq_id 
_pdbx_modification_feature.PDB_ins_code 
_pdbx_modification_feature.symmetry 
_pdbx_modification_feature.modified_residue_auth_comp_id 
_pdbx_modification_feature.modified_residue_auth_asym_id 
_pdbx_modification_feature.modified_residue_auth_seq_id 
_pdbx_modification_feature.modified_residue_PDB_ins_code 
_pdbx_modification_feature.modified_residue_symmetry 
_pdbx_modification_feature.comp_id_linking_atom 
_pdbx_modification_feature.modified_residue_id_linking_atom 
_pdbx_modification_feature.modified_residue_id 
_pdbx_modification_feature.ref_pcm_id 
_pdbx_modification_feature.ref_comp_id 
_pdbx_modification_feature.type 
_pdbx_modification_feature.category 
1 CYS A 1   ? CYS A 7   ? CYS A 24  ? 1_555 CYS A 30  ? 1_555 SG SG . . . None 'Disulfide bridge' 
2 CYS A 5   ? CYS A 14  ? CYS A 28  ? 1_555 CYS A 37  ? 1_555 SG SG . . . None 'Disulfide bridge' 
3 CYS A 138 ? CYS A 163 ? CYS A 161 ? 1_555 CYS A 186 ? 1_555 SG SG . . . None 'Disulfide bridge' 
4 CYS A 140 ? CYS A 175 ? CYS A 163 ? 1_555 CYS A 198 ? 1_555 SG SG . . . None 'Disulfide bridge' 
# 
_struct_sheet.id               A 
_struct_sheet.type             ? 
_struct_sheet.number_strands   8 
_struct_sheet.details          ? 
# 
loop_
_struct_sheet_order.sheet_id 
_struct_sheet_order.range_id_1 
_struct_sheet_order.range_id_2 
_struct_sheet_order.offset 
_struct_sheet_order.sense 
A 1 2 ? anti-parallel 
A 2 3 ? parallel      
A 3 4 ? parallel      
A 4 5 ? parallel      
A 5 6 ? parallel      
A 6 7 ? parallel      
A 7 8 ? parallel      
# 
loop_
_struct_sheet_range.sheet_id 
_struct_sheet_range.id 
_struct_sheet_range.beg_label_comp_id 
_struct_sheet_range.beg_label_asym_id 
_struct_sheet_range.beg_label_seq_id 
_struct_sheet_range.pdbx_beg_PDB_ins_code 
_struct_sheet_range.end_label_comp_id 
_struct_sheet_range.end_label_asym_id 
_struct_sheet_range.end_label_seq_id 
_struct_sheet_range.pdbx_end_PDB_ins_code 
_struct_sheet_range.beg_auth_comp_id 
_struct_sheet_range.beg_auth_asym_id 
_struct_sheet_range.beg_auth_seq_id 
_struct_sheet_range.end_auth_comp_id 
_struct_sheet_range.end_auth_asym_id 
_struct_sheet_range.end_auth_seq_id 
A 1 SER A 6   ? SER A 8   ? SER A 29  SER A 31  
A 2 GLU A 11  ? ARG A 13  ? GLU A 34  ARG A 36  
A 3 ARG A 32  ? GLU A 34  ? ARG A 55  GLU A 57  
A 4 LYS A 56  ? SER A 58  ? LYS A 79  SER A 81  
A 5 ILE A 80  ? TYR A 82  ? ILE A 103 TYR A 105 
A 6 GLU A 104 ? ALA A 106 ? GLU A 127 ALA A 129 
A 7 LYS A 128 ? TRP A 130 ? LYS A 151 TRP A 153 
A 8 GLU A 157 ? GLN A 158 ? GLU A 180 GLN A 181 
# 
loop_
_pdbx_struct_sheet_hbond.sheet_id 
_pdbx_struct_sheet_hbond.range_id_1 
_pdbx_struct_sheet_hbond.range_id_2 
_pdbx_struct_sheet_hbond.range_1_label_atom_id 
_pdbx_struct_sheet_hbond.range_1_label_comp_id 
_pdbx_struct_sheet_hbond.range_1_label_asym_id 
_pdbx_struct_sheet_hbond.range_1_label_seq_id 
_pdbx_struct_sheet_hbond.range_1_PDB_ins_code 
_pdbx_struct_sheet_hbond.range_1_auth_atom_id 
_pdbx_struct_sheet_hbond.range_1_auth_comp_id 
_pdbx_struct_sheet_hbond.range_1_auth_asym_id 
_pdbx_struct_sheet_hbond.range_1_auth_seq_id 
_pdbx_struct_sheet_hbond.range_2_label_atom_id 
_pdbx_struct_sheet_hbond.range_2_label_comp_id 
_pdbx_struct_sheet_hbond.range_2_label_asym_id 
_pdbx_struct_sheet_hbond.range_2_label_seq_id 
_pdbx_struct_sheet_hbond.range_2_PDB_ins_code 
_pdbx_struct_sheet_hbond.range_2_auth_atom_id 
_pdbx_struct_sheet_hbond.range_2_auth_comp_id 
_pdbx_struct_sheet_hbond.range_2_auth_asym_id 
_pdbx_struct_sheet_hbond.range_2_auth_seq_id 
A 1 2 N SER A 6   ? N SER A 29  O ARG A 13  ? O ARG A 36  
A 2 3 N ILE A 12  ? N ILE A 35  O ARG A 32  ? O ARG A 55  
A 3 4 N LEU A 33  ? N LEU A 56  O LYS A 56  ? O LYS A 79  
A 4 5 N LEU A 57  ? N LEU A 80  O ILE A 80  ? O ILE A 103 
A 5 6 N LEU A 81  ? N LEU A 104 O GLU A 104 ? O GLU A 127 
A 6 7 N LEU A 105 ? N LEU A 128 O LYS A 128 ? O LYS A 151 
A 7 8 N ILE A 129 ? N ILE A 152 O GLN A 158 ? O GLN A 181 
# 
_pdbx_entry_details.entry_id                   2O6R 
_pdbx_entry_details.compound_details           ? 
_pdbx_entry_details.source_details             ? 
_pdbx_entry_details.nonpolymer_details         ? 
_pdbx_entry_details.sequence_details           ? 
_pdbx_entry_details.has_ligand_of_interest     ? 
_pdbx_entry_details.has_protein_modification   Y 
# 
loop_
_pdbx_validate_rmsd_angle.id 
_pdbx_validate_rmsd_angle.PDB_model_num 
_pdbx_validate_rmsd_angle.auth_atom_id_1 
_pdbx_validate_rmsd_angle.auth_asym_id_1 
_pdbx_validate_rmsd_angle.auth_comp_id_1 
_pdbx_validate_rmsd_angle.auth_seq_id_1 
_pdbx_validate_rmsd_angle.PDB_ins_code_1 
_pdbx_validate_rmsd_angle.label_alt_id_1 
_pdbx_validate_rmsd_angle.auth_atom_id_2 
_pdbx_validate_rmsd_angle.auth_asym_id_2 
_pdbx_validate_rmsd_angle.auth_comp_id_2 
_pdbx_validate_rmsd_angle.auth_seq_id_2 
_pdbx_validate_rmsd_angle.PDB_ins_code_2 
_pdbx_validate_rmsd_angle.label_alt_id_2 
_pdbx_validate_rmsd_angle.auth_atom_id_3 
_pdbx_validate_rmsd_angle.auth_asym_id_3 
_pdbx_validate_rmsd_angle.auth_comp_id_3 
_pdbx_validate_rmsd_angle.auth_seq_id_3 
_pdbx_validate_rmsd_angle.PDB_ins_code_3 
_pdbx_validate_rmsd_angle.label_alt_id_3 
_pdbx_validate_rmsd_angle.angle_value 
_pdbx_validate_rmsd_angle.angle_target_value 
_pdbx_validate_rmsd_angle.angle_deviation 
_pdbx_validate_rmsd_angle.angle_standard_deviation 
_pdbx_validate_rmsd_angle.linker_flag 
1 1 CA A CYS 163 ? ? CB A CYS 163 ? ? SG A CYS 163 ? ? 101.14 114.00 -12.86 1.80 N 
2 1 N  A CYS 163 ? ? CA A CYS 163 ? ? C  A CYS 163 ? ? 128.57 111.00 17.57  2.70 N 
3 1 C  A CYS 163 ? ? N  A PRO 164 ? ? CA A PRO 164 ? ? 110.19 119.30 -9.11  1.50 Y 
4 1 C  A CYS 198 ? ? N  A PRO 199 ? ? CA A PRO 199 ? ? 135.77 119.30 16.47  1.50 Y 
5 1 C  A CYS 198 ? ? N  A PRO 199 ? ? CD A PRO 199 ? ? 112.75 128.40 -15.65 2.10 Y 
6 1 N  A PRO 199 ? ? CA A PRO 199 ? ? C  A PRO 199 ? ? 129.11 112.10 17.01  2.60 N 
# 
loop_
_pdbx_validate_torsion.id 
_pdbx_validate_torsion.PDB_model_num 
_pdbx_validate_torsion.auth_comp_id 
_pdbx_validate_torsion.auth_asym_id 
_pdbx_validate_torsion.auth_seq_id 
_pdbx_validate_torsion.PDB_ins_code 
_pdbx_validate_torsion.label_alt_id 
_pdbx_validate_torsion.phi 
_pdbx_validate_torsion.psi 
1 1 ASN A 61  ? ? -121.21 -153.19 
2 1 LEU A 98  ? ? -89.76  49.43   
3 1 ASN A 109 ? ? -131.95 -154.54 
4 1 LEU A 122 ? ? -92.63  52.78   
5 1 ASN A 133 ? ? -139.41 -157.76 
6 1 CYS A 163 ? ? -70.00  -73.25  
7 1 ASN A 176 ? ? -95.62  40.47   
8 1 PRO A 199 ? ? -52.94  62.76   
# 
loop_
_chem_comp_atom.comp_id 
_chem_comp_atom.atom_id 
_chem_comp_atom.type_symbol 
_chem_comp_atom.pdbx_aromatic_flag 
_chem_comp_atom.pdbx_stereo_config 
_chem_comp_atom.pdbx_ordinal 
ALA N    N N N 1   
ALA CA   C N S 2   
ALA C    C N N 3   
ALA O    O N N 4   
ALA CB   C N N 5   
ALA OXT  O N N 6   
ALA H    H N N 7   
ALA H2   H N N 8   
ALA HA   H N N 9   
ALA HB1  H N N 10  
ALA HB2  H N N 11  
ALA HB3  H N N 12  
ALA HXT  H N N 13  
ARG N    N N N 14  
ARG CA   C N S 15  
ARG C    C N N 16  
ARG O    O N N 17  
ARG CB   C N N 18  
ARG CG   C N N 19  
ARG CD   C N N 20  
ARG NE   N N N 21  
ARG CZ   C N N 22  
ARG NH1  N N N 23  
ARG NH2  N N N 24  
ARG OXT  O N N 25  
ARG H    H N N 26  
ARG H2   H N N 27  
ARG HA   H N N 28  
ARG HB2  H N N 29  
ARG HB3  H N N 30  
ARG HG2  H N N 31  
ARG HG3  H N N 32  
ARG HD2  H N N 33  
ARG HD3  H N N 34  
ARG HE   H N N 35  
ARG HH11 H N N 36  
ARG HH12 H N N 37  
ARG HH21 H N N 38  
ARG HH22 H N N 39  
ARG HXT  H N N 40  
ASN N    N N N 41  
ASN CA   C N S 42  
ASN C    C N N 43  
ASN O    O N N 44  
ASN CB   C N N 45  
ASN CG   C N N 46  
ASN OD1  O N N 47  
ASN ND2  N N N 48  
ASN OXT  O N N 49  
ASN H    H N N 50  
ASN H2   H N N 51  
ASN HA   H N N 52  
ASN HB2  H N N 53  
ASN HB3  H N N 54  
ASN HD21 H N N 55  
ASN HD22 H N N 56  
ASN HXT  H N N 57  
ASP N    N N N 58  
ASP CA   C N S 59  
ASP C    C N N 60  
ASP O    O N N 61  
ASP CB   C N N 62  
ASP CG   C N N 63  
ASP OD1  O N N 64  
ASP OD2  O N N 65  
ASP OXT  O N N 66  
ASP H    H N N 67  
ASP H2   H N N 68  
ASP HA   H N N 69  
ASP HB2  H N N 70  
ASP HB3  H N N 71  
ASP HD2  H N N 72  
ASP HXT  H N N 73  
CYS N    N N N 74  
CYS CA   C N R 75  
CYS C    C N N 76  
CYS O    O N N 77  
CYS CB   C N N 78  
CYS SG   S N N 79  
CYS OXT  O N N 80  
CYS H    H N N 81  
CYS H2   H N N 82  
CYS HA   H N N 83  
CYS HB2  H N N 84  
CYS HB3  H N N 85  
CYS HG   H N N 86  
CYS HXT  H N N 87  
GLN N    N N N 88  
GLN CA   C N S 89  
GLN C    C N N 90  
GLN O    O N N 91  
GLN CB   C N N 92  
GLN CG   C N N 93  
GLN CD   C N N 94  
GLN OE1  O N N 95  
GLN NE2  N N N 96  
GLN OXT  O N N 97  
GLN H    H N N 98  
GLN H2   H N N 99  
GLN HA   H N N 100 
GLN HB2  H N N 101 
GLN HB3  H N N 102 
GLN HG2  H N N 103 
GLN HG3  H N N 104 
GLN HE21 H N N 105 
GLN HE22 H N N 106 
GLN HXT  H N N 107 
GLU N    N N N 108 
GLU CA   C N S 109 
GLU C    C N N 110 
GLU O    O N N 111 
GLU CB   C N N 112 
GLU CG   C N N 113 
GLU CD   C N N 114 
GLU OE1  O N N 115 
GLU OE2  O N N 116 
GLU OXT  O N N 117 
GLU H    H N N 118 
GLU H2   H N N 119 
GLU HA   H N N 120 
GLU HB2  H N N 121 
GLU HB3  H N N 122 
GLU HG2  H N N 123 
GLU HG3  H N N 124 
GLU HE2  H N N 125 
GLU HXT  H N N 126 
GLY N    N N N 127 
GLY CA   C N N 128 
GLY C    C N N 129 
GLY O    O N N 130 
GLY OXT  O N N 131 
GLY H    H N N 132 
GLY H2   H N N 133 
GLY HA2  H N N 134 
GLY HA3  H N N 135 
GLY HXT  H N N 136 
HIS N    N N N 137 
HIS CA   C N S 138 
HIS C    C N N 139 
HIS O    O N N 140 
HIS CB   C N N 141 
HIS CG   C Y N 142 
HIS ND1  N Y N 143 
HIS CD2  C Y N 144 
HIS CE1  C Y N 145 
HIS NE2  N Y N 146 
HIS OXT  O N N 147 
HIS H    H N N 148 
HIS H2   H N N 149 
HIS HA   H N N 150 
HIS HB2  H N N 151 
HIS HB3  H N N 152 
HIS HD1  H N N 153 
HIS HD2  H N N 154 
HIS HE1  H N N 155 
HIS HE2  H N N 156 
HIS HXT  H N N 157 
HOH O    O N N 158 
HOH H1   H N N 159 
HOH H2   H N N 160 
ILE N    N N N 161 
ILE CA   C N S 162 
ILE C    C N N 163 
ILE O    O N N 164 
ILE CB   C N S 165 
ILE CG1  C N N 166 
ILE CG2  C N N 167 
ILE CD1  C N N 168 
ILE OXT  O N N 169 
ILE H    H N N 170 
ILE H2   H N N 171 
ILE HA   H N N 172 
ILE HB   H N N 173 
ILE HG12 H N N 174 
ILE HG13 H N N 175 
ILE HG21 H N N 176 
ILE HG22 H N N 177 
ILE HG23 H N N 178 
ILE HD11 H N N 179 
ILE HD12 H N N 180 
ILE HD13 H N N 181 
ILE HXT  H N N 182 
LEU N    N N N 183 
LEU CA   C N S 184 
LEU C    C N N 185 
LEU O    O N N 186 
LEU CB   C N N 187 
LEU CG   C N N 188 
LEU CD1  C N N 189 
LEU CD2  C N N 190 
LEU OXT  O N N 191 
LEU H    H N N 192 
LEU H2   H N N 193 
LEU HA   H N N 194 
LEU HB2  H N N 195 
LEU HB3  H N N 196 
LEU HG   H N N 197 
LEU HD11 H N N 198 
LEU HD12 H N N 199 
LEU HD13 H N N 200 
LEU HD21 H N N 201 
LEU HD22 H N N 202 
LEU HD23 H N N 203 
LEU HXT  H N N 204 
LYS N    N N N 205 
LYS CA   C N S 206 
LYS C    C N N 207 
LYS O    O N N 208 
LYS CB   C N N 209 
LYS CG   C N N 210 
LYS CD   C N N 211 
LYS CE   C N N 212 
LYS NZ   N N N 213 
LYS OXT  O N N 214 
LYS H    H N N 215 
LYS H2   H N N 216 
LYS HA   H N N 217 
LYS HB2  H N N 218 
LYS HB3  H N N 219 
LYS HG2  H N N 220 
LYS HG3  H N N 221 
LYS HD2  H N N 222 
LYS HD3  H N N 223 
LYS HE2  H N N 224 
LYS HE3  H N N 225 
LYS HZ1  H N N 226 
LYS HZ2  H N N 227 
LYS HZ3  H N N 228 
LYS HXT  H N N 229 
PHE N    N N N 230 
PHE CA   C N S 231 
PHE C    C N N 232 
PHE O    O N N 233 
PHE CB   C N N 234 
PHE CG   C Y N 235 
PHE CD1  C Y N 236 
PHE CD2  C Y N 237 
PHE CE1  C Y N 238 
PHE CE2  C Y N 239 
PHE CZ   C Y N 240 
PHE OXT  O N N 241 
PHE H    H N N 242 
PHE H2   H N N 243 
PHE HA   H N N 244 
PHE HB2  H N N 245 
PHE HB3  H N N 246 
PHE HD1  H N N 247 
PHE HD2  H N N 248 
PHE HE1  H N N 249 
PHE HE2  H N N 250 
PHE HZ   H N N 251 
PHE HXT  H N N 252 
PRO N    N N N 253 
PRO CA   C N S 254 
PRO C    C N N 255 
PRO O    O N N 256 
PRO CB   C N N 257 
PRO CG   C N N 258 
PRO CD   C N N 259 
PRO OXT  O N N 260 
PRO H    H N N 261 
PRO HA   H N N 262 
PRO HB2  H N N 263 
PRO HB3  H N N 264 
PRO HG2  H N N 265 
PRO HG3  H N N 266 
PRO HD2  H N N 267 
PRO HD3  H N N 268 
PRO HXT  H N N 269 
SER N    N N N 270 
SER CA   C N S 271 
SER C    C N N 272 
SER O    O N N 273 
SER CB   C N N 274 
SER OG   O N N 275 
SER OXT  O N N 276 
SER H    H N N 277 
SER H2   H N N 278 
SER HA   H N N 279 
SER HB2  H N N 280 
SER HB3  H N N 281 
SER HG   H N N 282 
SER HXT  H N N 283 
THR N    N N N 284 
THR CA   C N S 285 
THR C    C N N 286 
THR O    O N N 287 
THR CB   C N R 288 
THR OG1  O N N 289 
THR CG2  C N N 290 
THR OXT  O N N 291 
THR H    H N N 292 
THR H2   H N N 293 
THR HA   H N N 294 
THR HB   H N N 295 
THR HG1  H N N 296 
THR HG21 H N N 297 
THR HG22 H N N 298 
THR HG23 H N N 299 
THR HXT  H N N 300 
TRP N    N N N 301 
TRP CA   C N S 302 
TRP C    C N N 303 
TRP O    O N N 304 
TRP CB   C N N 305 
TRP CG   C Y N 306 
TRP CD1  C Y N 307 
TRP CD2  C Y N 308 
TRP NE1  N Y N 309 
TRP CE2  C Y N 310 
TRP CE3  C Y N 311 
TRP CZ2  C Y N 312 
TRP CZ3  C Y N 313 
TRP CH2  C Y N 314 
TRP OXT  O N N 315 
TRP H    H N N 316 
TRP H2   H N N 317 
TRP HA   H N N 318 
TRP HB2  H N N 319 
TRP HB3  H N N 320 
TRP HD1  H N N 321 
TRP HE1  H N N 322 
TRP HE3  H N N 323 
TRP HZ2  H N N 324 
TRP HZ3  H N N 325 
TRP HH2  H N N 326 
TRP HXT  H N N 327 
TYR N    N N N 328 
TYR CA   C N S 329 
TYR C    C N N 330 
TYR O    O N N 331 
TYR CB   C N N 332 
TYR CG   C Y N 333 
TYR CD1  C Y N 334 
TYR CD2  C Y N 335 
TYR CE1  C Y N 336 
TYR CE2  C Y N 337 
TYR CZ   C Y N 338 
TYR OH   O N N 339 
TYR OXT  O N N 340 
TYR H    H N N 341 
TYR H2   H N N 342 
TYR HA   H N N 343 
TYR HB2  H N N 344 
TYR HB3  H N N 345 
TYR HD1  H N N 346 
TYR HD2  H N N 347 
TYR HE1  H N N 348 
TYR HE2  H N N 349 
TYR HH   H N N 350 
TYR HXT  H N N 351 
VAL N    N N N 352 
VAL CA   C N S 353 
VAL C    C N N 354 
VAL O    O N N 355 
VAL CB   C N N 356 
VAL CG1  C N N 357 
VAL CG2  C N N 358 
VAL OXT  O N N 359 
VAL H    H N N 360 
VAL H2   H N N 361 
VAL HA   H N N 362 
VAL HB   H N N 363 
VAL HG11 H N N 364 
VAL HG12 H N N 365 
VAL HG13 H N N 366 
VAL HG21 H N N 367 
VAL HG22 H N N 368 
VAL HG23 H N N 369 
VAL HXT  H N N 370 
# 
loop_
_chem_comp_bond.comp_id 
_chem_comp_bond.atom_id_1 
_chem_comp_bond.atom_id_2 
_chem_comp_bond.value_order 
_chem_comp_bond.pdbx_aromatic_flag 
_chem_comp_bond.pdbx_stereo_config 
_chem_comp_bond.pdbx_ordinal 
ALA N   CA   sing N N 1   
ALA N   H    sing N N 2   
ALA N   H2   sing N N 3   
ALA CA  C    sing N N 4   
ALA CA  CB   sing N N 5   
ALA CA  HA   sing N N 6   
ALA C   O    doub N N 7   
ALA C   OXT  sing N N 8   
ALA CB  HB1  sing N N 9   
ALA CB  HB2  sing N N 10  
ALA CB  HB3  sing N N 11  
ALA OXT HXT  sing N N 12  
ARG N   CA   sing N N 13  
ARG N   H    sing N N 14  
ARG N   H2   sing N N 15  
ARG CA  C    sing N N 16  
ARG CA  CB   sing N N 17  
ARG CA  HA   sing N N 18  
ARG C   O    doub N N 19  
ARG C   OXT  sing N N 20  
ARG CB  CG   sing N N 21  
ARG CB  HB2  sing N N 22  
ARG CB  HB3  sing N N 23  
ARG CG  CD   sing N N 24  
ARG CG  HG2  sing N N 25  
ARG CG  HG3  sing N N 26  
ARG CD  NE   sing N N 27  
ARG CD  HD2  sing N N 28  
ARG CD  HD3  sing N N 29  
ARG NE  CZ   sing N N 30  
ARG NE  HE   sing N N 31  
ARG CZ  NH1  sing N N 32  
ARG CZ  NH2  doub N N 33  
ARG NH1 HH11 sing N N 34  
ARG NH1 HH12 sing N N 35  
ARG NH2 HH21 sing N N 36  
ARG NH2 HH22 sing N N 37  
ARG OXT HXT  sing N N 38  
ASN N   CA   sing N N 39  
ASN N   H    sing N N 40  
ASN N   H2   sing N N 41  
ASN CA  C    sing N N 42  
ASN CA  CB   sing N N 43  
ASN CA  HA   sing N N 44  
ASN C   O    doub N N 45  
ASN C   OXT  sing N N 46  
ASN CB  CG   sing N N 47  
ASN CB  HB2  sing N N 48  
ASN CB  HB3  sing N N 49  
ASN CG  OD1  doub N N 50  
ASN CG  ND2  sing N N 51  
ASN ND2 HD21 sing N N 52  
ASN ND2 HD22 sing N N 53  
ASN OXT HXT  sing N N 54  
ASP N   CA   sing N N 55  
ASP N   H    sing N N 56  
ASP N   H2   sing N N 57  
ASP CA  C    sing N N 58  
ASP CA  CB   sing N N 59  
ASP CA  HA   sing N N 60  
ASP C   O    doub N N 61  
ASP C   OXT  sing N N 62  
ASP CB  CG   sing N N 63  
ASP CB  HB2  sing N N 64  
ASP CB  HB3  sing N N 65  
ASP CG  OD1  doub N N 66  
ASP CG  OD2  sing N N 67  
ASP OD2 HD2  sing N N 68  
ASP OXT HXT  sing N N 69  
CYS N   CA   sing N N 70  
CYS N   H    sing N N 71  
CYS N   H2   sing N N 72  
CYS CA  C    sing N N 73  
CYS CA  CB   sing N N 74  
CYS CA  HA   sing N N 75  
CYS C   O    doub N N 76  
CYS C   OXT  sing N N 77  
CYS CB  SG   sing N N 78  
CYS CB  HB2  sing N N 79  
CYS CB  HB3  sing N N 80  
CYS SG  HG   sing N N 81  
CYS OXT HXT  sing N N 82  
GLN N   CA   sing N N 83  
GLN N   H    sing N N 84  
GLN N   H2   sing N N 85  
GLN CA  C    sing N N 86  
GLN CA  CB   sing N N 87  
GLN CA  HA   sing N N 88  
GLN C   O    doub N N 89  
GLN C   OXT  sing N N 90  
GLN CB  CG   sing N N 91  
GLN CB  HB2  sing N N 92  
GLN CB  HB3  sing N N 93  
GLN CG  CD   sing N N 94  
GLN CG  HG2  sing N N 95  
GLN CG  HG3  sing N N 96  
GLN CD  OE1  doub N N 97  
GLN CD  NE2  sing N N 98  
GLN NE2 HE21 sing N N 99  
GLN NE2 HE22 sing N N 100 
GLN OXT HXT  sing N N 101 
GLU N   CA   sing N N 102 
GLU N   H    sing N N 103 
GLU N   H2   sing N N 104 
GLU CA  C    sing N N 105 
GLU CA  CB   sing N N 106 
GLU CA  HA   sing N N 107 
GLU C   O    doub N N 108 
GLU C   OXT  sing N N 109 
GLU CB  CG   sing N N 110 
GLU CB  HB2  sing N N 111 
GLU CB  HB3  sing N N 112 
GLU CG  CD   sing N N 113 
GLU CG  HG2  sing N N 114 
GLU CG  HG3  sing N N 115 
GLU CD  OE1  doub N N 116 
GLU CD  OE2  sing N N 117 
GLU OE2 HE2  sing N N 118 
GLU OXT HXT  sing N N 119 
GLY N   CA   sing N N 120 
GLY N   H    sing N N 121 
GLY N   H2   sing N N 122 
GLY CA  C    sing N N 123 
GLY CA  HA2  sing N N 124 
GLY CA  HA3  sing N N 125 
GLY C   O    doub N N 126 
GLY C   OXT  sing N N 127 
GLY OXT HXT  sing N N 128 
HIS N   CA   sing N N 129 
HIS N   H    sing N N 130 
HIS N   H2   sing N N 131 
HIS CA  C    sing N N 132 
HIS CA  CB   sing N N 133 
HIS CA  HA   sing N N 134 
HIS C   O    doub N N 135 
HIS C   OXT  sing N N 136 
HIS CB  CG   sing N N 137 
HIS CB  HB2  sing N N 138 
HIS CB  HB3  sing N N 139 
HIS CG  ND1  sing Y N 140 
HIS CG  CD2  doub Y N 141 
HIS ND1 CE1  doub Y N 142 
HIS ND1 HD1  sing N N 143 
HIS CD2 NE2  sing Y N 144 
HIS CD2 HD2  sing N N 145 
HIS CE1 NE2  sing Y N 146 
HIS CE1 HE1  sing N N 147 
HIS NE2 HE2  sing N N 148 
HIS OXT HXT  sing N N 149 
HOH O   H1   sing N N 150 
HOH O   H2   sing N N 151 
ILE N   CA   sing N N 152 
ILE N   H    sing N N 153 
ILE N   H2   sing N N 154 
ILE CA  C    sing N N 155 
ILE CA  CB   sing N N 156 
ILE CA  HA   sing N N 157 
ILE C   O    doub N N 158 
ILE C   OXT  sing N N 159 
ILE CB  CG1  sing N N 160 
ILE CB  CG2  sing N N 161 
ILE CB  HB   sing N N 162 
ILE CG1 CD1  sing N N 163 
ILE CG1 HG12 sing N N 164 
ILE CG1 HG13 sing N N 165 
ILE CG2 HG21 sing N N 166 
ILE CG2 HG22 sing N N 167 
ILE CG2 HG23 sing N N 168 
ILE CD1 HD11 sing N N 169 
ILE CD1 HD12 sing N N 170 
ILE CD1 HD13 sing N N 171 
ILE OXT HXT  sing N N 172 
LEU N   CA   sing N N 173 
LEU N   H    sing N N 174 
LEU N   H2   sing N N 175 
LEU CA  C    sing N N 176 
LEU CA  CB   sing N N 177 
LEU CA  HA   sing N N 178 
LEU C   O    doub N N 179 
LEU C   OXT  sing N N 180 
LEU CB  CG   sing N N 181 
LEU CB  HB2  sing N N 182 
LEU CB  HB3  sing N N 183 
LEU CG  CD1  sing N N 184 
LEU CG  CD2  sing N N 185 
LEU CG  HG   sing N N 186 
LEU CD1 HD11 sing N N 187 
LEU CD1 HD12 sing N N 188 
LEU CD1 HD13 sing N N 189 
LEU CD2 HD21 sing N N 190 
LEU CD2 HD22 sing N N 191 
LEU CD2 HD23 sing N N 192 
LEU OXT HXT  sing N N 193 
LYS N   CA   sing N N 194 
LYS N   H    sing N N 195 
LYS N   H2   sing N N 196 
LYS CA  C    sing N N 197 
LYS CA  CB   sing N N 198 
LYS CA  HA   sing N N 199 
LYS C   O    doub N N 200 
LYS C   OXT  sing N N 201 
LYS CB  CG   sing N N 202 
LYS CB  HB2  sing N N 203 
LYS CB  HB3  sing N N 204 
LYS CG  CD   sing N N 205 
LYS CG  HG2  sing N N 206 
LYS CG  HG3  sing N N 207 
LYS CD  CE   sing N N 208 
LYS CD  HD2  sing N N 209 
LYS CD  HD3  sing N N 210 
LYS CE  NZ   sing N N 211 
LYS CE  HE2  sing N N 212 
LYS CE  HE3  sing N N 213 
LYS NZ  HZ1  sing N N 214 
LYS NZ  HZ2  sing N N 215 
LYS NZ  HZ3  sing N N 216 
LYS OXT HXT  sing N N 217 
PHE N   CA   sing N N 218 
PHE N   H    sing N N 219 
PHE N   H2   sing N N 220 
PHE CA  C    sing N N 221 
PHE CA  CB   sing N N 222 
PHE CA  HA   sing N N 223 
PHE C   O    doub N N 224 
PHE C   OXT  sing N N 225 
PHE CB  CG   sing N N 226 
PHE CB  HB2  sing N N 227 
PHE CB  HB3  sing N N 228 
PHE CG  CD1  doub Y N 229 
PHE CG  CD2  sing Y N 230 
PHE CD1 CE1  sing Y N 231 
PHE CD1 HD1  sing N N 232 
PHE CD2 CE2  doub Y N 233 
PHE CD2 HD2  sing N N 234 
PHE CE1 CZ   doub Y N 235 
PHE CE1 HE1  sing N N 236 
PHE CE2 CZ   sing Y N 237 
PHE CE2 HE2  sing N N 238 
PHE CZ  HZ   sing N N 239 
PHE OXT HXT  sing N N 240 
PRO N   CA   sing N N 241 
PRO N   CD   sing N N 242 
PRO N   H    sing N N 243 
PRO CA  C    sing N N 244 
PRO CA  CB   sing N N 245 
PRO CA  HA   sing N N 246 
PRO C   O    doub N N 247 
PRO C   OXT  sing N N 248 
PRO CB  CG   sing N N 249 
PRO CB  HB2  sing N N 250 
PRO CB  HB3  sing N N 251 
PRO CG  CD   sing N N 252 
PRO CG  HG2  sing N N 253 
PRO CG  HG3  sing N N 254 
PRO CD  HD2  sing N N 255 
PRO CD  HD3  sing N N 256 
PRO OXT HXT  sing N N 257 
SER N   CA   sing N N 258 
SER N   H    sing N N 259 
SER N   H2   sing N N 260 
SER CA  C    sing N N 261 
SER CA  CB   sing N N 262 
SER CA  HA   sing N N 263 
SER C   O    doub N N 264 
SER C   OXT  sing N N 265 
SER CB  OG   sing N N 266 
SER CB  HB2  sing N N 267 
SER CB  HB3  sing N N 268 
SER OG  HG   sing N N 269 
SER OXT HXT  sing N N 270 
THR N   CA   sing N N 271 
THR N   H    sing N N 272 
THR N   H2   sing N N 273 
THR CA  C    sing N N 274 
THR CA  CB   sing N N 275 
THR CA  HA   sing N N 276 
THR C   O    doub N N 277 
THR C   OXT  sing N N 278 
THR CB  OG1  sing N N 279 
THR CB  CG2  sing N N 280 
THR CB  HB   sing N N 281 
THR OG1 HG1  sing N N 282 
THR CG2 HG21 sing N N 283 
THR CG2 HG22 sing N N 284 
THR CG2 HG23 sing N N 285 
THR OXT HXT  sing N N 286 
TRP N   CA   sing N N 287 
TRP N   H    sing N N 288 
TRP N   H2   sing N N 289 
TRP CA  C    sing N N 290 
TRP CA  CB   sing N N 291 
TRP CA  HA   sing N N 292 
TRP C   O    doub N N 293 
TRP C   OXT  sing N N 294 
TRP CB  CG   sing N N 295 
TRP CB  HB2  sing N N 296 
TRP CB  HB3  sing N N 297 
TRP CG  CD1  doub Y N 298 
TRP CG  CD2  sing Y N 299 
TRP CD1 NE1  sing Y N 300 
TRP CD1 HD1  sing N N 301 
TRP CD2 CE2  doub Y N 302 
TRP CD2 CE3  sing Y N 303 
TRP NE1 CE2  sing Y N 304 
TRP NE1 HE1  sing N N 305 
TRP CE2 CZ2  sing Y N 306 
TRP CE3 CZ3  doub Y N 307 
TRP CE3 HE3  sing N N 308 
TRP CZ2 CH2  doub Y N 309 
TRP CZ2 HZ2  sing N N 310 
TRP CZ3 CH2  sing Y N 311 
TRP CZ3 HZ3  sing N N 312 
TRP CH2 HH2  sing N N 313 
TRP OXT HXT  sing N N 314 
TYR N   CA   sing N N 315 
TYR N   H    sing N N 316 
TYR N   H2   sing N N 317 
TYR CA  C    sing N N 318 
TYR CA  CB   sing N N 319 
TYR CA  HA   sing N N 320 
TYR C   O    doub N N 321 
TYR C   OXT  sing N N 322 
TYR CB  CG   sing N N 323 
TYR CB  HB2  sing N N 324 
TYR CB  HB3  sing N N 325 
TYR CG  CD1  doub Y N 326 
TYR CG  CD2  sing Y N 327 
TYR CD1 CE1  sing Y N 328 
TYR CD1 HD1  sing N N 329 
TYR CD2 CE2  doub Y N 330 
TYR CD2 HD2  sing N N 331 
TYR CE1 CZ   doub Y N 332 
TYR CE1 HE1  sing N N 333 
TYR CE2 CZ   sing Y N 334 
TYR CE2 HE2  sing N N 335 
TYR CZ  OH   sing N N 336 
TYR OH  HH   sing N N 337 
TYR OXT HXT  sing N N 338 
VAL N   CA   sing N N 339 
VAL N   H    sing N N 340 
VAL N   H2   sing N N 341 
VAL CA  C    sing N N 342 
VAL CA  CB   sing N N 343 
VAL CA  HA   sing N N 344 
VAL C   O    doub N N 345 
VAL C   OXT  sing N N 346 
VAL CB  CG1  sing N N 347 
VAL CB  CG2  sing N N 348 
VAL CB  HB   sing N N 349 
VAL CG1 HG11 sing N N 350 
VAL CG1 HG12 sing N N 351 
VAL CG1 HG13 sing N N 352 
VAL CG2 HG21 sing N N 353 
VAL CG2 HG22 sing N N 354 
VAL CG2 HG23 sing N N 355 
VAL OXT HXT  sing N N 356 
# 
_pdbx_initial_refinement_model.id               1 
_pdbx_initial_refinement_model.entity_id_list   ? 
_pdbx_initial_refinement_model.type             'experimental model' 
_pdbx_initial_refinement_model.source_name      PDB 
_pdbx_initial_refinement_model.accession_code   1M10 
_pdbx_initial_refinement_model.details          'PDB entry 1M10' 
# 
_atom_sites.entry_id                    2O6R 
_atom_sites.fract_transf_matrix[1][1]   -0.02045044 
_atom_sites.fract_transf_matrix[1][2]   -0.01132926 
_atom_sites.fract_transf_matrix[1][3]   -0.00007060 
_atom_sites.fract_transf_matrix[2][1]   -0.00333193 
_atom_sites.fract_transf_matrix[2][2]   0.00611834 
_atom_sites.fract_transf_matrix[2][3]   -0.01666759 
_atom_sites.fract_transf_matrix[3][1]   0.00552856 
_atom_sites.fract_transf_matrix[3][2]   -0.00994996 
_atom_sites.fract_transf_matrix[3][3]   -0.00475762 
_atom_sites.fract_transf_vector[1]      -0.439644 
_atom_sites.fract_transf_vector[2]      -0.093680 
_atom_sites.fract_transf_vector[3]      0.091928 
# 
loop_
_atom_type.symbol 
C 
N 
O 
S 
# 
loop_
_atom_site.group_PDB 
_atom_site.id 
_atom_site.type_symbol 
_atom_site.label_atom_id 
_atom_site.label_alt_id 
_atom_site.label_comp_id 
_atom_site.label_asym_id 
_atom_site.label_entity_id 
_atom_site.label_seq_id 
_atom_site.pdbx_PDB_ins_code 
_atom_site.Cartn_x 
_atom_site.Cartn_y 
_atom_site.Cartn_z 
_atom_site.occupancy 
_atom_site.B_iso_or_equiv 
_atom_site.pdbx_formal_charge 
_atom_site.auth_seq_id 
_atom_site.auth_comp_id 
_atom_site.auth_asym_id 
_atom_site.auth_atom_id 
_atom_site.pdbx_PDB_model_num 
ATOM   1    N N   . CYS A 1 1   ? -18.487 5.928   -17.329 1.00 17.16  ? 24  CYS A N   1 
ATOM   2    C CA  . CYS A 1 1   ? -18.406 5.080   -16.113 1.00 16.82  ? 24  CYS A CA  1 
ATOM   3    C C   . CYS A 1 1   ? -18.236 3.611   -16.521 1.00 16.32  ? 24  CYS A C   1 
ATOM   4    O O   . CYS A 1 1   ? -18.954 3.102   -17.380 1.00 14.63  ? 24  CYS A O   1 
ATOM   5    C CB  . CYS A 1 1   ? -19.670 5.255   -15.284 1.00 18.54  ? 24  CYS A CB  1 
ATOM   6    S SG  . CYS A 1 1   ? -19.568 4.581   -13.598 1.00 23.38  ? 24  CYS A SG  1 
ATOM   7    N N   . PRO A 1 2   ? -17.258 2.923   -15.920 1.00 15.98  ? 25  PRO A N   1 
ATOM   8    C CA  . PRO A 1 2   ? -17.001 1.511   -16.228 1.00 16.49  ? 25  PRO A CA  1 
ATOM   9    C C   . PRO A 1 2   ? -18.208 0.660   -15.866 1.00 17.51  ? 25  PRO A C   1 
ATOM   10   O O   . PRO A 1 2   ? -18.941 0.968   -14.924 1.00 16.05  ? 25  PRO A O   1 
ATOM   11   C CB  . PRO A 1 2   ? -15.789 1.181   -15.362 1.00 15.74  ? 25  PRO A CB  1 
ATOM   12   C CG  . PRO A 1 2   ? -15.100 2.549   -15.211 1.00 15.65  ? 25  PRO A CG  1 
ATOM   13   C CD  . PRO A 1 2   ? -16.275 3.443   -14.957 1.00 14.81  ? 25  PRO A CD  1 
ATOM   14   N N   . SER A 1 3   ? -18.384 -0.418  -16.618 1.00 18.98  ? 26  SER A N   1 
ATOM   15   C CA  . SER A 1 3   ? -19.489 -1.349  -16.443 1.00 21.68  ? 26  SER A CA  1 
ATOM   16   C C   . SER A 1 3   ? -19.859 -1.806  -15.030 1.00 22.65  ? 26  SER A C   1 
ATOM   17   O O   . SER A 1 3   ? -21.042 -1.819  -14.674 1.00 23.38  ? 26  SER A O   1 
ATOM   18   C CB  . SER A 1 3   ? -19.258 -2.591  -17.296 1.00 21.29  ? 26  SER A CB  1 
ATOM   19   O OG  . SER A 1 3   ? -20.318 -3.497  -17.083 1.00 21.51  ? 26  SER A OG  1 
ATOM   20   N N   . ARG A 1 4   ? -18.885 -2.198  -14.223 1.00 22.94  ? 27  ARG A N   1 
ATOM   21   C CA  . ARG A 1 4   ? -19.229 -2.655  -12.878 1.00 24.69  ? 27  ARG A CA  1 
ATOM   22   C C   . ARG A 1 4   ? -18.980 -1.630  -11.778 1.00 23.74  ? 27  ARG A C   1 
ATOM   23   O O   . ARG A 1 4   ? -18.785 -1.990  -10.615 1.00 23.28  ? 27  ARG A O   1 
ATOM   24   C CB  . ARG A 1 4   ? -18.472 -3.947  -12.538 1.00 28.05  ? 27  ARG A CB  1 
ATOM   25   C CG  . ARG A 1 4   ? -18.858 -5.169  -13.377 1.00 31.67  ? 27  ARG A CG  1 
ATOM   26   C CD  . ARG A 1 4   ? -17.755 -5.497  -14.363 1.00 35.52  ? 27  ARG A CD  1 
ATOM   27   N NE  . ARG A 1 4   ? -17.524 -6.934  -14.483 1.00 38.88  ? 27  ARG A NE  1 
ATOM   28   C CZ  . ARG A 1 4   ? -16.666 -7.480  -15.345 1.00 40.54  ? 27  ARG A CZ  1 
ATOM   29   N NH1 . ARG A 1 4   ? -15.963 -6.699  -16.173 1.00 40.71  ? 27  ARG A NH1 1 
ATOM   30   N NH2 . ARG A 1 4   ? -16.493 -8.805  -15.363 1.00 40.77  ? 27  ARG A NH2 1 
ATOM   31   N N   . CYS A 1 5   ? -18.996 -0.353  -12.133 1.00 21.71  ? 28  CYS A N   1 
ATOM   32   C CA  . CYS A 1 5   ? -18.754 0.675   -11.144 1.00 21.26  ? 28  CYS A CA  1 
ATOM   33   C C   . CYS A 1 5   ? -19.916 1.625   -10.976 1.00 21.05  ? 28  CYS A C   1 
ATOM   34   O O   . CYS A 1 5   ? -20.807 1.682   -11.817 1.00 22.40  ? 28  CYS A O   1 
ATOM   35   C CB  . CYS A 1 5   ? -17.527 1.490   -11.533 1.00 19.21  ? 28  CYS A CB  1 
ATOM   36   S SG  . CYS A 1 5   ? -16.001 0.536   -11.794 1.00 17.65  ? 28  CYS A SG  1 
ATOM   37   N N   . SER A 1 6   ? -19.897 2.371   -9.880  1.00 21.78  ? 29  SER A N   1 
ATOM   38   C CA  . SER A 1 6   ? -20.912 3.379   -9.598  1.00 23.54  ? 29  SER A CA  1 
ATOM   39   C C   . SER A 1 6   ? -20.163 4.713   -9.504  1.00 24.10  ? 29  SER A C   1 
ATOM   40   O O   . SER A 1 6   ? -19.353 4.926   -8.602  1.00 24.77  ? 29  SER A O   1 
ATOM   41   C CB  . SER A 1 6   ? -21.625 3.067   -8.281  1.00 24.10  ? 29  SER A CB  1 
ATOM   42   O OG  . SER A 1 6   ? -20.698 3.015   -7.220  1.00 27.44  ? 29  SER A OG  1 
ATOM   43   N N   . CYS A 1 7   ? -20.422 5.609   -10.447 1.00 24.57  ? 30  CYS A N   1 
ATOM   44   C CA  . CYS A 1 7   ? -19.735 6.894   -10.472 1.00 24.30  ? 30  CYS A CA  1 
ATOM   45   C C   . CYS A 1 7   ? -20.613 8.030   -9.951  1.00 24.30  ? 30  CYS A C   1 
ATOM   46   O O   . CYS A 1 7   ? -21.663 8.310   -10.515 1.00 25.06  ? 30  CYS A O   1 
ATOM   47   C CB  . CYS A 1 7   ? -19.283 7.180   -11.906 1.00 24.19  ? 30  CYS A CB  1 
ATOM   48   S SG  . CYS A 1 7   ? -18.276 5.844   -12.635 1.00 24.84  ? 30  CYS A SG  1 
ATOM   49   N N   . SER A 1 8   ? -20.186 8.668   -8.865  1.00 23.84  ? 31  SER A N   1 
ATOM   50   C CA  . SER A 1 8   ? -20.922 9.776   -8.258  1.00 23.10  ? 31  SER A CA  1 
ATOM   51   C C   . SER A 1 8   ? -19.980 10.960  -8.228  1.00 21.88  ? 31  SER A C   1 
ATOM   52   O O   . SER A 1 8   ? -19.073 11.029  -7.390  1.00 21.66  ? 31  SER A O   1 
ATOM   53   C CB  . SER A 1 8   ? -21.325 9.432   -6.827  1.00 24.26  ? 31  SER A CB  1 
ATOM   54   O OG  . SER A 1 8   ? -22.005 8.189   -6.770  1.00 28.12  ? 31  SER A OG  1 
ATOM   55   N N   . GLY A 1 9   ? -20.206 11.917  -9.115  1.00 20.19  ? 32  GLY A N   1 
ATOM   56   C CA  . GLY A 1 9   ? -19.299 13.040  -9.160  1.00 17.56  ? 32  GLY A CA  1 
ATOM   57   C C   . GLY A 1 9   ? -18.003 12.425  -9.662  1.00 15.90  ? 32  GLY A C   1 
ATOM   58   O O   . GLY A 1 9   ? -18.021 11.628  -10.613 1.00 16.89  ? 32  GLY A O   1 
ATOM   59   N N   . THR A 1 10  ? -16.890 12.756  -9.022  1.00 12.99  ? 33  THR A N   1 
ATOM   60   C CA  . THR A 1 10  ? -15.592 12.226  -9.433  1.00 12.03  ? 33  THR A CA  1 
ATOM   61   C C   . THR A 1 10  ? -15.161 11.015  -8.579  1.00 10.45  ? 33  THR A C   1 
ATOM   62   O O   . THR A 1 10  ? -13.970 10.680  -8.517  1.00 8.09   ? 33  THR A O   1 
ATOM   63   C CB  . THR A 1 10  ? -14.507 13.312  -9.307  1.00 11.95  ? 33  THR A CB  1 
ATOM   64   O OG1 . THR A 1 10  ? -14.487 13.776  -7.951  1.00 12.20  ? 33  THR A OG1 1 
ATOM   65   C CG2 . THR A 1 10  ? -14.792 14.496  -10.260 1.00 10.96  ? 33  THR A CG2 1 
ATOM   66   N N   . GLU A 1 11  ? -16.130 10.387  -7.915  1.00 9.06   ? 34  GLU A N   1 
ATOM   67   C CA  . GLU A 1 11  ? -15.862 9.229   -7.071  1.00 10.45  ? 34  GLU A CA  1 
ATOM   68   C C   . GLU A 1 11  ? -16.237 7.931   -7.812  1.00 10.11  ? 34  GLU A C   1 
ATOM   69   O O   . GLU A 1 11  ? -17.366 7.784   -8.248  1.00 7.33   ? 34  GLU A O   1 
ATOM   70   C CB  . GLU A 1 11  ? -16.657 9.343   -5.766  1.00 10.26  ? 34  GLU A CB  1 
ATOM   71   C CG  . GLU A 1 11  ? -16.518 10.712  -5.088  1.00 13.03  ? 34  GLU A CG  1 
ATOM   72   C CD  . GLU A 1 11  ? -17.222 10.770  -3.750  1.00 13.76  ? 34  GLU A CD  1 
ATOM   73   O OE1 . GLU A 1 11  ? -18.227 10.054  -3.556  1.00 16.48  ? 34  GLU A OE1 1 
ATOM   74   O OE2 . GLU A 1 11  ? -16.782 11.541  -2.884  1.00 17.93  ? 34  GLU A OE2 1 
ATOM   75   N N   . ILE A 1 12  ? -15.284 7.007   -7.944  1.00 9.44   ? 35  ILE A N   1 
ATOM   76   C CA  . ILE A 1 12  ? -15.530 5.759   -8.656  1.00 10.67  ? 35  ILE A CA  1 
ATOM   77   C C   . ILE A 1 12  ? -15.444 4.574   -7.709  1.00 11.11  ? 35  ILE A C   1 
ATOM   78   O O   . ILE A 1 12  ? -14.398 4.319   -7.131  1.00 8.96   ? 35  ILE A O   1 
ATOM   79   C CB  . ILE A 1 12  ? -14.508 5.535   -9.791  1.00 11.89  ? 35  ILE A CB  1 
ATOM   80   C CG1 . ILE A 1 12  ? -14.571 6.683   -10.801 1.00 13.24  ? 35  ILE A CG1 1 
ATOM   81   C CG2 . ILE A 1 12  ? -14.833 4.239   -10.545 1.00 10.37  ? 35  ILE A CG2 1 
ATOM   82   C CD1 . ILE A 1 12  ? -14.035 7.951   -10.281 1.00 17.19  ? 35  ILE A CD1 1 
ATOM   83   N N   . ARG A 1 13  ? -16.561 3.865   -7.550  1.00 11.42  ? 36  ARG A N   1 
ATOM   84   C CA  . ARG A 1 13  ? -16.609 2.697   -6.671  1.00 12.46  ? 36  ARG A CA  1 
ATOM   85   C C   . ARG A 1 13  ? -16.992 1.429   -7.415  1.00 12.22  ? 36  ARG A C   1 
ATOM   86   O O   . ARG A 1 13  ? -18.030 1.384   -8.070  1.00 10.75  ? 36  ARG A O   1 
ATOM   87   C CB  . ARG A 1 13  ? -17.609 2.911   -5.539  1.00 12.16  ? 36  ARG A CB  1 
ATOM   88   C CG  . ARG A 1 13  ? -17.251 4.037   -4.583  1.00 14.03  ? 36  ARG A CG  1 
ATOM   89   C CD  . ARG A 1 13  ? -18.328 4.177   -3.486  1.00 12.53  ? 36  ARG A CD  1 
ATOM   90   N NE  . ARG A 1 13  ? -17.984 5.165   -2.454  1.00 14.05  ? 36  ARG A NE  1 
ATOM   91   C CZ  . ARG A 1 13  ? -18.062 6.490   -2.600  1.00 14.02  ? 36  ARG A CZ  1 
ATOM   92   N NH1 . ARG A 1 13  ? -18.477 7.034   -3.742  1.00 14.09  ? 36  ARG A NH1 1 
ATOM   93   N NH2 . ARG A 1 13  ? -17.728 7.278   -1.588  1.00 14.78  ? 36  ARG A NH2 1 
ATOM   94   N N   . CYS A 1 14  ? -16.140 0.409   -7.325  1.00 11.44  ? 37  CYS A N   1 
ATOM   95   C CA  . CYS A 1 14  ? -16.417 -0.880  -7.953  1.00 12.10  ? 37  CYS A CA  1 
ATOM   96   C C   . CYS A 1 14  ? -16.033 -1.971  -6.944  1.00 11.82  ? 37  CYS A C   1 
ATOM   97   O O   . CYS A 1 14  ? -15.145 -2.800  -7.189  1.00 11.30  ? 37  CYS A O   1 
ATOM   98   C CB  . CYS A 1 14  ? -15.602 -1.043  -9.230  1.00 13.11  ? 37  CYS A CB  1 
ATOM   99   S SG  . CYS A 1 14  ? -15.099 0.536   -9.978  1.00 14.76  ? 37  CYS A SG  1 
ATOM   100  N N   . ASN A 1 15  ? -16.717 -1.939  -5.808  1.00 11.92  ? 38  ASN A N   1 
ATOM   101  C CA  . ASN A 1 15  ? -16.518 -2.875  -4.707  1.00 12.69  ? 38  ASN A CA  1 
ATOM   102  C C   . ASN A 1 15  ? -17.430 -4.107  -4.737  1.00 13.41  ? 38  ASN A C   1 
ATOM   103  O O   . ASN A 1 15  ? -18.601 -4.017  -5.095  1.00 12.66  ? 38  ASN A O   1 
ATOM   104  C CB  . ASN A 1 15  ? -16.742 -2.151  -3.377  1.00 11.56  ? 38  ASN A CB  1 
ATOM   105  C CG  . ASN A 1 15  ? -15.850 -0.963  -3.220  1.00 11.33  ? 38  ASN A CG  1 
ATOM   106  O OD1 . ASN A 1 15  ? -14.667 -1.010  -3.582  1.00 10.86  ? 38  ASN A OD1 1 
ATOM   107  N ND2 . ASN A 1 15  ? -16.393 0.119   -2.655  1.00 10.74  ? 38  ASN A ND2 1 
ATOM   108  N N   . SER A 1 16  ? -16.876 -5.246  -4.315  1.00 14.97  ? 39  SER A N   1 
ATOM   109  C CA  . SER A 1 16  ? -17.591 -6.528  -4.262  1.00 16.91  ? 39  SER A CA  1 
ATOM   110  C C   . SER A 1 16  ? -18.275 -6.865  -5.596  1.00 16.23  ? 39  SER A C   1 
ATOM   111  O O   . SER A 1 16  ? -19.461 -7.136  -5.639  1.00 15.89  ? 39  SER A O   1 
ATOM   112  C CB  . SER A 1 16  ? -18.639 -6.507  -3.135  1.00 18.05  ? 39  SER A CB  1 
ATOM   113  O OG  . SER A 1 16  ? -18.056 -6.183  -1.880  1.00 19.94  ? 39  SER A OG  1 
ATOM   114  N N   . LYS A 1 17  ? -17.507 -6.867  -6.671  1.00 17.28  ? 40  LYS A N   1 
ATOM   115  C CA  . LYS A 1 17  ? -18.052 -7.145  -7.994  1.00 18.65  ? 40  LYS A CA  1 
ATOM   116  C C   . LYS A 1 17  ? -17.380 -8.318  -8.681  1.00 18.94  ? 40  LYS A C   1 
ATOM   117  O O   . LYS A 1 17  ? -17.526 -8.484  -9.885  1.00 20.69  ? 40  LYS A O   1 
ATOM   118  C CB  . LYS A 1 17  ? -17.907 -5.920  -8.891  1.00 17.89  ? 40  LYS A CB  1 
ATOM   119  C CG  . LYS A 1 17  ? -19.154 -5.103  -9.010  1.00 20.47  ? 40  LYS A CG  1 
ATOM   120  C CD  . LYS A 1 17  ? -19.309 -4.152  -7.875  1.00 22.00  ? 40  LYS A CD  1 
ATOM   121  C CE  . LYS A 1 17  ? -20.519 -3.288  -8.090  1.00 23.10  ? 40  LYS A CE  1 
ATOM   122  N NZ  . LYS A 1 17  ? -20.455 -2.099  -7.184  1.00 26.61  ? 40  LYS A NZ  1 
ATOM   123  N N   . GLY A 1 18  ? -16.645 -9.119  -7.919  1.00 18.92  ? 41  GLY A N   1 
ATOM   124  C CA  . GLY A 1 18  ? -15.970 -10.272 -8.482  1.00 18.77  ? 41  GLY A CA  1 
ATOM   125  C C   . GLY A 1 18  ? -15.059 -9.930  -9.642  1.00 19.46  ? 41  GLY A C   1 
ATOM   126  O O   . GLY A 1 18  ? -14.827 -10.770 -10.506 1.00 19.43  ? 41  GLY A O   1 
ATOM   127  N N   . LEU A 1 19  ? -14.525 -8.711  -9.655  1.00 19.11  ? 42  LEU A N   1 
ATOM   128  C CA  . LEU A 1 19  ? -13.645 -8.264  -10.731 1.00 18.90  ? 42  LEU A CA  1 
ATOM   129  C C   . LEU A 1 19  ? -12.330 -9.025  -10.769 1.00 19.57  ? 42  LEU A C   1 
ATOM   130  O O   . LEU A 1 19  ? -11.728 -9.307  -9.719  1.00 20.11  ? 42  LEU A O   1 
ATOM   131  C CB  . LEU A 1 19  ? -13.346 -6.766  -10.587 1.00 18.76  ? 42  LEU A CB  1 
ATOM   132  C CG  . LEU A 1 19  ? -14.507 -5.767  -10.736 1.00 19.71  ? 42  LEU A CG  1 
ATOM   133  C CD1 . LEU A 1 19  ? -14.033 -4.361  -10.406 1.00 16.99  ? 42  LEU A CD1 1 
ATOM   134  C CD2 . LEU A 1 19  ? -15.063 -5.834  -12.170 1.00 20.02  ? 42  LEU A CD2 1 
ATOM   135  N N   . THR A 1 20  ? -11.882 -9.355  -11.980 1.00 18.52  ? 43  THR A N   1 
ATOM   136  C CA  . THR A 1 20  ? -10.622 -10.063 -12.141 1.00 20.23  ? 43  THR A CA  1 
ATOM   137  C C   . THR A 1 20  ? -9.558  -9.154  -12.739 1.00 20.01  ? 43  THR A C   1 
ATOM   138  O O   . THR A 1 20  ? -8.397  -9.534  -12.829 1.00 20.08  ? 43  THR A O   1 
ATOM   139  C CB  . THR A 1 20  ? -10.729 -11.341 -13.024 1.00 20.98  ? 43  THR A CB  1 
ATOM   140  O OG1 . THR A 1 20  ? -11.390 -11.035 -14.252 1.00 21.52  ? 43  THR A OG1 1 
ATOM   141  C CG2 . THR A 1 20  ? -11.467 -12.447 -12.282 1.00 21.66  ? 43  THR A CG2 1 
ATOM   142  N N   . SER A 1 21  ? -9.948  -7.962  -13.158 1.00 18.73  ? 44  SER A N   1 
ATOM   143  C CA  . SER A 1 21  ? -8.967  -7.023  -13.687 1.00 18.48  ? 44  SER A CA  1 
ATOM   144  C C   . SER A 1 21  ? -9.491  -5.617  -13.474 1.00 16.65  ? 44  SER A C   1 
ATOM   145  O O   . SER A 1 21  ? -10.690 -5.427  -13.283 1.00 15.11  ? 44  SER A O   1 
ATOM   146  C CB  . SER A 1 21  ? -8.710  -7.269  -15.174 1.00 18.71  ? 44  SER A CB  1 
ATOM   147  O OG  . SER A 1 21  ? -9.841  -6.929  -15.951 1.00 23.26  ? 44  SER A OG  1 
ATOM   148  N N   . VAL A 1 22  ? -8.589  -4.640  -13.482 1.00 16.13  ? 45  VAL A N   1 
ATOM   149  C CA  . VAL A 1 22  ? -8.990  -3.250  -13.308 1.00 14.60  ? 45  VAL A CA  1 
ATOM   150  C C   . VAL A 1 22  ? -9.906  -2.854  -14.474 1.00 15.86  ? 45  VAL A C   1 
ATOM   151  O O   . VAL A 1 22  ? -9.624  -3.191  -15.625 1.00 15.79  ? 45  VAL A O   1 
ATOM   152  C CB  . VAL A 1 22  ? -7.766  -2.323  -13.286 1.00 13.17  ? 45  VAL A CB  1 
ATOM   153  C CG1 . VAL A 1 22  ? -8.206  -0.884  -13.227 1.00 9.61   ? 45  VAL A CG1 1 
ATOM   154  C CG2 . VAL A 1 22  ? -6.898  -2.650  -12.090 1.00 11.54  ? 45  VAL A CG2 1 
ATOM   155  N N   . PRO A 1 23  ? -11.025 -2.163  -14.181 1.00 16.89  ? 46  PRO A N   1 
ATOM   156  C CA  . PRO A 1 23  ? -12.008 -1.702  -15.173 1.00 17.99  ? 46  PRO A CA  1 
ATOM   157  C C   . PRO A 1 23  ? -11.349 -0.780  -16.191 1.00 18.64  ? 46  PRO A C   1 
ATOM   158  O O   . PRO A 1 23  ? -10.517 0.058   -15.840 1.00 18.40  ? 46  PRO A O   1 
ATOM   159  C CB  . PRO A 1 23  ? -13.039 -0.962  -14.324 1.00 16.96  ? 46  PRO A CB  1 
ATOM   160  C CG  . PRO A 1 23  ? -12.980 -1.713  -13.045 1.00 17.46  ? 46  PRO A CG  1 
ATOM   161  C CD  . PRO A 1 23  ? -11.506 -1.878  -12.821 1.00 16.18  ? 46  PRO A CD  1 
ATOM   162  N N   . THR A 1 24  ? -11.764 -0.901  -17.446 1.00 19.35  ? 47  THR A N   1 
ATOM   163  C CA  . THR A 1 24  ? -11.155 -0.117  -18.486 1.00 19.86  ? 47  THR A CA  1 
ATOM   164  C C   . THR A 1 24  ? -11.654 1.279   -18.732 1.00 19.86  ? 47  THR A C   1 
ATOM   165  O O   . THR A 1 24  ? -10.919 2.089   -19.266 1.00 22.34  ? 47  THR A O   1 
ATOM   166  C CB  . THR A 1 24  ? -11.218 -0.857  -19.791 1.00 19.49  ? 47  THR A CB  1 
ATOM   167  O OG1 . THR A 1 24  ? -12.578 -1.195  -20.047 1.00 20.56  ? 47  THR A OG1 1 
ATOM   168  C CG2 . THR A 1 24  ? -10.384 -2.126  -19.722 1.00 20.70  ? 47  THR A CG2 1 
ATOM   169  N N   . GLY A 1 25  ? -12.873 1.616   -18.360 1.00 19.55  ? 48  GLY A N   1 
ATOM   170  C CA  . GLY A 1 25  ? -13.269 2.980   -18.693 1.00 18.55  ? 48  GLY A CA  1 
ATOM   171  C C   . GLY A 1 25  ? -13.174 4.049   -17.622 1.00 17.78  ? 48  GLY A C   1 
ATOM   172  O O   . GLY A 1 25  ? -13.977 4.984   -17.608 1.00 16.37  ? 48  GLY A O   1 
ATOM   173  N N   . ILE A 1 26  ? -12.200 3.947   -16.729 1.00 16.76  ? 49  ILE A N   1 
ATOM   174  C CA  . ILE A 1 26  ? -12.121 4.941   -15.671 1.00 16.51  ? 49  ILE A CA  1 
ATOM   175  C C   . ILE A 1 26  ? -11.770 6.333   -16.175 1.00 16.88  ? 49  ILE A C   1 
ATOM   176  O O   . ILE A 1 26  ? -10.724 6.537   -16.797 1.00 18.38  ? 49  ILE A O   1 
ATOM   177  C CB  . ILE A 1 26  ? -11.148 4.511   -14.596 1.00 15.55  ? 49  ILE A CB  1 
ATOM   178  C CG1 . ILE A 1 26  ? -11.422 3.051   -14.212 1.00 15.62  ? 49  ILE A CG1 1 
ATOM   179  C CG2 . ILE A 1 26  ? -11.334 5.393   -13.376 1.00 14.60  ? 49  ILE A CG2 1 
ATOM   180  C CD1 . ILE A 1 26  ? -10.360 2.447   -13.299 1.00 15.10  ? 49  ILE A CD1 1 
ATOM   181  N N   . PRO A 1 27  ? -12.645 7.321   -15.908 1.00 16.09  ? 50  PRO A N   1 
ATOM   182  C CA  . PRO A 1 27  ? -12.408 8.694   -16.356 1.00 16.42  ? 50  PRO A CA  1 
ATOM   183  C C   . PRO A 1 27  ? -11.205 9.289   -15.682 1.00 15.77  ? 50  PRO A C   1 
ATOM   184  O O   . PRO A 1 27  ? -10.938 8.998   -14.516 1.00 15.74  ? 50  PRO A O   1 
ATOM   185  C CB  . PRO A 1 27  ? -13.700 9.412   -15.975 1.00 16.27  ? 50  PRO A CB  1 
ATOM   186  C CG  . PRO A 1 27  ? -14.090 8.714   -14.718 1.00 16.20  ? 50  PRO A CG  1 
ATOM   187  C CD  . PRO A 1 27  ? -13.832 7.257   -15.038 1.00 16.99  ? 50  PRO A CD  1 
ATOM   188  N N   . SER A 1 28  ? -10.491 10.136  -16.419 1.00 15.53  ? 51  SER A N   1 
ATOM   189  C CA  . SER A 1 28  ? -9.292  10.765  -15.903 1.00 16.39  ? 51  SER A CA  1 
ATOM   190  C C   . SER A 1 28  ? -9.594  11.891  -14.917 1.00 15.23  ? 51  SER A C   1 
ATOM   191  O O   . SER A 1 28  ? -8.679  12.472  -14.338 1.00 16.51  ? 51  SER A O   1 
ATOM   192  C CB  . SER A 1 28  ? -8.417  11.265  -17.064 1.00 18.10  ? 51  SER A CB  1 
ATOM   193  O OG  . SER A 1 28  ? -9.091  12.253  -17.814 1.00 22.14  ? 51  SER A OG  1 
ATOM   194  N N   . SER A 1 29  ? -10.875 12.200  -14.717 1.00 14.73  ? 52  SER A N   1 
ATOM   195  C CA  . SER A 1 29  ? -11.267 13.227  -13.753 1.00 12.76  ? 52  SER A CA  1 
ATOM   196  C C   . SER A 1 29  ? -11.486 12.593  -12.371 1.00 11.78  ? 52  SER A C   1 
ATOM   197  O O   . SER A 1 29  ? -11.753 13.294  -11.400 1.00 12.33  ? 52  SER A O   1 
ATOM   198  C CB  . SER A 1 29  ? -12.548 13.947  -14.208 1.00 14.39  ? 52  SER A CB  1 
ATOM   199  O OG  . SER A 1 29  ? -13.621 13.039  -14.441 1.00 16.52  ? 52  SER A OG  1 
ATOM   200  N N   . ALA A 1 30  ? -11.364 11.268  -12.286 1.00 10.41  ? 53  ALA A N   1 
ATOM   201  C CA  . ALA A 1 30  ? -11.545 10.541  -11.024 1.00 9.13   ? 53  ALA A CA  1 
ATOM   202  C C   . ALA A 1 30  ? -10.676 11.091  -9.885  1.00 9.58   ? 53  ALA A C   1 
ATOM   203  O O   . ALA A 1 30  ? -9.466  11.337  -10.088 1.00 8.17   ? 53  ALA A O   1 
ATOM   204  C CB  . ALA A 1 30  ? -11.231 9.078   -11.232 1.00 8.68   ? 53  ALA A CB  1 
ATOM   205  N N   . THR A 1 31  ? -11.290 11.285  -8.705  1.00 8.22   ? 54  THR A N   1 
ATOM   206  C CA  . THR A 1 31  ? -10.584 11.787  -7.518  1.00 8.47   ? 54  THR A CA  1 
ATOM   207  C C   . THR A 1 31  ? -10.525 10.709  -6.434  1.00 8.48   ? 54  THR A C   1 
ATOM   208  O O   . THR A 1 31  ? -9.726  10.794  -5.494  1.00 7.71   ? 54  THR A O   1 
ATOM   209  C CB  . THR A 1 31  ? -11.273 13.038  -6.923  1.00 9.03   ? 54  THR A CB  1 
ATOM   210  O OG1 . THR A 1 31  ? -12.611 12.711  -6.528  1.00 11.64  ? 54  THR A OG1 1 
ATOM   211  C CG2 . THR A 1 31  ? -11.319 14.143  -7.944  1.00 8.83   ? 54  THR A CG2 1 
ATOM   212  N N   . ARG A 1 32  ? -11.386 9.701   -6.574  1.00 7.85   ? 55  ARG A N   1 
ATOM   213  C CA  . ARG A 1 32  ? -11.436 8.573   -5.648  1.00 9.06   ? 55  ARG A CA  1 
ATOM   214  C C   . ARG A 1 32  ? -11.726 7.284   -6.405  1.00 8.82   ? 55  ARG A C   1 
ATOM   215  O O   . ARG A 1 32  ? -12.613 7.246   -7.271  1.00 9.39   ? 55  ARG A O   1 
ATOM   216  C CB  . ARG A 1 32  ? -12.493 8.797   -4.563  1.00 8.52   ? 55  ARG A CB  1 
ATOM   217  C CG  . ARG A 1 32  ? -12.147 9.948   -3.662  1.00 13.80  ? 55  ARG A CG  1 
ATOM   218  C CD  . ARG A 1 32  ? -12.991 9.950   -2.406  1.00 19.45  ? 55  ARG A CD  1 
ATOM   219  N NE  . ARG A 1 32  ? -12.266 10.484  -1.248  1.00 20.79  ? 55  ARG A NE  1 
ATOM   220  C CZ  . ARG A 1 32  ? -12.310 9.916   -0.044  1.00 23.36  ? 55  ARG A CZ  1 
ATOM   221  N NH1 . ARG A 1 32  ? -13.037 8.808   0.149   1.00 24.39  ? 55  ARG A NH1 1 
ATOM   222  N NH2 . ARG A 1 32  ? -11.629 10.439  0.967   1.00 24.34  ? 55  ARG A NH2 1 
ATOM   223  N N   . LEU A 1 33  ? -10.949 6.240   -6.121  1.00 8.27   ? 56  LEU A N   1 
ATOM   224  C CA  . LEU A 1 33  ? -11.164 4.956   -6.771  1.00 8.00   ? 56  LEU A CA  1 
ATOM   225  C C   . LEU A 1 33  ? -11.081 3.841   -5.733  1.00 8.93   ? 56  LEU A C   1 
ATOM   226  O O   . LEU A 1 33  ? -10.103 3.730   -4.985  1.00 10.94  ? 56  LEU A O   1 
ATOM   227  C CB  . LEU A 1 33  ? -10.144 4.719   -7.897  1.00 6.67   ? 56  LEU A CB  1 
ATOM   228  C CG  . LEU A 1 33  ? -10.192 3.315   -8.552  1.00 5.92   ? 56  LEU A CG  1 
ATOM   229  C CD1 . LEU A 1 33  ? -11.535 3.101   -9.223  1.00 4.46   ? 56  LEU A CD1 1 
ATOM   230  C CD2 . LEU A 1 33  ? -9.080  3.161   -9.582  1.00 5.16   ? 56  LEU A CD2 1 
ATOM   231  N N   . GLU A 1 34  ? -12.121 3.024   -5.685  1.00 8.54   ? 57  GLU A N   1 
ATOM   232  C CA  . GLU A 1 34  ? -12.177 1.918   -4.759  1.00 8.48   ? 57  GLU A CA  1 
ATOM   233  C C   . GLU A 1 34  ? -12.421 0.629   -5.547  1.00 9.73   ? 57  GLU A C   1 
ATOM   234  O O   . GLU A 1 34  ? -13.387 0.541   -6.289  1.00 10.53  ? 57  GLU A O   1 
ATOM   235  C CB  . GLU A 1 34  ? -13.311 2.138   -3.745  1.00 8.02   ? 57  GLU A CB  1 
ATOM   236  C CG  . GLU A 1 34  ? -13.101 3.325   -2.808  1.00 8.68   ? 57  GLU A CG  1 
ATOM   237  C CD  . GLU A 1 34  ? -14.275 3.597   -1.850  1.00 10.05  ? 57  GLU A CD  1 
ATOM   238  O OE1 . GLU A 1 34  ? -14.126 4.524   -1.032  1.00 11.32  ? 57  GLU A OE1 1 
ATOM   239  O OE2 . GLU A 1 34  ? -15.331 2.919   -1.901  1.00 10.06  ? 57  GLU A OE2 1 
ATOM   240  N N   . LEU A 1 35  ? -11.537 -0.360  -5.407  1.00 9.06   ? 58  LEU A N   1 
ATOM   241  C CA  . LEU A 1 35  ? -11.716 -1.646  -6.097  1.00 10.10  ? 58  LEU A CA  1 
ATOM   242  C C   . LEU A 1 35  ? -11.636 -2.729  -5.024  1.00 10.74  ? 58  LEU A C   1 
ATOM   243  O O   . LEU A 1 35  ? -10.952 -3.732  -5.197  1.00 11.64  ? 58  LEU A O   1 
ATOM   244  C CB  . LEU A 1 35  ? -10.611 -1.870  -7.151  1.00 6.90   ? 58  LEU A CB  1 
ATOM   245  C CG  . LEU A 1 35  ? -10.469 -0.795  -8.241  1.00 7.09   ? 58  LEU A CG  1 
ATOM   246  C CD1 . LEU A 1 35  ? -9.203  -0.996  -9.074  1.00 4.35   ? 58  LEU A CD1 1 
ATOM   247  C CD2 . LEU A 1 35  ? -11.679 -0.854  -9.138  1.00 6.62   ? 58  LEU A CD2 1 
ATOM   248  N N   . GLU A 1 36  ? -12.357 -2.519  -3.922  1.00 12.35  ? 59  GLU A N   1 
ATOM   249  C CA  . GLU A 1 36  ? -12.324 -3.432  -2.780  1.00 12.09  ? 59  GLU A CA  1 
ATOM   250  C C   . GLU A 1 36  ? -13.126 -4.732  -2.911  1.00 12.33  ? 59  GLU A C   1 
ATOM   251  O O   . GLU A 1 36  ? -14.153 -4.792  -3.603  1.00 12.39  ? 59  GLU A O   1 
ATOM   252  C CB  . GLU A 1 36  ? -12.776 -2.676  -1.524  1.00 12.35  ? 59  GLU A CB  1 
ATOM   253  C CG  . GLU A 1 36  ? -12.039 -1.365  -1.329  1.00 13.92  ? 59  GLU A CG  1 
ATOM   254  C CD  . GLU A 1 36  ? -12.587 -0.486  -0.189  1.00 14.10  ? 59  GLU A CD  1 
ATOM   255  O OE1 . GLU A 1 36  ? -13.765 -0.649  0.226   1.00 14.17  ? 59  GLU A OE1 1 
ATOM   256  O OE2 . GLU A 1 36  ? -11.826 0.394   0.268   1.00 12.10  ? 59  GLU A OE2 1 
ATOM   257  N N   . SER A 1 37  ? -12.621 -5.769  -2.250  1.00 10.38  ? 60  SER A N   1 
ATOM   258  C CA  . SER A 1 37  ? -13.266 -7.062  -2.225  1.00 10.51  ? 60  SER A CA  1 
ATOM   259  C C   . SER A 1 37  ? -13.599 -7.704  -3.569  1.00 9.81   ? 60  SER A C   1 
ATOM   260  O O   . SER A 1 37  ? -14.726 -8.108  -3.794  1.00 9.41   ? 60  SER A O   1 
ATOM   261  C CB  . SER A 1 37  ? -14.538 -6.961  -1.371  1.00 10.79  ? 60  SER A CB  1 
ATOM   262  O OG  . SER A 1 37  ? -14.208 -6.492  -0.066  1.00 9.06   ? 60  SER A OG  1 
ATOM   263  N N   . ASN A 1 38  ? -12.607 -7.814  -4.442  1.00 11.14  ? 61  ASN A N   1 
ATOM   264  C CA  . ASN A 1 38  ? -12.773 -8.423  -5.756  1.00 11.55  ? 61  ASN A CA  1 
ATOM   265  C C   . ASN A 1 38  ? -11.814 -9.608  -5.887  1.00 12.12  ? 61  ASN A C   1 
ATOM   266  O O   . ASN A 1 38  ? -11.424 -10.199 -4.890  1.00 11.06  ? 61  ASN A O   1 
ATOM   267  C CB  . ASN A 1 38  ? -12.475 -7.404  -6.864  1.00 13.32  ? 61  ASN A CB  1 
ATOM   268  C CG  . ASN A 1 38  ? -13.537 -6.308  -6.961  1.00 14.05  ? 61  ASN A CG  1 
ATOM   269  O OD1 . ASN A 1 38  ? -13.276 -5.134  -6.676  1.00 11.31  ? 61  ASN A OD1 1 
ATOM   270  N ND2 . ASN A 1 38  ? -14.748 -6.698  -7.363  1.00 15.20  ? 61  ASN A ND2 1 
ATOM   271  N N   . LYS A 1 39  ? -11.426 -9.923  -7.120  1.00 13.26  ? 62  LYS A N   1 
ATOM   272  C CA  . LYS A 1 39  ? -10.541 -11.048 -7.392  1.00 15.90  ? 62  LYS A CA  1 
ATOM   273  C C   . LYS A 1 39  ? -9.282  -10.668 -8.161  1.00 15.64  ? 62  LYS A C   1 
ATOM   274  O O   . LYS A 1 39  ? -8.783  -11.464 -8.956  1.00 15.02  ? 62  LYS A O   1 
ATOM   275  C CB  . LYS A 1 39  ? -11.295 -12.112 -8.194  1.00 18.57  ? 62  LYS A CB  1 
ATOM   276  C CG  . LYS A 1 39  ? -12.563 -12.604 -7.532  1.00 21.45  ? 62  LYS A CG  1 
ATOM   277  C CD  . LYS A 1 39  ? -12.261 -13.624 -6.453  1.00 25.38  ? 62  LYS A CD  1 
ATOM   278  C CE  . LYS A 1 39  ? -11.762 -14.935 -7.060  1.00 28.81  ? 62  LYS A CE  1 
ATOM   279  N NZ  . LYS A 1 39  ? -11.692 -16.046 -6.038  1.00 32.72  ? 62  LYS A NZ  1 
ATOM   280  N N   . LEU A 1 40  ? -8.764  -9.465  -7.921  1.00 15.12  ? 63  LEU A N   1 
ATOM   281  C CA  . LEU A 1 40  ? -7.558  -9.002  -8.603  1.00 13.99  ? 63  LEU A CA  1 
ATOM   282  C C   . LEU A 1 40  ? -6.351  -9.696  -7.999  1.00 14.08  ? 63  LEU A C   1 
ATOM   283  O O   . LEU A 1 40  ? -6.272  -9.870  -6.768  1.00 11.77  ? 63  LEU A O   1 
ATOM   284  C CB  . LEU A 1 40  ? -7.403  -7.494  -8.422  1.00 13.49  ? 63  LEU A CB  1 
ATOM   285  C CG  . LEU A 1 40  ? -8.627  -6.610  -8.665  1.00 13.80  ? 63  LEU A CG  1 
ATOM   286  C CD1 . LEU A 1 40  ? -8.300  -5.160  -8.259  1.00 12.66  ? 63  LEU A CD1 1 
ATOM   287  C CD2 . LEU A 1 40  ? -9.046  -6.682  -10.132 1.00 14.68  ? 63  LEU A CD2 1 
ATOM   288  N N   . GLN A 1 41  ? -5.405  -10.088 -8.853  1.00 15.82  ? 64  GLN A N   1 
ATOM   289  C CA  . GLN A 1 41  ? -4.190  -10.763 -8.384  1.00 14.63  ? 64  GLN A CA  1 
ATOM   290  C C   . GLN A 1 41  ? -2.930  -10.118 -8.907  1.00 13.32  ? 64  GLN A C   1 
ATOM   291  O O   . GLN A 1 41  ? -1.821  -10.443 -8.493  1.00 14.40  ? 64  GLN A O   1 
ATOM   292  C CB  . GLN A 1 41  ? -4.260  -12.232 -8.766  1.00 17.91  ? 64  GLN A CB  1 
ATOM   293  C CG  . GLN A 1 41  ? -5.186  -12.975 -7.800  1.00 24.63  ? 64  GLN A CG  1 
ATOM   294  C CD  . GLN A 1 41  ? -5.584  -14.378 -8.241  1.00 28.93  ? 64  GLN A CD  1 
ATOM   295  O OE1 . GLN A 1 41  ? -4.733  -15.212 -8.599  1.00 30.61  ? 64  GLN A OE1 1 
ATOM   296  N NE2 . GLN A 1 41  ? -6.892  -14.655 -8.196  1.00 28.89  ? 64  GLN A NE2 1 
ATOM   297  N N   . SER A 1 42  ? -3.105  -9.172  -9.810  1.00 11.33  ? 65  SER A N   1 
ATOM   298  C CA  . SER A 1 42  ? -1.975  -8.472  -10.390 1.00 11.21  ? 65  SER A CA  1 
ATOM   299  C C   . SER A 1 42  ? -2.451  -7.154  -10.993 1.00 10.50  ? 65  SER A C   1 
ATOM   300  O O   . SER A 1 42  ? -3.653  -6.910  -11.108 1.00 11.20  ? 65  SER A O   1 
ATOM   301  C CB  . SER A 1 42  ? -1.297  -9.346  -11.464 1.00 11.25  ? 65  SER A CB  1 
ATOM   302  O OG  . SER A 1 42  ? -2.192  -9.684  -12.517 1.00 11.28  ? 65  SER A OG  1 
ATOM   303  N N   . LEU A 1 43  ? -1.517  -6.289  -11.350 1.00 8.04   ? 66  LEU A N   1 
ATOM   304  C CA  . LEU A 1 43  ? -1.892  -5.026  -11.938 1.00 8.48   ? 66  LEU A CA  1 
ATOM   305  C C   . LEU A 1 43  ? -1.030  -4.770  -13.168 1.00 8.59   ? 66  LEU A C   1 
ATOM   306  O O   . LEU A 1 43  ? 0.173   -5.043  -13.164 1.00 9.52   ? 66  LEU A O   1 
ATOM   307  C CB  . LEU A 1 43  ? -1.693  -3.884  -10.941 1.00 7.76   ? 66  LEU A CB  1 
ATOM   308  C CG  . LEU A 1 43  ? -2.534  -3.849  -9.664  1.00 6.91   ? 66  LEU A CG  1 
ATOM   309  C CD1 . LEU A 1 43  ? -2.083  -2.682  -8.783  1.00 6.32   ? 66  LEU A CD1 1 
ATOM   310  C CD2 . LEU A 1 43  ? -4.006  -3.704  -10.021 1.00 6.56   ? 66  LEU A CD2 1 
ATOM   311  N N   . PRO A 1 44  ? -1.642  -4.280  -14.248 1.00 6.80   ? 67  PRO A N   1 
ATOM   312  C CA  . PRO A 1 44  ? -0.884  -3.993  -15.462 1.00 7.32   ? 67  PRO A CA  1 
ATOM   313  C C   . PRO A 1 44  ? 0.024   -2.796  -15.174 1.00 8.20   ? 67  PRO A C   1 
ATOM   314  O O   . PRO A 1 44  ? -0.325  -1.910  -14.375 1.00 7.88   ? 67  PRO A O   1 
ATOM   315  C CB  . PRO A 1 44  ? -1.974  -3.629  -16.481 1.00 6.37   ? 67  PRO A CB  1 
ATOM   316  C CG  . PRO A 1 44  ? -3.169  -4.364  -15.988 1.00 7.36   ? 67  PRO A CG  1 
ATOM   317  C CD  . PRO A 1 44  ? -3.084  -4.134  -14.490 1.00 7.10   ? 67  PRO A CD  1 
ATOM   318  N N   . HIS A 1 45  ? 1.176   -2.775  -15.825 1.00 7.38   ? 68  HIS A N   1 
ATOM   319  C CA  . HIS A 1 45  ? 2.119   -1.699  -15.645 1.00 8.46   ? 68  HIS A CA  1 
ATOM   320  C C   . HIS A 1 45  ? 1.495   -0.414  -16.183 1.00 8.59   ? 68  HIS A C   1 
ATOM   321  O O   . HIS A 1 45  ? 0.933   -0.424  -17.281 1.00 8.55   ? 68  HIS A O   1 
ATOM   322  C CB  . HIS A 1 45  ? 3.406   -1.995  -16.409 1.00 9.85   ? 68  HIS A CB  1 
ATOM   323  C CG  . HIS A 1 45  ? 4.471   -0.957  -16.220 1.00 13.16  ? 68  HIS A CG  1 
ATOM   324  N ND1 . HIS A 1 45  ? 5.524   -1.116  -15.340 1.00 14.51  ? 68  HIS A ND1 1 
ATOM   325  C CD2 . HIS A 1 45  ? 4.641   0.256   -16.795 1.00 13.62  ? 68  HIS A CD2 1 
ATOM   326  C CE1 . HIS A 1 45  ? 6.298   -0.046  -15.386 1.00 14.84  ? 68  HIS A CE1 1 
ATOM   327  N NE2 . HIS A 1 45  ? 5.785   0.801   -16.261 1.00 15.35  ? 68  HIS A NE2 1 
ATOM   328  N N   . GLY A 1 46  ? 1.593   0.676   -15.413 1.00 7.39   ? 69  GLY A N   1 
ATOM   329  C CA  . GLY A 1 46  ? 1.027   1.956   -15.839 1.00 8.11   ? 69  GLY A CA  1 
ATOM   330  C C   . GLY A 1 46  ? -0.500  2.088   -15.828 1.00 8.59   ? 69  GLY A C   1 
ATOM   331  O O   . GLY A 1 46  ? -1.036  3.110   -16.273 1.00 10.69  ? 69  GLY A O   1 
ATOM   332  N N   . VAL A 1 47  ? -1.203  1.093   -15.290 1.00 7.15   ? 70  VAL A N   1 
ATOM   333  C CA  . VAL A 1 47  ? -2.667  1.093   -15.273 1.00 7.17   ? 70  VAL A CA  1 
ATOM   334  C C   . VAL A 1 47  ? -3.385  2.333   -14.717 1.00 8.28   ? 70  VAL A C   1 
ATOM   335  O O   . VAL A 1 47  ? -4.463  2.669   -15.179 1.00 9.38   ? 70  VAL A O   1 
ATOM   336  C CB  . VAL A 1 47  ? -3.199  -0.157  -14.538 1.00 6.80   ? 70  VAL A CB  1 
ATOM   337  C CG1 . VAL A 1 47  ? -2.967  -0.028  -13.027 1.00 6.11   ? 70  VAL A CG1 1 
ATOM   338  C CG2 . VAL A 1 47  ? -4.682  -0.371  -14.879 1.00 7.50   ? 70  VAL A CG2 1 
ATOM   339  N N   . PHE A 1 48  ? -2.792  3.019   -13.748 1.00 8.41   ? 71  PHE A N   1 
ATOM   340  C CA  . PHE A 1 48  ? -3.426  4.183   -13.143 1.00 8.81   ? 71  PHE A CA  1 
ATOM   341  C C   . PHE A 1 48  ? -2.808  5.510   -13.607 1.00 9.16   ? 71  PHE A C   1 
ATOM   342  O O   . PHE A 1 48  ? -3.198  6.571   -13.125 1.00 9.45   ? 71  PHE A O   1 
ATOM   343  C CB  . PHE A 1 48  ? -3.298  4.121   -11.612 1.00 9.00   ? 71  PHE A CB  1 
ATOM   344  C CG  . PHE A 1 48  ? -3.886  2.889   -10.982 1.00 10.32  ? 71  PHE A CG  1 
ATOM   345  C CD1 . PHE A 1 48  ? -3.157  2.162   -10.030 1.00 13.16  ? 71  PHE A CD1 1 
ATOM   346  C CD2 . PHE A 1 48  ? -5.164  2.459   -11.311 1.00 12.53  ? 71  PHE A CD2 1 
ATOM   347  C CE1 . PHE A 1 48  ? -3.706  1.008   -9.410  1.00 13.94  ? 71  PHE A CE1 1 
ATOM   348  C CE2 . PHE A 1 48  ? -5.735  1.307   -10.704 1.00 13.90  ? 71  PHE A CE2 1 
ATOM   349  C CZ  . PHE A 1 48  ? -5.005  0.584   -9.753  1.00 13.81  ? 71  PHE A CZ  1 
ATOM   350  N N   . ASP A 1 49  ? -1.873  5.451   -14.553 1.00 9.11   ? 72  ASP A N   1 
ATOM   351  C CA  . ASP A 1 49  ? -1.159  6.642   -15.005 1.00 9.83   ? 72  ASP A CA  1 
ATOM   352  C C   . ASP A 1 49  ? -1.988  7.864   -15.421 1.00 11.79  ? 72  ASP A C   1 
ATOM   353  O O   . ASP A 1 49  ? -1.552  8.996   -15.246 1.00 12.31  ? 72  ASP A O   1 
ATOM   354  C CB  . ASP A 1 49  ? -0.155  6.267   -16.111 1.00 8.09   ? 72  ASP A CB  1 
ATOM   355  C CG  . ASP A 1 49  ? 1.051   5.477   -15.571 1.00 9.07   ? 72  ASP A CG  1 
ATOM   356  O OD1 . ASP A 1 49  ? 1.062   5.139   -14.371 1.00 10.42  ? 72  ASP A OD1 1 
ATOM   357  O OD2 . ASP A 1 49  ? 1.997   5.187   -16.328 1.00 8.42   ? 72  ASP A OD2 1 
ATOM   358  N N   . LYS A 1 50  ? -3.182  7.656   -15.948 1.00 13.61  ? 73  LYS A N   1 
ATOM   359  C CA  . LYS A 1 50  ? -4.004  8.792   -16.346 1.00 14.96  ? 73  LYS A CA  1 
ATOM   360  C C   . LYS A 1 50  ? -4.881  9.346   -15.220 1.00 13.53  ? 73  LYS A C   1 
ATOM   361  O O   . LYS A 1 50  ? -5.463  10.425  -15.354 1.00 13.01  ? 73  LYS A O   1 
ATOM   362  C CB  . LYS A 1 50  ? -4.866  8.419   -17.547 1.00 16.42  ? 73  LYS A CB  1 
ATOM   363  C CG  . LYS A 1 50  ? -4.078  8.400   -18.859 1.00 20.53  ? 73  LYS A CG  1 
ATOM   364  C CD  . LYS A 1 50  ? -4.991  8.084   -20.062 1.00 24.58  ? 73  LYS A CD  1 
ATOM   365  C CE  . LYS A 1 50  ? -4.248  8.200   -21.421 1.00 28.22  ? 73  LYS A CE  1 
ATOM   366  N NZ  . LYS A 1 50  ? -3.793  9.613   -21.804 1.00 30.12  ? 73  LYS A NZ  1 
ATOM   367  N N   . LEU A 1 51  ? -4.947  8.619   -14.109 1.00 10.91  ? 74  LEU A N   1 
ATOM   368  C CA  . LEU A 1 51  ? -5.770  9.029   -12.971 1.00 9.31   ? 74  LEU A CA  1 
ATOM   369  C C   . LEU A 1 51  ? -4.993  9.959   -12.048 1.00 8.00   ? 74  LEU A C   1 
ATOM   370  O O   . LEU A 1 51  ? -4.873  9.714   -10.851 1.00 7.67   ? 74  LEU A O   1 
ATOM   371  C CB  . LEU A 1 51  ? -6.222  7.778   -12.221 1.00 7.67   ? 74  LEU A CB  1 
ATOM   372  C CG  . LEU A 1 51  ? -6.830  6.731   -13.154 1.00 7.89   ? 74  LEU A CG  1 
ATOM   373  C CD1 . LEU A 1 51  ? -7.312  5.578   -12.307 1.00 6.20   ? 74  LEU A CD1 1 
ATOM   374  C CD2 . LEU A 1 51  ? -7.976  7.317   -13.991 1.00 4.06   ? 74  LEU A CD2 1 
ATOM   375  N N   . THR A 1 52  ? -4.494  11.047  -12.614 1.00 7.61   ? 75  THR A N   1 
ATOM   376  C CA  . THR A 1 52  ? -3.666  11.976  -11.873 1.00 8.73   ? 75  THR A CA  1 
ATOM   377  C C   . THR A 1 52  ? -4.325  12.838  -10.782 1.00 9.81   ? 75  THR A C   1 
ATOM   378  O O   . THR A 1 52  ? -3.616  13.425  -9.951  1.00 8.63   ? 75  THR A O   1 
ATOM   379  C CB  . THR A 1 52  ? -2.880  12.863  -12.883 1.00 9.08   ? 75  THR A CB  1 
ATOM   380  O OG1 . THR A 1 52  ? -3.790  13.676  -13.635 1.00 9.88   ? 75  THR A OG1 1 
ATOM   381  C CG2 . THR A 1 52  ? -2.117  11.967  -13.857 1.00 6.89   ? 75  THR A CG2 1 
ATOM   382  N N   . GLN A 1 53  ? -5.658  12.877  -10.750 1.00 8.94   ? 76  GLN A N   1 
ATOM   383  C CA  . GLN A 1 53  ? -6.370  13.685  -9.752  1.00 9.47   ? 76  GLN A CA  1 
ATOM   384  C C   . GLN A 1 53  ? -6.820  12.854  -8.554  1.00 10.49  ? 76  GLN A C   1 
ATOM   385  O O   . GLN A 1 53  ? -7.505  13.366  -7.652  1.00 10.54  ? 76  GLN A O   1 
ATOM   386  C CB  . GLN A 1 53  ? -7.602  14.349  -10.383 1.00 8.26   ? 76  GLN A CB  1 
ATOM   387  C CG  . GLN A 1 53  ? -7.286  15.118  -11.647 1.00 7.59   ? 76  GLN A CG  1 
ATOM   388  C CD  . GLN A 1 53  ? -6.109  16.057  -11.448 1.00 8.99   ? 76  GLN A CD  1 
ATOM   389  O OE1 . GLN A 1 53  ? -6.177  17.014  -10.669 1.00 8.80   ? 76  GLN A OE1 1 
ATOM   390  N NE2 . GLN A 1 53  ? -5.023  15.776  -12.132 1.00 9.02   ? 76  GLN A NE2 1 
ATOM   391  N N   . LEU A 1 54  ? -6.430  11.579  -8.552  1.00 8.88   ? 77  LEU A N   1 
ATOM   392  C CA  . LEU A 1 54  ? -6.802  10.659  -7.480  1.00 7.99   ? 77  LEU A CA  1 
ATOM   393  C C   . LEU A 1 54  ? -6.248  11.097  -6.101  1.00 8.58   ? 77  LEU A C   1 
ATOM   394  O O   . LEU A 1 54  ? -5.023  11.341  -5.929  1.00 5.65   ? 77  LEU A O   1 
ATOM   395  C CB  . LEU A 1 54  ? -6.300  9.242   -7.846  1.00 7.95   ? 77  LEU A CB  1 
ATOM   396  C CG  . LEU A 1 54  ? -7.240  8.026   -7.958  1.00 9.80   ? 77  LEU A CG  1 
ATOM   397  C CD1 . LEU A 1 54  ? -8.564  8.395   -8.580  1.00 8.21   ? 77  LEU A CD1 1 
ATOM   398  C CD2 . LEU A 1 54  ? -6.571  6.962   -8.763  1.00 8.07   ? 77  LEU A CD2 1 
ATOM   399  N N   . THR A 1 55  ? -7.149  11.217  -5.128  1.00 7.42   ? 78  THR A N   1 
ATOM   400  C CA  . THR A 1 55  ? -6.735  11.576  -3.789  1.00 8.78   ? 78  THR A CA  1 
ATOM   401  C C   . THR A 1 55  ? -6.793  10.324  -2.905  1.00 7.67   ? 78  THR A C   1 
ATOM   402  O O   . THR A 1 55  ? -6.160  10.258  -1.849  1.00 5.64   ? 78  THR A O   1 
ATOM   403  C CB  . THR A 1 55  ? -7.621  12.689  -3.224  1.00 11.81  ? 78  THR A CB  1 
ATOM   404  O OG1 . THR A 1 55  ? -7.215  13.948  -3.791  1.00 14.72  ? 78  THR A OG1 1 
ATOM   405  C CG2 . THR A 1 55  ? -7.433  12.798  -1.757  1.00 17.00  ? 78  THR A CG2 1 
ATOM   406  N N   . LYS A 1 56  ? -7.535  9.322   -3.371  1.00 5.40   ? 79  LYS A N   1 
ATOM   407  C CA  . LYS A 1 56  ? -7.670  8.068   -2.652  1.00 6.26   ? 79  LYS A CA  1 
ATOM   408  C C   . LYS A 1 56  ? -7.716  6.845   -3.577  1.00 5.83   ? 79  LYS A C   1 
ATOM   409  O O   . LYS A 1 56  ? -8.487  6.811   -4.536  1.00 5.95   ? 79  LYS A O   1 
ATOM   410  C CB  . LYS A 1 56  ? -8.935  8.104   -1.794  1.00 6.39   ? 79  LYS A CB  1 
ATOM   411  C CG  . LYS A 1 56  ? -9.390  6.736   -1.233  1.00 6.18   ? 79  LYS A CG  1 
ATOM   412  C CD  . LYS A 1 56  ? -10.681 6.911   -0.433  1.00 4.95   ? 79  LYS A CD  1 
ATOM   413  C CE  . LYS A 1 56  ? -11.397 5.621   -0.126  1.00 5.85   ? 79  LYS A CE  1 
ATOM   414  N NZ  . LYS A 1 56  ? -10.769 4.935   0.994   1.00 9.21   ? 79  LYS A NZ  1 
ATOM   415  N N   . LEU A 1 57  ? -6.859  5.861   -3.310  1.00 4.80   ? 80  LEU A N   1 
ATOM   416  C CA  . LEU A 1 57  ? -6.855  4.617   -4.092  1.00 5.33   ? 80  LEU A CA  1 
ATOM   417  C C   . LEU A 1 57  ? -6.915  3.450   -3.099  1.00 6.33   ? 80  LEU A C   1 
ATOM   418  O O   . LEU A 1 57  ? -6.092  3.338   -2.183  1.00 7.53   ? 80  LEU A O   1 
ATOM   419  C CB  . LEU A 1 57  ? -5.609  4.489   -4.970  1.00 2.66   ? 80  LEU A CB  1 
ATOM   420  C CG  . LEU A 1 57  ? -5.551  3.182   -5.795  1.00 5.09   ? 80  LEU A CG  1 
ATOM   421  C CD1 . LEU A 1 57  ? -6.673  3.137   -6.866  1.00 2.91   ? 80  LEU A CD1 1 
ATOM   422  C CD2 . LEU A 1 57  ? -4.184  3.069   -6.498  1.00 3.58   ? 80  LEU A CD2 1 
ATOM   423  N N   . SER A 1 58  ? -7.915  2.603   -3.254  1.00 6.34   ? 81  SER A N   1 
ATOM   424  C CA  . SER A 1 58  ? -8.068  1.492   -2.346  1.00 6.96   ? 81  SER A CA  1 
ATOM   425  C C   . SER A 1 58  ? -8.218  0.198   -3.113  1.00 7.11   ? 81  SER A C   1 
ATOM   426  O O   . SER A 1 58  ? -9.062  0.092   -3.985  1.00 6.22   ? 81  SER A O   1 
ATOM   427  C CB  . SER A 1 58  ? -9.297  1.697   -1.466  1.00 7.59   ? 81  SER A CB  1 
ATOM   428  O OG  . SER A 1 58  ? -9.391  0.667   -0.498  1.00 7.97   ? 81  SER A OG  1 
ATOM   429  N N   . LEU A 1 59  ? -7.392  -0.777  -2.763  1.00 7.74   ? 82  LEU A N   1 
ATOM   430  C CA  . LEU A 1 59  ? -7.409  -2.083  -3.393  1.00 8.82   ? 82  LEU A CA  1 
ATOM   431  C C   . LEU A 1 59  ? -7.522  -3.162  -2.318  1.00 10.09  ? 82  LEU A C   1 
ATOM   432  O O   . LEU A 1 59  ? -7.202  -4.312  -2.579  1.00 13.63  ? 82  LEU A O   1 
ATOM   433  C CB  . LEU A 1 59  ? -6.122  -2.285  -4.177  1.00 7.93   ? 82  LEU A CB  1 
ATOM   434  C CG  . LEU A 1 59  ? -5.760  -1.186  -5.189  1.00 9.84   ? 82  LEU A CG  1 
ATOM   435  C CD1 . LEU A 1 59  ? -4.447  -1.562  -5.886  1.00 11.01  ? 82  LEU A CD1 1 
ATOM   436  C CD2 . LEU A 1 59  ? -6.861  -1.020  -6.225  1.00 9.65   ? 82  LEU A CD2 1 
ATOM   437  N N   . SER A 1 60  ? -7.991  -2.809  -1.123  1.00 10.25  ? 83  SER A N   1 
ATOM   438  C CA  . SER A 1 60  ? -8.072  -3.779  -0.032  1.00 10.81  ? 83  SER A CA  1 
ATOM   439  C C   . SER A 1 60  ? -8.936  -5.020  -0.311  1.00 10.74  ? 83  SER A C   1 
ATOM   440  O O   . SER A 1 60  ? -9.935  -4.973  -1.029  1.00 9.79   ? 83  SER A O   1 
ATOM   441  C CB  . SER A 1 60  ? -8.503  -3.089  1.284   1.00 8.48   ? 83  SER A CB  1 
ATOM   442  O OG  . SER A 1 60  ? -9.764  -2.443  1.169   1.00 12.44  ? 83  SER A OG  1 
ATOM   443  N N   . GLN A 1 61  ? -8.513  -6.133  0.270   1.00 10.64  ? 84  GLN A N   1 
ATOM   444  C CA  . GLN A 1 61  ? -9.181  -7.407  0.107   1.00 11.41  ? 84  GLN A CA  1 
ATOM   445  C C   . GLN A 1 61  ? -9.256  -7.905  -1.347  1.00 11.02  ? 84  GLN A C   1 
ATOM   446  O O   . GLN A 1 61  ? -10.313 -7.976  -1.984  1.00 8.57   ? 84  GLN A O   1 
ATOM   447  C CB  . GLN A 1 61  ? -10.568 -7.396  0.760   1.00 12.98  ? 84  GLN A CB  1 
ATOM   448  C CG  . GLN A 1 61  ? -11.209 -8.787  0.792   1.00 18.50  ? 84  GLN A CG  1 
ATOM   449  C CD  . GLN A 1 61  ? -12.427 -8.878  1.697   1.00 21.47  ? 84  GLN A CD  1 
ATOM   450  O OE1 . GLN A 1 61  ? -12.300 -9.186  2.877   1.00 25.58  ? 84  GLN A OE1 1 
ATOM   451  N NE2 . GLN A 1 61  ? -13.611 -8.590  1.155   1.00 22.92  ? 84  GLN A NE2 1 
ATOM   452  N N   . ASN A 1 62  ? -8.085  -8.254  -1.858  1.00 10.51  ? 85  ASN A N   1 
ATOM   453  C CA  . ASN A 1 62  ? -7.957  -8.823  -3.179  1.00 12.38  ? 85  ASN A CA  1 
ATOM   454  C C   . ASN A 1 62  ? -6.853  -9.842  -2.981  1.00 12.92  ? 85  ASN A C   1 
ATOM   455  O O   . ASN A 1 62  ? -6.554  -10.204 -1.836  1.00 13.84  ? 85  ASN A O   1 
ATOM   456  C CB  . ASN A 1 62  ? -7.564  -7.744  -4.202  1.00 12.28  ? 85  ASN A CB  1 
ATOM   457  C CG  . ASN A 1 62  ? -8.776  -6.988  -4.739  1.00 12.38  ? 85  ASN A CG  1 
ATOM   458  O OD1 . ASN A 1 62  ? -9.603  -7.564  -5.466  1.00 10.94  ? 85  ASN A OD1 1 
ATOM   459  N ND2 . ASN A 1 62  ? -8.903  -5.697  -4.371  1.00 9.94   ? 85  ASN A ND2 1 
ATOM   460  N N   . GLN A 1 63  ? -6.245  -10.311 -4.061  1.00 13.52  ? 86  GLN A N   1 
ATOM   461  C CA  . GLN A 1 63  ? -5.149  -11.270 -3.926  1.00 15.01  ? 86  GLN A CA  1 
ATOM   462  C C   . GLN A 1 63  ? -3.947  -10.813 -4.752  1.00 14.76  ? 86  GLN A C   1 
ATOM   463  O O   . GLN A 1 63  ? -3.408  -11.568 -5.568  1.00 14.49  ? 86  GLN A O   1 
ATOM   464  C CB  . GLN A 1 63  ? -5.592  -12.664 -4.382  1.00 16.58  ? 86  GLN A CB  1 
ATOM   465  C CG  . GLN A 1 63  ? -6.774  -13.217 -3.607  1.00 20.80  ? 86  GLN A CG  1 
ATOM   466  C CD  . GLN A 1 63  ? -8.047  -13.246 -4.430  1.00 24.49  ? 86  GLN A CD  1 
ATOM   467  O OE1 . GLN A 1 63  ? -8.237  -14.128 -5.286  1.00 28.69  ? 86  GLN A OE1 1 
ATOM   468  N NE2 . GLN A 1 63  ? -8.933  -12.287 -4.180  1.00 23.95  ? 86  GLN A NE2 1 
ATOM   469  N N   . ILE A 1 64  ? -3.527  -9.570  -4.563  1.00 13.55  ? 87  ILE A N   1 
ATOM   470  C CA  . ILE A 1 64  ? -2.394  -9.093  -5.339  1.00 13.43  ? 87  ILE A CA  1 
ATOM   471  C C   . ILE A 1 64  ? -1.135  -9.595  -4.628  1.00 13.72  ? 87  ILE A C   1 
ATOM   472  O O   . ILE A 1 64  ? -1.041  -9.539  -3.396  1.00 13.97  ? 87  ILE A O   1 
ATOM   473  C CB  . ILE A 1 64  ? -2.412  -7.553  -5.444  1.00 13.01  ? 87  ILE A CB  1 
ATOM   474  C CG1 . ILE A 1 64  ? -3.790  -7.089  -5.945  1.00 13.49  ? 87  ILE A CG1 1 
ATOM   475  C CG2 . ILE A 1 64  ? -1.360  -7.098  -6.406  1.00 12.88  ? 87  ILE A CG2 1 
ATOM   476  C CD1 . ILE A 1 64  ? -4.002  -5.581  -5.934  1.00 10.47  ? 87  ILE A CD1 1 
ATOM   477  N N   . GLN A 1 65  ? -0.200  -10.135 -5.404  1.00 14.30  ? 88  GLN A N   1 
ATOM   478  C CA  . GLN A 1 65  ? 1.057   -10.661 -4.870  1.00 15.19  ? 88  GLN A CA  1 
ATOM   479  C C   . GLN A 1 65  ? 2.242   -9.734  -5.092  1.00 12.94  ? 88  GLN A C   1 
ATOM   480  O O   . GLN A 1 65  ? 3.215   -9.762  -4.340  1.00 13.52  ? 88  GLN A O   1 
ATOM   481  C CB  . GLN A 1 65  ? 1.371   -12.008 -5.499  1.00 17.31  ? 88  GLN A CB  1 
ATOM   482  C CG  . GLN A 1 65  ? 0.233   -12.989 -5.392  1.00 24.27  ? 88  GLN A CG  1 
ATOM   483  C CD  . GLN A 1 65  ? 0.641   -14.358 -5.901  1.00 29.10  ? 88  GLN A CD  1 
ATOM   484  O OE1 . GLN A 1 65  ? 1.371   -15.090 -5.216  1.00 31.05  ? 88  GLN A OE1 1 
ATOM   485  N NE2 . GLN A 1 65  ? 0.203   -14.703 -7.126  1.00 30.83  ? 88  GLN A NE2 1 
ATOM   486  N N   . SER A 1 66  ? 2.180   -8.928  -6.134  1.00 11.59  ? 89  SER A N   1 
ATOM   487  C CA  . SER A 1 66  ? 3.271   -8.005  -6.383  1.00 12.70  ? 89  SER A CA  1 
ATOM   488  C C   . SER A 1 66  ? 2.734   -6.732  -7.060  1.00 11.05  ? 89  SER A C   1 
ATOM   489  O O   . SER A 1 66  ? 1.605   -6.714  -7.540  1.00 10.57  ? 89  SER A O   1 
ATOM   490  C CB  . SER A 1 66  ? 4.354   -8.688  -7.249  1.00 13.58  ? 89  SER A CB  1 
ATOM   491  O OG  . SER A 1 66  ? 3.960   -8.727  -8.605  1.00 15.35  ? 89  SER A OG  1 
ATOM   492  N N   . LEU A 1 67  ? 3.534   -5.670  -7.040  1.00 10.38  ? 90  LEU A N   1 
ATOM   493  C CA  . LEU A 1 67  ? 3.173   -4.398  -7.655  1.00 10.60  ? 90  LEU A CA  1 
ATOM   494  C C   . LEU A 1 67  ? 4.103   -4.061  -8.808  1.00 10.63  ? 90  LEU A C   1 
ATOM   495  O O   . LEU A 1 67  ? 5.311   -4.300  -8.733  1.00 12.49  ? 90  LEU A O   1 
ATOM   496  C CB  . LEU A 1 67  ? 3.276   -3.255  -6.648  1.00 8.43   ? 90  LEU A CB  1 
ATOM   497  C CG  . LEU A 1 67  ? 2.281   -3.144  -5.503  1.00 8.32   ? 90  LEU A CG  1 
ATOM   498  C CD1 . LEU A 1 67  ? 2.456   -1.782  -4.888  1.00 7.27   ? 90  LEU A CD1 1 
ATOM   499  C CD2 . LEU A 1 67  ? 0.851   -3.315  -5.980  1.00 6.93   ? 90  LEU A CD2 1 
ATOM   500  N N   . PRO A 1 68  ? 3.562   -3.489  -9.885  1.00 10.63  ? 91  PRO A N   1 
ATOM   501  C CA  . PRO A 1 68  ? 4.382   -3.113  -11.045 1.00 10.71  ? 91  PRO A CA  1 
ATOM   502  C C   . PRO A 1 68  ? 5.290   -1.975  -10.599 1.00 12.05  ? 91  PRO A C   1 
ATOM   503  O O   . PRO A 1 68  ? 4.883   -1.168  -9.758  1.00 12.56  ? 91  PRO A O   1 
ATOM   504  C CB  . PRO A 1 68  ? 3.359   -2.572  -12.043 1.00 9.95   ? 91  PRO A CB  1 
ATOM   505  C CG  . PRO A 1 68  ? 2.081   -3.162  -11.622 1.00 9.12   ? 91  PRO A CG  1 
ATOM   506  C CD  . PRO A 1 68  ? 2.143   -3.198  -10.123 1.00 10.41  ? 91  PRO A CD  1 
ATOM   507  N N   . ASP A 1 69  ? 6.490   -1.874  -11.154 1.00 11.90  ? 92  ASP A N   1 
ATOM   508  C CA  . ASP A 1 69  ? 7.349   -0.766  -10.783 1.00 11.90  ? 92  ASP A CA  1 
ATOM   509  C C   . ASP A 1 69  ? 6.703   0.553   -11.142 1.00 11.99  ? 92  ASP A C   1 
ATOM   510  O O   . ASP A 1 69  ? 6.133   0.694   -12.220 1.00 11.24  ? 92  ASP A O   1 
ATOM   511  C CB  . ASP A 1 69  ? 8.682   -0.814  -11.515 1.00 15.69  ? 92  ASP A CB  1 
ATOM   512  C CG  . ASP A 1 69  ? 9.592   -1.897  -10.999 1.00 21.14  ? 92  ASP A CG  1 
ATOM   513  O OD1 . ASP A 1 69  ? 9.459   -2.269  -9.805  1.00 23.47  ? 92  ASP A OD1 1 
ATOM   514  O OD2 . ASP A 1 69  ? 10.450  -2.364  -11.788 1.00 24.70  ? 92  ASP A OD2 1 
ATOM   515  N N   . GLY A 1 70  ? 6.824   1.522   -10.236 1.00 12.73  ? 93  GLY A N   1 
ATOM   516  C CA  . GLY A 1 70  ? 6.314   2.865   -10.458 1.00 12.08  ? 93  GLY A CA  1 
ATOM   517  C C   . GLY A 1 70  ? 4.827   2.993   -10.687 1.00 11.08  ? 93  GLY A C   1 
ATOM   518  O O   . GLY A 1 70  ? 4.380   3.973   -11.285 1.00 11.05  ? 93  GLY A O   1 
ATOM   519  N N   . VAL A 1 71  ? 4.070   2.023   -10.186 1.00 9.92   ? 94  VAL A N   1 
ATOM   520  C CA  . VAL A 1 71  ? 2.622   1.990   -10.352 1.00 8.70   ? 94  VAL A CA  1 
ATOM   521  C C   . VAL A 1 71  ? 1.888   3.180   -9.717  1.00 8.46   ? 94  VAL A C   1 
ATOM   522  O O   . VAL A 1 71  ? 0.781   3.509   -10.119 1.00 9.18   ? 94  VAL A O   1 
ATOM   523  C CB  . VAL A 1 71  ? 2.064   0.652   -9.800  1.00 8.41   ? 94  VAL A CB  1 
ATOM   524  C CG1 . VAL A 1 71  ? 2.248   0.591   -8.281  1.00 8.26   ? 94  VAL A CG1 1 
ATOM   525  C CG2 . VAL A 1 71  ? 0.604   0.473   -10.210 1.00 8.63   ? 94  VAL A CG2 1 
ATOM   526  N N   . PHE A 1 72  ? 2.507   3.850   -8.755  1.00 7.61   ? 95  PHE A N   1 
ATOM   527  C CA  . PHE A 1 72  ? 1.857   4.988   -8.101  1.00 7.03   ? 95  PHE A CA  1 
ATOM   528  C C   . PHE A 1 72  ? 2.496   6.329   -8.419  1.00 7.17   ? 95  PHE A C   1 
ATOM   529  O O   . PHE A 1 72  ? 2.079   7.344   -7.852  1.00 5.75   ? 95  PHE A O   1 
ATOM   530  C CB  . PHE A 1 72  ? 1.912   4.823   -6.574  1.00 7.74   ? 95  PHE A CB  1 
ATOM   531  C CG  . PHE A 1 72  ? 1.325   3.526   -6.062  1.00 7.11   ? 95  PHE A CG  1 
ATOM   532  C CD1 . PHE A 1 72  ? 2.032   2.742   -5.150  1.00 6.65   ? 95  PHE A CD1 1 
ATOM   533  C CD2 . PHE A 1 72  ? 0.074   3.084   -6.498  1.00 6.84   ? 95  PHE A CD2 1 
ATOM   534  C CE1 . PHE A 1 72  ? 1.511   1.540   -4.685  1.00 7.17   ? 95  PHE A CE1 1 
ATOM   535  C CE2 . PHE A 1 72  ? -0.462  1.877   -6.044  1.00 6.67   ? 95  PHE A CE2 1 
ATOM   536  C CZ  . PHE A 1 72  ? 0.262   1.097   -5.131  1.00 7.31   ? 95  PHE A CZ  1 
ATOM   537  N N   . ASP A 1 73  ? 3.487   6.337   -9.314  1.00 6.32   ? 96  ASP A N   1 
ATOM   538  C CA  . ASP A 1 73  ? 4.239   7.549   -9.624  1.00 8.04   ? 96  ASP A CA  1 
ATOM   539  C C   . ASP A 1 73  ? 3.499   8.758   -10.170 1.00 7.35   ? 96  ASP A C   1 
ATOM   540  O O   . ASP A 1 73  ? 3.901   9.889   -9.911  1.00 7.73   ? 96  ASP A O   1 
ATOM   541  C CB  . ASP A 1 73  ? 5.425   7.234   -10.557 1.00 9.81   ? 96  ASP A CB  1 
ATOM   542  C CG  . ASP A 1 73  ? 6.489   6.379   -9.884  1.00 13.39  ? 96  ASP A CG  1 
ATOM   543  O OD1 . ASP A 1 73  ? 6.452   6.249   -8.634  1.00 14.75  ? 96  ASP A OD1 1 
ATOM   544  O OD2 . ASP A 1 73  ? 7.376   5.848   -10.596 1.00 16.22  ? 96  ASP A OD2 1 
ATOM   545  N N   . LYS A 1 74  ? 2.437   8.531   -10.925 1.00 7.03   ? 97  LYS A N   1 
ATOM   546  C CA  . LYS A 1 74  ? 1.674   9.623   -11.490 1.00 7.52   ? 97  LYS A CA  1 
ATOM   547  C C   . LYS A 1 74  ? 0.581   10.134  -10.545 1.00 8.53   ? 97  LYS A C   1 
ATOM   548  O O   . LYS A 1 74  ? -0.001  11.192  -10.806 1.00 9.31   ? 97  LYS A O   1 
ATOM   549  C CB  . LYS A 1 74  ? 1.041   9.195   -12.810 1.00 8.26   ? 97  LYS A CB  1 
ATOM   550  C CG  . LYS A 1 74  ? 2.028   8.663   -13.840 1.00 10.39  ? 97  LYS A CG  1 
ATOM   551  C CD  . LYS A 1 74  ? 3.131   9.667   -14.216 1.00 11.05  ? 97  LYS A CD  1 
ATOM   552  C CE  . LYS A 1 74  ? 3.928   9.133   -15.430 1.00 11.61  ? 97  LYS A CE  1 
ATOM   553  N NZ  . LYS A 1 74  ? 5.103   9.978   -15.741 1.00 13.97  ? 97  LYS A NZ  1 
ATOM   554  N N   . LEU A 1 75  ? 0.340   9.417   -9.442  1.00 7.73   ? 98  LEU A N   1 
ATOM   555  C CA  . LEU A 1 75  ? -0.701  9.773   -8.467  1.00 8.28   ? 98  LEU A CA  1 
ATOM   556  C C   . LEU A 1 75  ? -0.214  10.705  -7.351  1.00 8.98   ? 98  LEU A C   1 
ATOM   557  O O   . LEU A 1 75  ? -0.449  10.468  -6.165  1.00 9.27   ? 98  LEU A O   1 
ATOM   558  C CB  . LEU A 1 75  ? -1.256  8.497   -7.851  1.00 6.60   ? 98  LEU A CB  1 
ATOM   559  C CG  . LEU A 1 75  ? -1.582  7.406   -8.868  1.00 6.88   ? 98  LEU A CG  1 
ATOM   560  C CD1 . LEU A 1 75  ? -2.152  6.145   -8.172  1.00 7.10   ? 98  LEU A CD1 1 
ATOM   561  C CD2 . LEU A 1 75  ? -2.582  7.984   -9.862  1.00 4.22   ? 98  LEU A CD2 1 
ATOM   562  N N   . THR A 1 76  ? 0.454   11.777  -7.748  1.00 9.45   ? 99  THR A N   1 
ATOM   563  C CA  . THR A 1 76  ? 1.026   12.730  -6.817  1.00 8.78   ? 99  THR A CA  1 
ATOM   564  C C   . THR A 1 76  ? 0.058   13.415  -5.824  1.00 11.11  ? 99  THR A C   1 
ATOM   565  O O   . THR A 1 76  ? 0.513   14.022  -4.860  1.00 12.36  ? 99  THR A O   1 
ATOM   566  C CB  . THR A 1 76  ? 1.805   13.814  -7.602  1.00 8.46   ? 99  THR A CB  1 
ATOM   567  O OG1 . THR A 1 76  ? 0.917   14.479  -8.515  1.00 5.07   ? 99  THR A OG1 1 
ATOM   568  C CG2 . THR A 1 76  ? 2.958   13.169  -8.403  1.00 4.93   ? 99  THR A CG2 1 
ATOM   569  N N   . LYS A 1 77  ? -1.255  13.325  -6.026  1.00 10.07  ? 100 LYS A N   1 
ATOM   570  C CA  . LYS A 1 77  ? -2.174  13.991  -5.089  1.00 9.16   ? 100 LYS A CA  1 
ATOM   571  C C   . LYS A 1 77  ? -2.778  13.018  -4.093  1.00 7.17   ? 100 LYS A C   1 
ATOM   572  O O   . LYS A 1 77  ? -3.594  13.379  -3.246  1.00 5.67   ? 100 LYS A O   1 
ATOM   573  C CB  . LYS A 1 77  ? -3.276  14.726  -5.850  1.00 8.36   ? 100 LYS A CB  1 
ATOM   574  C CG  . LYS A 1 77  ? -2.709  15.901  -6.649  1.00 12.63  ? 100 LYS A CG  1 
ATOM   575  C CD  . LYS A 1 77  ? -3.761  16.610  -7.458  1.00 12.06  ? 100 LYS A CD  1 
ATOM   576  C CE  . LYS A 1 77  ? -3.097  17.636  -8.363  1.00 14.43  ? 100 LYS A CE  1 
ATOM   577  N NZ  . LYS A 1 77  ? -4.085  18.470  -9.145  1.00 14.35  ? 100 LYS A NZ  1 
ATOM   578  N N   . LEU A 1 78  ? -2.338  11.779  -4.191  1.00 6.13   ? 101 LEU A N   1 
ATOM   579  C CA  . LEU A 1 78  ? -2.810  10.730  -3.310  1.00 6.77   ? 101 LEU A CA  1 
ATOM   580  C C   . LEU A 1 78  ? -2.626  11.106  -1.829  1.00 7.56   ? 101 LEU A C   1 
ATOM   581  O O   . LEU A 1 78  ? -1.532  11.480  -1.374  1.00 5.97   ? 101 LEU A O   1 
ATOM   582  C CB  . LEU A 1 78  ? -2.059  9.458   -3.657  1.00 5.69   ? 101 LEU A CB  1 
ATOM   583  C CG  . LEU A 1 78  ? -2.803  8.131   -3.701  1.00 8.97   ? 101 LEU A CG  1 
ATOM   584  C CD1 . LEU A 1 78  ? -4.131  8.248   -4.489  1.00 6.39   ? 101 LEU A CD1 1 
ATOM   585  C CD2 . LEU A 1 78  ? -1.853  7.100   -4.333  1.00 4.88   ? 101 LEU A CD2 1 
ATOM   586  N N   . THR A 1 79  ? -3.721  11.025  -1.089  1.00 7.66   ? 102 THR A N   1 
ATOM   587  C CA  . THR A 1 79  ? -3.719  11.317  0.332   1.00 9.24   ? 102 THR A CA  1 
ATOM   588  C C   . THR A 1 79  ? -3.988  10.027  1.104   1.00 8.79   ? 102 THR A C   1 
ATOM   589  O O   . THR A 1 79  ? -3.579  9.868   2.267   1.00 8.35   ? 102 THR A O   1 
ATOM   590  C CB  . THR A 1 79  ? -4.800  12.368  0.651   1.00 9.82   ? 102 THR A CB  1 
ATOM   591  O OG1 . THR A 1 79  ? -4.222  13.674  0.526   1.00 13.52  ? 102 THR A OG1 1 
ATOM   592  C CG2 . THR A 1 79  ? -5.311  12.224  2.020   1.00 11.78  ? 102 THR A CG2 1 
ATOM   593  N N   . ILE A 1 80  ? -4.667  9.098   0.446   1.00 7.82   ? 103 ILE A N   1 
ATOM   594  C CA  . ILE A 1 80  ? -4.997  7.821   1.056   1.00 7.62   ? 103 ILE A CA  1 
ATOM   595  C C   . ILE A 1 80  ? -4.676  6.646   0.122   1.00 7.88   ? 103 ILE A C   1 
ATOM   596  O O   . ILE A 1 80  ? -5.184  6.566   -1.011  1.00 7.30   ? 103 ILE A O   1 
ATOM   597  C CB  . ILE A 1 80  ? -6.498  7.776   1.398   1.00 7.88   ? 103 ILE A CB  1 
ATOM   598  C CG1 . ILE A 1 80  ? -6.826  8.864   2.419   1.00 8.51   ? 103 ILE A CG1 1 
ATOM   599  C CG2 . ILE A 1 80  ? -6.882  6.381   1.903   1.00 8.06   ? 103 ILE A CG2 1 
ATOM   600  C CD1 . ILE A 1 80  ? -8.346  9.033   2.701   1.00 5.03   ? 103 ILE A CD1 1 
ATOM   601  N N   . LEU A 1 81  ? -3.823  5.743   0.582   1.00 7.28   ? 104 LEU A N   1 
ATOM   602  C CA  . LEU A 1 81  ? -3.474  4.558   -0.204  1.00 7.78   ? 104 LEU A CA  1 
ATOM   603  C C   . LEU A 1 81  ? -3.670  3.275   0.637   1.00 7.61   ? 104 LEU A C   1 
ATOM   604  O O   . LEU A 1 81  ? -2.905  3.008   1.573   1.00 7.58   ? 104 LEU A O   1 
ATOM   605  C CB  . LEU A 1 81  ? -2.022  4.659   -0.715  1.00 6.87   ? 104 LEU A CB  1 
ATOM   606  C CG  . LEU A 1 81  ? -1.512  3.444   -1.511  1.00 5.80   ? 104 LEU A CG  1 
ATOM   607  C CD1 . LEU A 1 81  ? -2.467  3.097   -2.641  1.00 5.71   ? 104 LEU A CD1 1 
ATOM   608  C CD2 . LEU A 1 81  ? -0.119  3.731   -2.063  1.00 5.32   ? 104 LEU A CD2 1 
ATOM   609  N N   . TYR A 1 82  ? -4.699  2.496   0.300   1.00 6.96   ? 105 TYR A N   1 
ATOM   610  C CA  . TYR A 1 82  ? -5.015  1.262   1.020   1.00 6.96   ? 105 TYR A CA  1 
ATOM   611  C C   . TYR A 1 82  ? -4.637  0.038   0.205   1.00 8.23   ? 105 TYR A C   1 
ATOM   612  O O   . TYR A 1 82  ? -5.179  -0.170  -0.887  1.00 9.42   ? 105 TYR A O   1 
ATOM   613  C CB  . TYR A 1 82  ? -6.527  1.204   1.344   1.00 6.18   ? 105 TYR A CB  1 
ATOM   614  C CG  . TYR A 1 82  ? -6.980  2.174   2.432   1.00 6.11   ? 105 TYR A CG  1 
ATOM   615  C CD1 . TYR A 1 82  ? -8.337  2.497   2.616   1.00 7.55   ? 105 TYR A CD1 1 
ATOM   616  C CD2 . TYR A 1 82  ? -6.054  2.773   3.272   1.00 6.56   ? 105 TYR A CD2 1 
ATOM   617  C CE1 . TYR A 1 82  ? -8.742  3.404   3.621   1.00 6.90   ? 105 TYR A CE1 1 
ATOM   618  C CE2 . TYR A 1 82  ? -6.444  3.676   4.266   1.00 8.13   ? 105 TYR A CE2 1 
ATOM   619  C CZ  . TYR A 1 82  ? -7.777  3.996   4.439   1.00 6.74   ? 105 TYR A CZ  1 
ATOM   620  O OH  . TYR A 1 82  ? -8.096  4.947   5.400   1.00 7.91   ? 105 TYR A OH  1 
ATOM   621  N N   . LEU A 1 83  ? -3.736  -0.790  0.737   1.00 7.52   ? 106 LEU A N   1 
ATOM   622  C CA  . LEU A 1 83  ? -3.298  -2.001  0.038   1.00 6.45   ? 106 LEU A CA  1 
ATOM   623  C C   . LEU A 1 83  ? -3.385  -3.192  0.965   1.00 7.24   ? 106 LEU A C   1 
ATOM   624  O O   . LEU A 1 83  ? -2.752  -4.220  0.714   1.00 7.46   ? 106 LEU A O   1 
ATOM   625  C CB  . LEU A 1 83  ? -1.839  -1.865  -0.414  1.00 4.99   ? 106 LEU A CB  1 
ATOM   626  C CG  . LEU A 1 83  ? -1.495  -0.699  -1.320  1.00 5.74   ? 106 LEU A CG  1 
ATOM   627  C CD1 . LEU A 1 83  ? 0.020   -0.524  -1.400  1.00 5.27   ? 106 LEU A CD1 1 
ATOM   628  C CD2 . LEU A 1 83  ? -2.084  -0.974  -2.700  1.00 7.16   ? 106 LEU A CD2 1 
ATOM   629  N N   . HIS A 1 84  ? -4.162  -3.065  2.040   1.00 8.32   ? 107 HIS A N   1 
ATOM   630  C CA  . HIS A 1 84  ? -4.256  -4.141  3.016   1.00 8.30   ? 107 HIS A CA  1 
ATOM   631  C C   . HIS A 1 84  ? -5.158  -5.306  2.618   1.00 9.35   ? 107 HIS A C   1 
ATOM   632  O O   . HIS A 1 84  ? -6.025  -5.196  1.748   1.00 7.74   ? 107 HIS A O   1 
ATOM   633  C CB  . HIS A 1 84  ? -4.684  -3.584  4.380   1.00 8.75   ? 107 HIS A CB  1 
ATOM   634  C CG  . HIS A 1 84  ? -6.026  -2.909  4.377   1.00 10.34  ? 107 HIS A CG  1 
ATOM   635  N ND1 . HIS A 1 84  ? -6.289  -1.764  3.649   1.00 10.00  ? 107 HIS A ND1 1 
ATOM   636  C CD2 . HIS A 1 84  ? -7.166  -3.185  5.061   1.00 10.02  ? 107 HIS A CD2 1 
ATOM   637  C CE1 . HIS A 1 84  ? -7.525  -1.359  3.892   1.00 9.11   ? 107 HIS A CE1 1 
ATOM   638  N NE2 . HIS A 1 84  ? -8.079  -2.204  4.744   1.00 10.46  ? 107 HIS A NE2 1 
ATOM   639  N N   . GLU A 1 85  ? -4.916  -6.439  3.260   1.00 10.32  ? 108 GLU A N   1 
ATOM   640  C CA  . GLU A 1 85  ? -5.689  -7.650  3.016   1.00 12.19  ? 108 GLU A CA  1 
ATOM   641  C C   . GLU A 1 85  ? -5.511  -8.144  1.586   1.00 10.25  ? 108 GLU A C   1 
ATOM   642  O O   . GLU A 1 85  ? -6.473  -8.344  0.845   1.00 9.12   ? 108 GLU A O   1 
ATOM   643  C CB  . GLU A 1 85  ? -7.183  -7.413  3.319   1.00 14.77  ? 108 GLU A CB  1 
ATOM   644  C CG  . GLU A 1 85  ? -7.454  -6.973  4.758   1.00 19.93  ? 108 GLU A CG  1 
ATOM   645  C CD  . GLU A 1 85  ? -8.407  -7.900  5.486   1.00 22.56  ? 108 GLU A CD  1 
ATOM   646  O OE1 . GLU A 1 85  ? -9.445  -8.253  4.870   1.00 25.94  ? 108 GLU A OE1 1 
ATOM   647  O OE2 . GLU A 1 85  ? -8.133  -8.253  6.664   1.00 21.70  ? 108 GLU A OE2 1 
ATOM   648  N N   . ASN A 1 86  ? -4.256  -8.313  1.205   1.00 9.77   ? 109 ASN A N   1 
ATOM   649  C CA  . ASN A 1 86  ? -3.930  -8.825  -0.107  1.00 9.79   ? 109 ASN A CA  1 
ATOM   650  C C   . ASN A 1 86  ? -2.909  -9.911  0.146   1.00 10.82  ? 109 ASN A C   1 
ATOM   651  O O   . ASN A 1 86  ? -2.889  -10.474 1.253   1.00 11.93  ? 109 ASN A O   1 
ATOM   652  C CB  . ASN A 1 86  ? -3.385  -7.705  -0.995  1.00 8.45   ? 109 ASN A CB  1 
ATOM   653  C CG  . ASN A 1 86  ? -4.481  -7.041  -1.799  1.00 6.41   ? 109 ASN A CG  1 
ATOM   654  O OD1 . ASN A 1 86  ? -5.029  -7.639  -2.726  1.00 6.95   ? 109 ASN A OD1 1 
ATOM   655  N ND2 . ASN A 1 86  ? -4.821  -5.816  -1.445  1.00 4.98   ? 109 ASN A ND2 1 
ATOM   656  N N   . LYS A 1 87  ? -2.064  -10.196 -0.844  1.00 11.59  ? 110 LYS A N   1 
ATOM   657  C CA  . LYS A 1 87  ? -1.040  -11.241 -0.722  1.00 11.08  ? 110 LYS A CA  1 
ATOM   658  C C   . LYS A 1 87  ? 0.361   -10.734 -1.130  1.00 11.12  ? 110 LYS A C   1 
ATOM   659  O O   . LYS A 1 87  ? 1.186   -11.491 -1.647  1.00 9.41   ? 110 LYS A O   1 
ATOM   660  C CB  . LYS A 1 87  ? -1.424  -12.427 -1.614  1.00 11.47  ? 110 LYS A CB  1 
ATOM   661  C CG  . LYS A 1 87  ? -2.781  -13.037 -1.312  1.00 12.02  ? 110 LYS A CG  1 
ATOM   662  C CD  . LYS A 1 87  ? -2.807  -13.661 0.075   1.00 15.58  ? 110 LYS A CD  1 
ATOM   663  C CE  . LYS A 1 87  ? -4.064  -14.521 0.262   1.00 18.27  ? 110 LYS A CE  1 
ATOM   664  N NZ  . LYS A 1 87  ? -4.087  -15.623 -0.775  1.00 19.14  ? 110 LYS A NZ  1 
ATOM   665  N N   . LEU A 1 88  ? 0.626   -9.454  -0.904  1.00 10.23  ? 111 LEU A N   1 
ATOM   666  C CA  . LEU A 1 88  ? 1.903   -8.886  -1.280  1.00 11.60  ? 111 LEU A CA  1 
ATOM   667  C C   . LEU A 1 88  ? 3.110   -9.590  -0.647  1.00 13.23  ? 111 LEU A C   1 
ATOM   668  O O   . LEU A 1 88  ? 3.200   -9.734  0.582   1.00 12.22  ? 111 LEU A O   1 
ATOM   669  C CB  . LEU A 1 88  ? 1.927   -7.399  -0.928  1.00 11.36  ? 111 LEU A CB  1 
ATOM   670  C CG  . LEU A 1 88  ? 0.887   -6.551  -1.666  1.00 12.62  ? 111 LEU A CG  1 
ATOM   671  C CD1 . LEU A 1 88  ? 0.959   -5.094  -1.155  1.00 10.53  ? 111 LEU A CD1 1 
ATOM   672  C CD2 . LEU A 1 88  ? 1.119   -6.655  -3.200  1.00 11.19  ? 111 LEU A CD2 1 
ATOM   673  N N   . GLN A 1 89  ? 4.044   -10.015 -1.490  1.00 13.76  ? 112 GLN A N   1 
ATOM   674  C CA  . GLN A 1 89  ? 5.240   -10.687 -1.000  1.00 16.52  ? 112 GLN A CA  1 
ATOM   675  C C   . GLN A 1 89  ? 6.446   -9.766  -1.033  1.00 16.11  ? 112 GLN A C   1 
ATOM   676  O O   . GLN A 1 89  ? 7.507   -10.122 -0.571  1.00 17.53  ? 112 GLN A O   1 
ATOM   677  C CB  . GLN A 1 89  ? 5.528   -11.943 -1.824  1.00 19.52  ? 112 GLN A CB  1 
ATOM   678  C CG  . GLN A 1 89  ? 4.364   -12.913 -1.847  1.00 24.08  ? 112 GLN A CG  1 
ATOM   679  C CD  . GLN A 1 89  ? 4.674   -14.208 -2.580  1.00 28.17  ? 112 GLN A CD  1 
ATOM   680  O OE1 . GLN A 1 89  ? 3.876   -15.144 -2.559  1.00 30.76  ? 112 GLN A OE1 1 
ATOM   681  N NE2 . GLN A 1 89  ? 5.830   -14.266 -3.239  1.00 30.95  ? 112 GLN A NE2 1 
ATOM   682  N N   . SER A 1 90  ? 6.288   -8.577  -1.587  1.00 15.15  ? 113 SER A N   1 
ATOM   683  C CA  . SER A 1 90  ? 7.391   -7.631  -1.621  1.00 14.67  ? 113 SER A CA  1 
ATOM   684  C C   . SER A 1 90  ? 6.944   -6.296  -2.207  1.00 12.63  ? 113 SER A C   1 
ATOM   685  O O   . SER A 1 90  ? 5.904   -6.202  -2.844  1.00 13.37  ? 113 SER A O   1 
ATOM   686  C CB  . SER A 1 90  ? 8.574   -8.199  -2.430  1.00 13.85  ? 113 SER A CB  1 
ATOM   687  O OG  . SER A 1 90  ? 8.376   -8.025  -3.822  1.00 17.43  ? 113 SER A OG  1 
ATOM   688  N N   . LEU A 1 91  ? 7.734   -5.260  -1.984  1.00 11.89  ? 114 LEU A N   1 
ATOM   689  C CA  . LEU A 1 91  ? 7.418   -3.945  -2.511  1.00 11.15  ? 114 LEU A CA  1 
ATOM   690  C C   . LEU A 1 91  ? 8.550   -3.458  -3.426  1.00 10.60  ? 114 LEU A C   1 
ATOM   691  O O   . LEU A 1 91  ? 9.729   -3.627  -3.116  1.00 12.15  ? 114 LEU A O   1 
ATOM   692  C CB  . LEU A 1 91  ? 7.211   -2.962  -1.347  1.00 10.21  ? 114 LEU A CB  1 
ATOM   693  C CG  . LEU A 1 91  ? 6.114   -3.271  -0.321  1.00 9.63   ? 114 LEU A CG  1 
ATOM   694  C CD1 . LEU A 1 91  ? 6.018   -2.137  0.703   1.00 10.00  ? 114 LEU A CD1 1 
ATOM   695  C CD2 . LEU A 1 91  ? 4.793   -3.433  -1.022  1.00 7.84   ? 114 LEU A CD2 1 
ATOM   696  N N   . PRO A 1 92  ? 8.207   -2.854  -4.571  1.00 10.41  ? 115 PRO A N   1 
ATOM   697  C CA  . PRO A 1 92  ? 9.245   -2.359  -5.492  1.00 9.46   ? 115 PRO A CA  1 
ATOM   698  C C   . PRO A 1 92  ? 10.013  -1.200  -4.858  1.00 9.15   ? 115 PRO A C   1 
ATOM   699  O O   . PRO A 1 92  ? 9.450   -0.418  -4.089  1.00 7.22   ? 115 PRO A O   1 
ATOM   700  C CB  . PRO A 1 92  ? 8.444   -1.887  -6.720  1.00 9.29   ? 115 PRO A CB  1 
ATOM   701  C CG  . PRO A 1 92  ? 7.127   -2.613  -6.615  1.00 7.91   ? 115 PRO A CG  1 
ATOM   702  C CD  . PRO A 1 92  ? 6.857   -2.633  -5.122  1.00 9.32   ? 115 PRO A CD  1 
ATOM   703  N N   . ASN A 1 93  ? 11.305  -1.108  -5.171  1.00 10.54  ? 116 ASN A N   1 
ATOM   704  C CA  . ASN A 1 93  ? 12.160  -0.026  -4.660  1.00 10.67  ? 116 ASN A CA  1 
ATOM   705  C C   . ASN A 1 93  ? 11.487  1.305   -4.912  1.00 10.28  ? 116 ASN A C   1 
ATOM   706  O O   . ASN A 1 93  ? 11.033  1.566   -6.021  1.00 10.61  ? 116 ASN A O   1 
ATOM   707  C CB  . ASN A 1 93  ? 13.490  0.008   -5.405  1.00 13.67  ? 116 ASN A CB  1 
ATOM   708  C CG  . ASN A 1 93  ? 14.579  -0.760  -4.709  1.00 15.70  ? 116 ASN A CG  1 
ATOM   709  O OD1 . ASN A 1 93  ? 14.393  -1.902  -4.309  1.00 17.69  ? 116 ASN A OD1 1 
ATOM   710  N ND2 . ASN A 1 93  ? 15.745  -0.140  -4.584  1.00 19.17  ? 116 ASN A ND2 1 
ATOM   711  N N   . GLY A 1 94  ? 11.438  2.151   -3.891  1.00 10.57  ? 117 GLY A N   1 
ATOM   712  C CA  . GLY A 1 94  ? 10.820  3.457   -4.036  1.00 10.43  ? 117 GLY A CA  1 
ATOM   713  C C   . GLY A 1 94  ? 9.421   3.564   -4.623  1.00 9.16   ? 117 GLY A C   1 
ATOM   714  O O   . GLY A 1 94  ? 9.100   4.596   -5.195  1.00 11.36  ? 117 GLY A O   1 
ATOM   715  N N   . VAL A 1 95  ? 8.572   2.558   -4.480  1.00 7.96   ? 118 VAL A N   1 
ATOM   716  C CA  . VAL A 1 95  ? 7.225   2.680   -5.047  1.00 8.19   ? 118 VAL A CA  1 
ATOM   717  C C   . VAL A 1 95  ? 6.381   3.792   -4.500  1.00 6.80   ? 118 VAL A C   1 
ATOM   718  O O   . VAL A 1 95  ? 5.397   4.162   -5.126  1.00 6.45   ? 118 VAL A O   1 
ATOM   719  C CB  . VAL A 1 95  ? 6.324   1.422   -4.871  1.00 9.11   ? 118 VAL A CB  1 
ATOM   720  C CG1 . VAL A 1 95  ? 6.493   0.517   -6.026  1.00 11.47  ? 118 VAL A CG1 1 
ATOM   721  C CG2 . VAL A 1 95  ? 6.588   0.750   -3.540  1.00 7.25   ? 118 VAL A CG2 1 
ATOM   722  N N   . PHE A 1 96  ? 6.731   4.297   -3.328  1.00 7.10   ? 119 PHE A N   1 
ATOM   723  C CA  . PHE A 1 96  ? 5.958   5.377   -2.707  1.00 7.52   ? 119 PHE A CA  1 
ATOM   724  C C   . PHE A 1 96  ? 6.661   6.736   -2.794  1.00 8.87   ? 119 PHE A C   1 
ATOM   725  O O   . PHE A 1 96  ? 6.166   7.726   -2.245  1.00 8.66   ? 119 PHE A O   1 
ATOM   726  C CB  . PHE A 1 96  ? 5.722   5.043   -1.228  1.00 5.63   ? 119 PHE A CB  1 
ATOM   727  C CG  . PHE A 1 96  ? 5.075   3.690   -0.999  1.00 4.73   ? 119 PHE A CG  1 
ATOM   728  C CD1 . PHE A 1 96  ? 5.612   2.788   -0.073  1.00 2.00   ? 119 PHE A CD1 1 
ATOM   729  C CD2 . PHE A 1 96  ? 3.883   3.342   -1.653  1.00 3.76   ? 119 PHE A CD2 1 
ATOM   730  C CE1 . PHE A 1 96  ? 4.978   1.576   0.211   1.00 1.15   ? 119 PHE A CE1 1 
ATOM   731  C CE2 . PHE A 1 96  ? 3.243   2.116   -1.367  1.00 1.15   ? 119 PHE A CE2 1 
ATOM   732  C CZ  . PHE A 1 96  ? 3.798   1.243   -0.431  1.00 1.36   ? 119 PHE A CZ  1 
ATOM   733  N N   . ASP A 1 97  ? 7.802   6.794   -3.479  1.00 9.20   ? 120 ASP A N   1 
ATOM   734  C CA  . ASP A 1 97  ? 8.571   8.040   -3.556  1.00 10.45  ? 120 ASP A CA  1 
ATOM   735  C C   . ASP A 1 97  ? 7.892   9.313   -4.058  1.00 10.94  ? 120 ASP A C   1 
ATOM   736  O O   . ASP A 1 97  ? 8.183   10.392  -3.549  1.00 12.44  ? 120 ASP A O   1 
ATOM   737  C CB  . ASP A 1 97  ? 9.880   7.817   -4.350  1.00 10.77  ? 120 ASP A CB  1 
ATOM   738  C CG  . ASP A 1 97  ? 10.920  7.057   -3.555  1.00 11.53  ? 120 ASP A CG  1 
ATOM   739  O OD1 . ASP A 1 97  ? 10.613  6.670   -2.403  1.00 13.31  ? 120 ASP A OD1 1 
ATOM   740  O OD2 . ASP A 1 97  ? 12.037  6.845   -4.066  1.00 12.71  ? 120 ASP A OD2 1 
ATOM   741  N N   . LYS A 1 98  ? 6.986   9.226   -5.021  1.00 10.84  ? 121 LYS A N   1 
ATOM   742  C CA  . LYS A 1 98  ? 6.375   10.458  -5.511  1.00 12.48  ? 121 LYS A CA  1 
ATOM   743  C C   . LYS A 1 98  ? 5.158   10.935  -4.723  1.00 12.22  ? 121 LYS A C   1 
ATOM   744  O O   . LYS A 1 98  ? 4.548   11.948  -5.083  1.00 10.66  ? 121 LYS A O   1 
ATOM   745  C CB  . LYS A 1 98  ? 5.970   10.305  -6.983  1.00 13.69  ? 121 LYS A CB  1 
ATOM   746  C CG  . LYS A 1 98  ? 7.070   9.798   -7.892  1.00 14.24  ? 121 LYS A CG  1 
ATOM   747  C CD  . LYS A 1 98  ? 8.212   10.756  -7.949  1.00 15.25  ? 121 LYS A CD  1 
ATOM   748  C CE  . LYS A 1 98  ? 9.281   10.205  -8.862  1.00 18.49  ? 121 LYS A CE  1 
ATOM   749  N NZ  . LYS A 1 98  ? 10.349  11.236  -9.104  1.00 24.44  ? 121 LYS A NZ  1 
ATOM   750  N N   . LEU A 1 99  ? 4.822   10.228  -3.643  1.00 11.85  ? 122 LEU A N   1 
ATOM   751  C CA  . LEU A 1 99  ? 3.619   10.546  -2.856  1.00 10.40  ? 122 LEU A CA  1 
ATOM   752  C C   . LEU A 1 99  ? 3.812   11.490  -1.675  1.00 10.47  ? 122 LEU A C   1 
ATOM   753  O O   . LEU A 1 99  ? 3.394   11.201  -0.558  1.00 9.44   ? 122 LEU A O   1 
ATOM   754  C CB  . LEU A 1 99  ? 2.983   9.229   -2.389  1.00 10.43  ? 122 LEU A CB  1 
ATOM   755  C CG  . LEU A 1 99  ? 2.854   8.195   -3.524  1.00 11.50  ? 122 LEU A CG  1 
ATOM   756  C CD1 . LEU A 1 99  ? 2.205   6.921   -2.983  1.00 11.65  ? 122 LEU A CD1 1 
ATOM   757  C CD2 . LEU A 1 99  ? 2.022   8.779   -4.678  1.00 9.94   ? 122 LEU A CD2 1 
ATOM   758  N N   . THR A 1 100 ? 4.414   12.641  -1.935  1.00 10.30  ? 123 THR A N   1 
ATOM   759  C CA  . THR A 1 100 ? 4.674   13.600  -0.893  1.00 10.58  ? 123 THR A CA  1 
ATOM   760  C C   . THR A 1 100 ? 3.480   14.083  -0.093  1.00 9.93   ? 123 THR A C   1 
ATOM   761  O O   . THR A 1 100 ? 3.684   14.709  0.929   1.00 11.36  ? 123 THR A O   1 
ATOM   762  C CB  . THR A 1 100 ? 5.408   14.841  -1.441  1.00 11.78  ? 123 THR A CB  1 
ATOM   763  O OG1 . THR A 1 100 ? 4.680   15.358  -2.558  1.00 11.38  ? 123 THR A OG1 1 
ATOM   764  C CG2 . THR A 1 100 ? 6.826   14.492  -1.872  1.00 12.09  ? 123 THR A CG2 1 
ATOM   765  N N   . GLN A 1 101 ? 2.253   13.815  -0.525  1.00 10.87  ? 124 GLN A N   1 
ATOM   766  C CA  . GLN A 1 101 ? 1.068   14.269  0.244   1.00 11.61  ? 124 GLN A CA  1 
ATOM   767  C C   . GLN A 1 101 ? 0.343   13.145  0.959   1.00 10.40  ? 124 GLN A C   1 
ATOM   768  O O   . GLN A 1 101 ? -0.620  13.377  1.668   1.00 11.71  ? 124 GLN A O   1 
ATOM   769  C CB  . GLN A 1 101 ? 0.043   14.952  -0.657  1.00 13.66  ? 124 GLN A CB  1 
ATOM   770  C CG  . GLN A 1 101 ? 0.406   16.336  -1.161  1.00 16.99  ? 124 GLN A CG  1 
ATOM   771  C CD  . GLN A 1 101 ? -0.720  16.907  -2.034  1.00 22.09  ? 124 GLN A CD  1 
ATOM   772  O OE1 . GLN A 1 101 ? -1.883  17.055  -1.578  1.00 22.95  ? 124 GLN A OE1 1 
ATOM   773  N NE2 . GLN A 1 101 ? -0.393  17.218  -3.299  1.00 23.57  ? 124 GLN A NE2 1 
ATOM   774  N N   . LEU A 1 102 ? 0.796   11.914  0.762   1.00 10.83  ? 125 LEU A N   1 
ATOM   775  C CA  . LEU A 1 102 ? 0.159   10.758  1.382   1.00 8.59   ? 125 LEU A CA  1 
ATOM   776  C C   . LEU A 1 102 ? 0.084   10.903  2.905   1.00 8.27   ? 125 LEU A C   1 
ATOM   777  O O   . LEU A 1 102 ? 1.103   11.151  3.563   1.00 8.58   ? 125 LEU A O   1 
ATOM   778  C CB  . LEU A 1 102 ? 0.952   9.506   1.038   1.00 8.71   ? 125 LEU A CB  1 
ATOM   779  C CG  . LEU A 1 102 ? 0.216   8.197   1.349   1.00 8.99   ? 125 LEU A CG  1 
ATOM   780  C CD1 . LEU A 1 102 ? -0.988  8.118   0.417   1.00 8.88   ? 125 LEU A CD1 1 
ATOM   781  C CD2 . LEU A 1 102 ? 1.128   6.987   1.133   1.00 5.59   ? 125 LEU A CD2 1 
ATOM   782  N N   . LYS A 1 103 ? -1.122  10.745  3.447   1.00 7.22   ? 126 LYS A N   1 
ATOM   783  C CA  . LYS A 1 103 ? -1.378  10.819  4.879   1.00 6.41   ? 126 LYS A CA  1 
ATOM   784  C C   . LYS A 1 103 ? -1.581  9.434   5.468   1.00 6.54   ? 126 LYS A C   1 
ATOM   785  O O   . LYS A 1 103 ? -1.205  9.190   6.622   1.00 6.23   ? 126 LYS A O   1 
ATOM   786  C CB  . LYS A 1 103 ? -2.625  11.643  5.176   1.00 6.23   ? 126 LYS A CB  1 
ATOM   787  C CG  . LYS A 1 103 ? -2.504  13.171  4.928   1.00 10.66  ? 126 LYS A CG  1 
ATOM   788  C CD  . LYS A 1 103 ? -3.831  13.857  5.337   1.00 11.41  ? 126 LYS A CD  1 
ATOM   789  C CE  . LYS A 1 103 ? -4.034  15.182  4.635   1.00 15.03  ? 126 LYS A CE  1 
ATOM   790  N NZ  . LYS A 1 103 ? -3.106  16.213  5.177   1.00 19.16  ? 126 LYS A NZ  1 
ATOM   791  N N   . GLU A 1 104 ? -2.227  8.557   4.692   1.00 6.77   ? 127 GLU A N   1 
ATOM   792  C CA  . GLU A 1 104 ? -2.511  7.185   5.113   1.00 8.85   ? 127 GLU A CA  1 
ATOM   793  C C   . GLU A 1 104 ? -2.068  6.114   4.112   1.00 7.72   ? 127 GLU A C   1 
ATOM   794  O O   . GLU A 1 104 ? -2.402  6.177   2.940   1.00 6.66   ? 127 GLU A O   1 
ATOM   795  C CB  . GLU A 1 104 ? -4.008  6.989   5.381   1.00 9.97   ? 127 GLU A CB  1 
ATOM   796  C CG  . GLU A 1 104 ? -4.605  7.890   6.493   1.00 13.55  ? 127 GLU A CG  1 
ATOM   797  C CD  . GLU A 1 104 ? -6.128  7.742   6.610   1.00 15.55  ? 127 GLU A CD  1 
ATOM   798  O OE1 . GLU A 1 104 ? -6.644  6.597   6.581   1.00 14.76  ? 127 GLU A OE1 1 
ATOM   799  O OE2 . GLU A 1 104 ? -6.808  8.780   6.739   1.00 18.05  ? 127 GLU A OE2 1 
ATOM   800  N N   . LEU A 1 105 ? -1.352  5.115   4.621   1.00 7.25   ? 128 LEU A N   1 
ATOM   801  C CA  . LEU A 1 105 ? -0.867  4.001   3.844   1.00 6.32   ? 128 LEU A CA  1 
ATOM   802  C C   . LEU A 1 105 ? -1.117  2.710   4.634   1.00 5.83   ? 128 LEU A C   1 
ATOM   803  O O   . LEU A 1 105 ? -0.497  2.487   5.666   1.00 6.58   ? 128 LEU A O   1 
ATOM   804  C CB  . LEU A 1 105 ? 0.633   4.171   3.597   1.00 6.47   ? 128 LEU A CB  1 
ATOM   805  C CG  . LEU A 1 105 ? 1.342   2.952   3.007   1.00 6.19   ? 128 LEU A CG  1 
ATOM   806  C CD1 . LEU A 1 105 ? 0.762   2.627   1.637   1.00 6.54   ? 128 LEU A CD1 1 
ATOM   807  C CD2 . LEU A 1 105 ? 2.841   3.253   2.901   1.00 4.92   ? 128 LEU A CD2 1 
ATOM   808  N N   . ALA A 1 106 ? -2.026  1.862   4.167   1.00 4.18   ? 129 ALA A N   1 
ATOM   809  C CA  . ALA A 1 106 ? -2.299  0.613   4.870   1.00 5.73   ? 129 ALA A CA  1 
ATOM   810  C C   . ALA A 1 106 ? -1.686  -0.579  4.128   1.00 6.92   ? 129 ALA A C   1 
ATOM   811  O O   . ALA A 1 106 ? -2.003  -0.829  2.938   1.00 5.16   ? 129 ALA A O   1 
ATOM   812  C CB  . ALA A 1 106 ? -3.822  0.407   5.044   1.00 4.56   ? 129 ALA A CB  1 
ATOM   813  N N   . LEU A 1 107 ? -0.816  -1.310  4.833   1.00 7.86   ? 130 LEU A N   1 
ATOM   814  C CA  . LEU A 1 107 ? -0.138  -2.484  4.255   1.00 9.26   ? 130 LEU A CA  1 
ATOM   815  C C   . LEU A 1 107 ? -0.283  -3.726  5.110   1.00 10.18  ? 130 LEU A C   1 
ATOM   816  O O   . LEU A 1 107 ? 0.450   -4.727  4.904   1.00 10.92  ? 130 LEU A O   1 
ATOM   817  C CB  . LEU A 1 107 ? 1.368   -2.217  4.073   1.00 9.20   ? 130 LEU A CB  1 
ATOM   818  C CG  . LEU A 1 107 ? 1.830   -1.278  2.952   1.00 9.22   ? 130 LEU A CG  1 
ATOM   819  C CD1 . LEU A 1 107 ? 3.292   -0.892  3.161   1.00 7.66   ? 130 LEU A CD1 1 
ATOM   820  C CD2 . LEU A 1 107 ? 1.645   -1.955  1.624   1.00 6.54   ? 130 LEU A CD2 1 
ATOM   821  N N   . ASP A 1 108 ? -1.208  -3.680  6.065   1.00 9.06   ? 131 ASP A N   1 
ATOM   822  C CA  . ASP A 1 108 ? -1.396  -4.813  6.961   1.00 9.49   ? 131 ASP A CA  1 
ATOM   823  C C   . ASP A 1 108 ? -2.088  -6.004  6.296   1.00 9.16   ? 131 ASP A C   1 
ATOM   824  O O   . ASP A 1 108 ? -2.713  -5.870  5.238   1.00 9.39   ? 131 ASP A O   1 
ATOM   825  C CB  . ASP A 1 108 ? -2.206  -4.385  8.180   1.00 7.82   ? 131 ASP A CB  1 
ATOM   826  C CG  . ASP A 1 108 ? -3.607  -4.007  7.815   1.00 7.93   ? 131 ASP A CG  1 
ATOM   827  O OD1 . ASP A 1 108 ? -3.858  -2.811  7.500   1.00 8.09   ? 131 ASP A OD1 1 
ATOM   828  O OD2 . ASP A 1 108 ? -4.452  -4.917  7.826   1.00 6.77   ? 131 ASP A OD2 1 
ATOM   829  N N   . THR A 1 109 ? -1.972  -7.161  6.939   1.00 8.57   ? 132 THR A N   1 
ATOM   830  C CA  . THR A 1 109 ? -2.592  -8.398  6.466   1.00 7.63   ? 132 THR A CA  1 
ATOM   831  C C   . THR A 1 109 ? -2.180  -8.738  5.022   1.00 8.73   ? 132 THR A C   1 
ATOM   832  O O   . THR A 1 109 ? -3.006  -8.761  4.093   1.00 10.08  ? 132 THR A O   1 
ATOM   833  C CB  . THR A 1 109 ? -4.147  -8.311  6.577   1.00 7.47   ? 132 THR A CB  1 
ATOM   834  O OG1 . THR A 1 109 ? -4.502  -7.688  7.818   1.00 6.13   ? 132 THR A OG1 1 
ATOM   835  C CG2 . THR A 1 109 ? -4.781  -9.703  6.548   1.00 5.16   ? 132 THR A CG2 1 
ATOM   836  N N   . ASN A 1 110 ? -0.892  -8.990  4.843   1.00 7.54   ? 133 ASN A N   1 
ATOM   837  C CA  . ASN A 1 110 ? -0.346  -9.352  3.544   1.00 7.01   ? 133 ASN A CA  1 
ATOM   838  C C   . ASN A 1 110 ? 0.661   -10.445 3.833   1.00 6.82   ? 133 ASN A C   1 
ATOM   839  O O   . ASN A 1 110 ? 0.578   -11.092 4.888   1.00 7.03   ? 133 ASN A O   1 
ATOM   840  C CB  . ASN A 1 110 ? 0.340   -8.142  2.916   1.00 7.04   ? 133 ASN A CB  1 
ATOM   841  C CG  . ASN A 1 110 ? -0.591  -7.353  2.030   1.00 8.63   ? 133 ASN A CG  1 
ATOM   842  O OD1 . ASN A 1 110 ? -1.061  -7.857  1.006   1.00 7.75   ? 133 ASN A OD1 1 
ATOM   843  N ND2 . ASN A 1 110 ? -0.878  -6.109  2.419   1.00 8.90   ? 133 ASN A ND2 1 
ATOM   844  N N   . GLN A 1 111 ? 1.620   -10.657 2.941   1.00 7.98   ? 134 GLN A N   1 
ATOM   845  C CA  . GLN A 1 111 ? 2.637   -11.689 3.198   1.00 10.09  ? 134 GLN A CA  1 
ATOM   846  C C   . GLN A 1 111 ? 4.032   -11.088 3.091   1.00 10.11  ? 134 GLN A C   1 
ATOM   847  O O   . GLN A 1 111 ? 4.951   -11.689 2.524   1.00 11.76  ? 134 GLN A O   1 
ATOM   848  C CB  . GLN A 1 111 ? 2.468   -12.865 2.225   1.00 11.29  ? 134 GLN A CB  1 
ATOM   849  C CG  . GLN A 1 111 ? 1.088   -13.530 2.306   1.00 14.56  ? 134 GLN A CG  1 
ATOM   850  C CD  . GLN A 1 111 ? 0.886   -14.664 1.280   1.00 20.01  ? 134 GLN A CD  1 
ATOM   851  O OE1 . GLN A 1 111 ? -0.146  -15.365 1.300   1.00 23.02  ? 134 GLN A OE1 1 
ATOM   852  N NE2 . GLN A 1 111 ? 1.860   -14.848 0.381   1.00 19.36  ? 134 GLN A NE2 1 
ATOM   853  N N   . LEU A 1 112 ? 4.195   -9.898  3.661   1.00 9.12   ? 135 LEU A N   1 
ATOM   854  C CA  . LEU A 1 112 ? 5.476   -9.209  3.598   1.00 8.54   ? 135 LEU A CA  1 
ATOM   855  C C   . LEU A 1 112 ? 6.465   -9.676  4.645   1.00 8.93   ? 135 LEU A C   1 
ATOM   856  O O   . LEU A 1 112 ? 6.148   -9.741  5.834   1.00 7.71   ? 135 LEU A O   1 
ATOM   857  C CB  . LEU A 1 112 ? 5.273   -7.705  3.741   1.00 6.83   ? 135 LEU A CB  1 
ATOM   858  C CG  . LEU A 1 112 ? 4.530   -6.993  2.613   1.00 7.30   ? 135 LEU A CG  1 
ATOM   859  C CD1 . LEU A 1 112 ? 4.173   -5.580  3.099   1.00 8.95   ? 135 LEU A CD1 1 
ATOM   860  C CD2 . LEU A 1 112 ? 5.372   -6.937  1.334   1.00 5.88   ? 135 LEU A CD2 1 
ATOM   861  N N   . LYS A 1 113 ? 7.670   -10.001 4.189   1.00 8.56   ? 136 LYS A N   1 
ATOM   862  C CA  . LYS A 1 113 ? 8.737   -10.430 5.086   1.00 9.28   ? 136 LYS A CA  1 
ATOM   863  C C   . LYS A 1 113 ? 9.668   -9.252  5.350   1.00 7.84   ? 136 LYS A C   1 
ATOM   864  O O   . LYS A 1 113 ? 10.272  -9.146  6.421   1.00 8.50   ? 136 LYS A O   1 
ATOM   865  C CB  . LYS A 1 113 ? 9.529   -11.588 4.467   1.00 10.29  ? 136 LYS A CB  1 
ATOM   866  C CG  . LYS A 1 113 ? 8.782   -12.940 4.490   1.00 11.13  ? 136 LYS A CG  1 
ATOM   867  C CD  . LYS A 1 113 ? 9.571   -14.020 3.736   1.00 13.18  ? 136 LYS A CD  1 
ATOM   868  C CE  . LYS A 1 113 ? 9.012   -15.416 3.998   1.00 14.62  ? 136 LYS A CE  1 
ATOM   869  N NZ  . LYS A 1 113 ? 7.501   -15.464 3.974   1.00 15.86  ? 136 LYS A NZ  1 
ATOM   870  N N   . SER A 1 114 ? 9.760   -8.356  4.383   1.00 7.64   ? 137 SER A N   1 
ATOM   871  C CA  . SER A 1 114 ? 10.644  -7.201  4.498   1.00 9.36   ? 137 SER A CA  1 
ATOM   872  C C   . SER A 1 114 ? 10.198  -6.105  3.532   1.00 10.01  ? 137 SER A C   1 
ATOM   873  O O   . SER A 1 114 ? 9.302   -6.311  2.713   1.00 12.72  ? 137 SER A O   1 
ATOM   874  C CB  . SER A 1 114 ? 12.042  -7.609  4.095   1.00 9.47   ? 137 SER A CB  1 
ATOM   875  O OG  . SER A 1 114 ? 12.044  -7.801  2.685   1.00 12.81  ? 137 SER A OG  1 
ATOM   876  N N   . VAL A 1 115 ? 10.834  -4.946  3.620   1.00 9.40   ? 138 VAL A N   1 
ATOM   877  C CA  . VAL A 1 115 ? 10.540  -3.839  2.717   1.00 8.95   ? 138 VAL A CA  1 
ATOM   878  C C   . VAL A 1 115 ? 11.887  -3.291  2.280   1.00 9.48   ? 138 VAL A C   1 
ATOM   879  O O   . VAL A 1 115 ? 12.891  -3.505  2.949   1.00 10.50  ? 138 VAL A O   1 
ATOM   880  C CB  . VAL A 1 115 ? 9.749   -2.681  3.400   1.00 8.34   ? 138 VAL A CB  1 
ATOM   881  C CG1 . VAL A 1 115 ? 8.304   -3.098  3.669   1.00 8.06   ? 138 VAL A CG1 1 
ATOM   882  C CG2 . VAL A 1 115 ? 10.457  -2.231  4.661   1.00 5.88   ? 138 VAL A CG2 1 
ATOM   883  N N   . PRO A 1 116 ? 11.941  -2.625  1.117   1.00 10.20  ? 139 PRO A N   1 
ATOM   884  C CA  . PRO A 1 116 ? 13.235  -2.065  0.672   1.00 10.54  ? 139 PRO A CA  1 
ATOM   885  C C   . PRO A 1 116 ? 13.714  -0.966  1.648   1.00 10.67  ? 139 PRO A C   1 
ATOM   886  O O   . PRO A 1 116 ? 12.900  -0.278  2.264   1.00 9.53   ? 139 PRO A O   1 
ATOM   887  C CB  . PRO A 1 116 ? 12.896  -1.497  -0.713  1.00 10.07  ? 139 PRO A CB  1 
ATOM   888  C CG  . PRO A 1 116 ? 11.841  -2.477  -1.219  1.00 8.13   ? 139 PRO A CG  1 
ATOM   889  C CD  . PRO A 1 116 ? 10.963  -2.673  0.009   1.00 9.06   ? 139 PRO A CD  1 
ATOM   890  N N   . ASP A 1 117 ? 15.022  -0.800  1.792   1.00 11.24  ? 140 ASP A N   1 
ATOM   891  C CA  . ASP A 1 117 ? 15.560  0.221   2.684   1.00 12.32  ? 140 ASP A CA  1 
ATOM   892  C C   . ASP A 1 117 ? 15.067  1.605   2.227   1.00 12.80  ? 140 ASP A C   1 
ATOM   893  O O   . ASP A 1 117 ? 14.970  1.880   1.028   1.00 13.46  ? 140 ASP A O   1 
ATOM   894  C CB  . ASP A 1 117 ? 17.107  0.198   2.676   1.00 13.65  ? 140 ASP A CB  1 
ATOM   895  C CG  . ASP A 1 117 ? 17.711  -1.077  3.327   1.00 17.63  ? 140 ASP A CG  1 
ATOM   896  O OD1 . ASP A 1 117 ? 17.020  -1.782  4.108   1.00 18.47  ? 140 ASP A OD1 1 
ATOM   897  O OD2 . ASP A 1 117 ? 18.909  -1.370  3.063   1.00 17.13  ? 140 ASP A OD2 1 
ATOM   898  N N   . GLY A 1 118 ? 14.753  2.472   3.187   1.00 13.70  ? 141 GLY A N   1 
ATOM   899  C CA  . GLY A 1 118 ? 14.290  3.819   2.876   1.00 12.50  ? 141 GLY A CA  1 
ATOM   900  C C   . GLY A 1 118 ? 12.970  3.932   2.128   1.00 11.54  ? 141 GLY A C   1 
ATOM   901  O O   . GLY A 1 118 ? 12.683  4.953   1.511   1.00 11.61  ? 141 GLY A O   1 
ATOM   902  N N   . ILE A 1 119 ? 12.143  2.899   2.196   1.00 11.07  ? 142 ILE A N   1 
ATOM   903  C CA  . ILE A 1 119 ? 10.867  2.894   1.484   1.00 10.52  ? 142 ILE A CA  1 
ATOM   904  C C   . ILE A 1 119 ? 9.848   3.959   1.923   1.00 10.86  ? 142 ILE A C   1 
ATOM   905  O O   . ILE A 1 119 ? 8.987   4.347   1.148   1.00 9.93   ? 142 ILE A O   1 
ATOM   906  C CB  . ILE A 1 119 ? 10.210  1.525   1.611   1.00 10.65  ? 142 ILE A CB  1 
ATOM   907  C CG1 . ILE A 1 119 ? 8.992   1.421   0.698   1.00 9.98   ? 142 ILE A CG1 1 
ATOM   908  C CG2 . ILE A 1 119 ? 9.816   1.290   3.073   1.00 10.29  ? 142 ILE A CG2 1 
ATOM   909  C CD1 . ILE A 1 119 ? 9.318   1.018   -0.677  1.00 13.28  ? 142 ILE A CD1 1 
ATOM   910  N N   . PHE A 1 120 ? 9.943   4.432   3.159   1.00 11.19  ? 143 PHE A N   1 
ATOM   911  C CA  . PHE A 1 120 ? 8.997   5.426   3.643   1.00 11.10  ? 143 PHE A CA  1 
ATOM   912  C C   . PHE A 1 120 ? 9.607   6.821   3.810   1.00 12.15  ? 143 PHE A C   1 
ATOM   913  O O   . PHE A 1 120 ? 8.899   7.763   4.165   1.00 12.08  ? 143 PHE A O   1 
ATOM   914  C CB  . PHE A 1 120 ? 8.421   4.987   4.994   1.00 11.07  ? 143 PHE A CB  1 
ATOM   915  C CG  . PHE A 1 120 ? 7.808   3.612   4.985   1.00 11.27  ? 143 PHE A CG  1 
ATOM   916  C CD1 . PHE A 1 120 ? 8.134   2.688   5.978   1.00 10.71  ? 143 PHE A CD1 1 
ATOM   917  C CD2 . PHE A 1 120 ? 6.926   3.231   3.980   1.00 10.99  ? 143 PHE A CD2 1 
ATOM   918  C CE1 . PHE A 1 120 ? 7.597   1.402   5.971   1.00 10.50  ? 143 PHE A CE1 1 
ATOM   919  C CE2 . PHE A 1 120 ? 6.379   1.943   3.957   1.00 11.89  ? 143 PHE A CE2 1 
ATOM   920  C CZ  . PHE A 1 120 ? 6.718   1.022   4.960   1.00 10.97  ? 143 PHE A CZ  1 
ATOM   921  N N   . ASP A 1 121 ? 10.907  6.957   3.560   1.00 11.83  ? 144 ASP A N   1 
ATOM   922  C CA  . ASP A 1 121 ? 11.594  8.245   3.732   1.00 13.36  ? 144 ASP A CA  1 
ATOM   923  C C   . ASP A 1 121 ? 10.998  9.489   3.067   1.00 13.10  ? 144 ASP A C   1 
ATOM   924  O O   . ASP A 1 121 ? 11.023  10.557  3.659   1.00 12.76  ? 144 ASP A O   1 
ATOM   925  C CB  . ASP A 1 121 ? 13.053  8.120   3.288   1.00 14.65  ? 144 ASP A CB  1 
ATOM   926  C CG  . ASP A 1 121 ? 13.868  7.206   4.194   1.00 16.17  ? 144 ASP A CG  1 
ATOM   927  O OD1 . ASP A 1 121 ? 13.338  6.713   5.227   1.00 15.72  ? 144 ASP A OD1 1 
ATOM   928  O OD2 . ASP A 1 121 ? 15.049  6.991   3.863   1.00 17.21  ? 144 ASP A OD2 1 
ATOM   929  N N   . ARG A 1 122 ? 10.483  9.358   1.844   1.00 13.44  ? 145 ARG A N   1 
ATOM   930  C CA  . ARG A 1 122 ? 9.899   10.488  1.120   1.00 13.91  ? 145 ARG A CA  1 
ATOM   931  C C   . ARG A 1 122 ? 8.480   10.850  1.556   1.00 13.14  ? 145 ARG A C   1 
ATOM   932  O O   . ARG A 1 122 ? 7.947   11.867  1.109   1.00 12.87  ? 145 ARG A O   1 
ATOM   933  C CB  . ARG A 1 122 ? 9.851   10.213  -0.386  1.00 18.02  ? 145 ARG A CB  1 
ATOM   934  C CG  . ARG A 1 122 ? 11.172  9.965   -1.092  1.00 23.45  ? 145 ARG A CG  1 
ATOM   935  C CD  . ARG A 1 122 ? 11.951  11.241  -1.315  1.00 29.83  ? 145 ARG A CD  1 
ATOM   936  N NE  . ARG A 1 122 ? 12.653  11.672  -0.103  1.00 35.68  ? 145 ARG A NE  1 
ATOM   937  C CZ  . ARG A 1 122 ? 12.354  12.766  0.603   1.00 38.68  ? 145 ARG A CZ  1 
ATOM   938  N NH1 . ARG A 1 122 ? 11.352  13.565  0.226   1.00 40.22  ? 145 ARG A NH1 1 
ATOM   939  N NH2 . ARG A 1 122 ? 13.057  13.061  1.698   1.00 39.30  ? 145 ARG A NH2 1 
ATOM   940  N N   . LEU A 1 123 ? 7.866   10.024  2.401   1.00 11.83  ? 146 LEU A N   1 
ATOM   941  C CA  . LEU A 1 123 ? 6.503   10.265  2.847   1.00 12.19  ? 146 LEU A CA  1 
ATOM   942  C C   . LEU A 1 123 ? 6.422   11.333  3.929   1.00 12.41  ? 146 LEU A C   1 
ATOM   943  O O   . LEU A 1 123 ? 6.088   11.053  5.081   1.00 11.67  ? 146 LEU A O   1 
ATOM   944  C CB  . LEU A 1 123 ? 5.873   8.946   3.314   1.00 12.14  ? 146 LEU A CB  1 
ATOM   945  C CG  . LEU A 1 123 ? 5.762   7.915   2.171   1.00 12.31  ? 146 LEU A CG  1 
ATOM   946  C CD1 . LEU A 1 123 ? 5.028   6.659   2.652   1.00 12.90  ? 146 LEU A CD1 1 
ATOM   947  C CD2 . LEU A 1 123 ? 5.027   8.528   0.992   1.00 9.89   ? 146 LEU A CD2 1 
ATOM   948  N N   . THR A 1 124 ? 6.691   12.574  3.522   1.00 12.92  ? 147 THR A N   1 
ATOM   949  C CA  . THR A 1 124 ? 6.715   13.705  4.433   1.00 13.69  ? 147 THR A CA  1 
ATOM   950  C C   . THR A 1 124 ? 5.373   14.148  5.005   1.00 13.96  ? 147 THR A C   1 
ATOM   951  O O   . THR A 1 124 ? 5.350   14.894  5.971   1.00 14.42  ? 147 THR A O   1 
ATOM   952  C CB  . THR A 1 124 ? 7.420   14.919  3.781   1.00 15.51  ? 147 THR A CB  1 
ATOM   953  O OG1 . THR A 1 124 ? 6.749   15.270  2.569   1.00 16.71  ? 147 THR A OG1 1 
ATOM   954  C CG2 . THR A 1 124 ? 8.895   14.581  3.452   1.00 16.92  ? 147 THR A CG2 1 
ATOM   955  N N   . SER A 1 125 ? 4.257   13.687  4.440   1.00 13.23  ? 148 SER A N   1 
ATOM   956  C CA  . SER A 1 125 ? 2.954   14.075  4.965   1.00 12.48  ? 148 SER A CA  1 
ATOM   957  C C   . SER A 1 125 ? 2.283   12.928  5.682   1.00 12.28  ? 148 SER A C   1 
ATOM   958  O O   . SER A 1 125 ? 1.133   13.039  6.094   1.00 13.95  ? 148 SER A O   1 
ATOM   959  C CB  . SER A 1 125 ? 2.033   14.567  3.845   1.00 12.84  ? 148 SER A CB  1 
ATOM   960  O OG  . SER A 1 125 ? 2.378   15.891  3.448   1.00 16.78  ? 148 SER A OG  1 
ATOM   961  N N   . LEU A 1 126 ? 2.995   11.824  5.848   1.00 11.00  ? 149 LEU A N   1 
ATOM   962  C CA  . LEU A 1 126 ? 2.404   10.655  6.489   1.00 10.75  ? 149 LEU A CA  1 
ATOM   963  C C   . LEU A 1 126 ? 1.938   10.868  7.928   1.00 9.99   ? 149 LEU A C   1 
ATOM   964  O O   . LEU A 1 126 ? 2.647   11.460  8.724   1.00 10.84  ? 149 LEU A O   1 
ATOM   965  C CB  . LEU A 1 126 ? 3.391   9.499   6.436   1.00 9.97   ? 149 LEU A CB  1 
ATOM   966  C CG  . LEU A 1 126 ? 2.807   8.108   6.692   1.00 9.39   ? 149 LEU A CG  1 
ATOM   967  C CD1 . LEU A 1 126 ? 1.863   7.721   5.547   1.00 8.13   ? 149 LEU A CD1 1 
ATOM   968  C CD2 . LEU A 1 126 ? 3.947   7.117   6.803   1.00 6.74   ? 149 LEU A CD2 1 
ATOM   969  N N   . GLN A 1 127 ? 0.742   10.383  8.240   1.00 10.12  ? 150 GLN A N   1 
ATOM   970  C CA  . GLN A 1 127 ? 0.156   10.481  9.582   1.00 10.93  ? 150 GLN A CA  1 
ATOM   971  C C   . GLN A 1 127 ? -0.121  9.078   10.168  1.00 11.89  ? 150 GLN A C   1 
ATOM   972  O O   . GLN A 1 127 ? -0.010  8.860   11.388  1.00 11.80  ? 150 GLN A O   1 
ATOM   973  C CB  . GLN A 1 127 ? -1.168  11.271  9.544   1.00 12.24  ? 150 GLN A CB  1 
ATOM   974  C CG  . GLN A 1 127 ? -1.043  12.770  9.203   1.00 15.98  ? 150 GLN A CG  1 
ATOM   975  C CD  . GLN A 1 127 ? -2.398  13.462  8.923   1.00 17.87  ? 150 GLN A CD  1 
ATOM   976  O OE1 . GLN A 1 127 ? -3.476  12.870  9.091   1.00 21.75  ? 150 GLN A OE1 1 
ATOM   977  N NE2 . GLN A 1 127 ? -2.336  14.717  8.487   1.00 17.91  ? 150 GLN A NE2 1 
ATOM   978  N N   . LYS A 1 128 ? -0.494  8.137   9.302   1.00 11.16  ? 151 LYS A N   1 
ATOM   979  C CA  . LYS A 1 128 ? -0.803  6.776   9.747   1.00 12.71  ? 151 LYS A CA  1 
ATOM   980  C C   . LYS A 1 128 ? -0.362  5.652   8.789   1.00 11.71  ? 151 LYS A C   1 
ATOM   981  O O   . LYS A 1 128 ? -0.539  5.722   7.555   1.00 10.67  ? 151 LYS A O   1 
ATOM   982  C CB  . LYS A 1 128 ? -2.308  6.633   9.999   1.00 15.36  ? 151 LYS A CB  1 
ATOM   983  C CG  . LYS A 1 128 ? -2.877  7.625   11.004  1.00 18.56  ? 151 LYS A CG  1 
ATOM   984  C CD  . LYS A 1 128 ? -4.376  7.519   11.062  1.00 21.87  ? 151 LYS A CD  1 
ATOM   985  C CE  . LYS A 1 128 ? -4.965  8.650   11.876  1.00 25.75  ? 151 LYS A CE  1 
ATOM   986  N NZ  . LYS A 1 128 ? -6.448  8.694   11.760  1.00 29.66  ? 151 LYS A NZ  1 
ATOM   987  N N   . ILE A 1 129 ? 0.170   4.597   9.382   1.00 9.19   ? 152 ILE A N   1 
ATOM   988  C CA  . ILE A 1 129 ? 0.611   3.473   8.607   1.00 7.76   ? 152 ILE A CA  1 
ATOM   989  C C   . ILE A 1 129 ? 0.195   2.185   9.318   1.00 7.74   ? 152 ILE A C   1 
ATOM   990  O O   . ILE A 1 129 ? 0.211   2.099   10.552  1.00 7.99   ? 152 ILE A O   1 
ATOM   991  C CB  . ILE A 1 129 ? 2.138   3.552   8.405   1.00 6.02   ? 152 ILE A CB  1 
ATOM   992  C CG1 . ILE A 1 129 ? 2.585   2.506   7.395   1.00 6.83   ? 152 ILE A CG1 1 
ATOM   993  C CG2 . ILE A 1 129 ? 2.852   3.380   9.752   1.00 7.03   ? 152 ILE A CG2 1 
ATOM   994  C CD1 . ILE A 1 129 ? 4.014   2.761   6.838   1.00 6.44   ? 152 ILE A CD1 1 
ATOM   995  N N   . TRP A 1 130 ? -0.221  1.199   8.527   1.00 7.12   ? 153 TRP A N   1 
ATOM   996  C CA  . TRP A 1 130 ? -0.617  -0.104  9.035   1.00 5.38   ? 153 TRP A CA  1 
ATOM   997  C C   . TRP A 1 130 ? 0.379   -1.130  8.509   1.00 4.80   ? 153 TRP A C   1 
ATOM   998  O O   . TRP A 1 130 ? 0.541   -1.289  7.296   1.00 4.61   ? 153 TRP A O   1 
ATOM   999  C CB  . TRP A 1 130 ? -1.995  -0.461  8.529   1.00 7.57   ? 153 TRP A CB  1 
ATOM   1000 C CG  . TRP A 1 130 ? -3.131  0.314   9.151   1.00 9.90   ? 153 TRP A CG  1 
ATOM   1001 C CD1 . TRP A 1 130 ? -4.023  -0.147  10.095  1.00 10.65  ? 153 TRP A CD1 1 
ATOM   1002 C CD2 . TRP A 1 130 ? -3.584  1.613   8.776   1.00 7.90   ? 153 TRP A CD2 1 
ATOM   1003 N NE1 . TRP A 1 130 ? -5.007  0.786   10.309  1.00 11.19  ? 153 TRP A NE1 1 
ATOM   1004 C CE2 . TRP A 1 130 ? -4.767  1.876   9.513   1.00 8.86   ? 153 TRP A CE2 1 
ATOM   1005 C CE3 . TRP A 1 130 ? -3.113  2.582   7.881   1.00 8.38   ? 153 TRP A CE3 1 
ATOM   1006 C CZ2 . TRP A 1 130 ? -5.491  3.070   9.381   1.00 7.50   ? 153 TRP A CZ2 1 
ATOM   1007 C CZ3 . TRP A 1 130 ? -3.830  3.778   7.745   1.00 7.68   ? 153 TRP A CZ3 1 
ATOM   1008 C CH2 . TRP A 1 130 ? -5.010  4.008   8.492   1.00 8.08   ? 153 TRP A CH2 1 
ATOM   1009 N N   . LEU A 1 131 ? 1.039   -1.830  9.413   1.00 5.26   ? 154 LEU A N   1 
ATOM   1010 C CA  . LEU A 1 131 ? 2.028   -2.823  9.019   1.00 6.41   ? 154 LEU A CA  1 
ATOM   1011 C C   . LEU A 1 131 ? 1.864   -4.209  9.655   1.00 6.59   ? 154 LEU A C   1 
ATOM   1012 O O   . LEU A 1 131 ? 2.641   -5.148  9.350   1.00 8.18   ? 154 LEU A O   1 
ATOM   1013 C CB  . LEU A 1 131 ? 3.424   -2.271  9.338   1.00 7.51   ? 154 LEU A CB  1 
ATOM   1014 C CG  . LEU A 1 131 ? 3.792   -1.031  8.524   1.00 7.61   ? 154 LEU A CG  1 
ATOM   1015 C CD1 . LEU A 1 131 ? 4.949   -0.313  9.178   1.00 7.58   ? 154 LEU A CD1 1 
ATOM   1016 C CD2 . LEU A 1 131 ? 4.137   -1.442  7.095   1.00 6.86   ? 154 LEU A CD2 1 
ATOM   1017 N N   . HIS A 1 132 ? 0.860   -4.336  10.521  1.00 5.09   ? 155 HIS A N   1 
ATOM   1018 C CA  . HIS A 1 132 ? 0.606   -5.580  11.236  1.00 5.68   ? 155 HIS A CA  1 
ATOM   1019 C C   . HIS A 1 132 ? 0.099   -6.760  10.396  1.00 5.46   ? 155 HIS A C   1 
ATOM   1020 O O   . HIS A 1 132 ? -0.289  -6.604  9.227   1.00 5.94   ? 155 HIS A O   1 
ATOM   1021 C CB  . HIS A 1 132 ? -0.372  -5.313  12.410  1.00 5.20   ? 155 HIS A CB  1 
ATOM   1022 C CG  . HIS A 1 132 ? -1.772  -4.975  11.984  1.00 3.28   ? 155 HIS A CG  1 
ATOM   1023 N ND1 . HIS A 1 132 ? -2.676  -5.931  11.575  1.00 1.15   ? 155 HIS A ND1 1 
ATOM   1024 C CD2 . HIS A 1 132 ? -2.423  -3.783  11.912  1.00 1.65   ? 155 HIS A CD2 1 
ATOM   1025 C CE1 . HIS A 1 132 ? -3.824  -5.346  11.271  1.00 3.43   ? 155 HIS A CE1 1 
ATOM   1026 N NE2 . HIS A 1 132 ? -3.696  -4.042  11.464  1.00 4.08   ? 155 HIS A NE2 1 
ATOM   1027 N N   . THR A 1 133 ? 0.092   -7.941  11.016  1.00 4.39   ? 156 THR A N   1 
ATOM   1028 C CA  . THR A 1 133 ? -0.356  -9.167  10.362  1.00 4.61   ? 156 THR A CA  1 
ATOM   1029 C C   . THR A 1 133 ? 0.428   -9.438  9.064   1.00 5.20   ? 156 THR A C   1 
ATOM   1030 O O   . THR A 1 133 ? -0.144  -9.617  7.974   1.00 5.55   ? 156 THR A O   1 
ATOM   1031 C CB  . THR A 1 133 ? -1.873  -9.118  10.052  1.00 4.25   ? 156 THR A CB  1 
ATOM   1032 O OG1 . THR A 1 133 ? -2.571  -8.629  11.204  1.00 7.30   ? 156 THR A OG1 1 
ATOM   1033 C CG2 . THR A 1 133 ? -2.410  -10.512 9.731   1.00 1.21   ? 156 THR A CG2 1 
ATOM   1034 N N   . ASN A 1 134 ? 1.746   -9.434  9.196   1.00 5.20   ? 157 ASN A N   1 
ATOM   1035 C CA  . ASN A 1 134 ? 2.663   -9.750  8.092   1.00 6.32   ? 157 ASN A CA  1 
ATOM   1036 C C   . ASN A 1 134 ? 3.740   -10.603 8.745   1.00 6.61   ? 157 ASN A C   1 
ATOM   1037 O O   . ASN A 1 134 ? 4.052   -10.407 9.918   1.00 6.75   ? 157 ASN A O   1 
ATOM   1038 C CB  . ASN A 1 134 ? 3.315   -8.493  7.511   1.00 5.43   ? 157 ASN A CB  1 
ATOM   1039 C CG  . ASN A 1 134 ? 2.501   -7.868  6.392   1.00 4.80   ? 157 ASN A CG  1 
ATOM   1040 O OD1 . ASN A 1 134 ? 2.415   -8.411  5.285   1.00 5.17   ? 157 ASN A OD1 1 
ATOM   1041 N ND2 . ASN A 1 134 ? 1.895   -6.722  6.675   1.00 5.65   ? 157 ASN A ND2 1 
ATOM   1042 N N   . PRO A 1 135 ? 4.307   -11.572 8.009   1.00 6.95   ? 158 PRO A N   1 
ATOM   1043 C CA  . PRO A 1 135 ? 5.356   -12.398 8.633   1.00 6.84   ? 158 PRO A CA  1 
ATOM   1044 C C   . PRO A 1 135 ? 6.730   -11.725 8.541   1.00 6.81   ? 158 PRO A C   1 
ATOM   1045 O O   . PRO A 1 135 ? 7.630   -12.240 7.881   1.00 6.45   ? 158 PRO A O   1 
ATOM   1046 C CB  . PRO A 1 135 ? 5.304   -13.700 7.827   1.00 6.26   ? 158 PRO A CB  1 
ATOM   1047 C CG  . PRO A 1 135 ? 4.976   -13.193 6.409   1.00 6.93   ? 158 PRO A CG  1 
ATOM   1048 C CD  . PRO A 1 135 ? 3.943   -12.070 6.661   1.00 6.33   ? 158 PRO A CD  1 
ATOM   1049 N N   . TRP A 1 136 ? 6.890   -10.585 9.202   1.00 5.73   ? 159 TRP A N   1 
ATOM   1050 C CA  . TRP A 1 136 ? 8.156   -9.865  9.158   1.00 6.42   ? 159 TRP A CA  1 
ATOM   1051 C C   . TRP A 1 136 ? 9.376   -10.723 9.502   1.00 8.24   ? 159 TRP A C   1 
ATOM   1052 O O   . TRP A 1 136 ? 9.387   -11.455 10.490  1.00 7.16   ? 159 TRP A O   1 
ATOM   1053 C CB  . TRP A 1 136 ? 8.102   -8.646  10.085  1.00 3.90   ? 159 TRP A CB  1 
ATOM   1054 C CG  . TRP A 1 136 ? 7.052   -7.666  9.639   1.00 2.74   ? 159 TRP A CG  1 
ATOM   1055 C CD1 . TRP A 1 136 ? 5.870   -7.384  10.258  1.00 1.15   ? 159 TRP A CD1 1 
ATOM   1056 C CD2 . TRP A 1 136 ? 7.057   -6.920  8.414   1.00 1.91   ? 159 TRP A CD2 1 
ATOM   1057 N NE1 . TRP A 1 136 ? 5.129   -6.507  9.491   1.00 3.62   ? 159 TRP A NE1 1 
ATOM   1058 C CE2 . TRP A 1 136 ? 5.833   -6.211  8.350   1.00 2.12   ? 159 TRP A CE2 1 
ATOM   1059 C CE3 . TRP A 1 136 ? 7.979   -6.789  7.357   1.00 1.44   ? 159 TRP A CE3 1 
ATOM   1060 C CZ2 . TRP A 1 136 ? 5.495   -5.378  7.262   1.00 2.36   ? 159 TRP A CZ2 1 
ATOM   1061 C CZ3 . TRP A 1 136 ? 7.655   -5.960  6.271   1.00 2.85   ? 159 TRP A CZ3 1 
ATOM   1062 C CH2 . TRP A 1 136 ? 6.411   -5.262  6.236   1.00 3.80   ? 159 TRP A CH2 1 
ATOM   1063 N N   . ASP A 1 137 ? 10.400  -10.634 8.657   1.00 9.51   ? 160 ASP A N   1 
ATOM   1064 C CA  . ASP A 1 137 ? 11.633  -11.361 8.876   1.00 8.87   ? 160 ASP A CA  1 
ATOM   1065 C C   . ASP A 1 137 ? 12.488  -10.464 9.786   1.00 9.25   ? 160 ASP A C   1 
ATOM   1066 O O   . ASP A 1 137 ? 13.056  -9.453  9.354   1.00 6.85   ? 160 ASP A O   1 
ATOM   1067 C CB  . ASP A 1 137 ? 12.339  -11.609 7.548   1.00 8.89   ? 160 ASP A CB  1 
ATOM   1068 C CG  . ASP A 1 137 ? 13.683  -12.312 7.724   1.00 9.86   ? 160 ASP A CG  1 
ATOM   1069 O OD1 . ASP A 1 137 ? 14.202  -12.849 6.723   1.00 9.67   ? 160 ASP A OD1 1 
ATOM   1070 O OD2 . ASP A 1 137 ? 14.211  -12.327 8.864   1.00 9.11   ? 160 ASP A OD2 1 
ATOM   1071 N N   . CYS A 1 138 ? 12.592  -10.841 11.050  1.00 10.44  ? 161 CYS A N   1 
ATOM   1072 C CA  . CYS A 1 138 ? 13.340  -10.006 11.958  1.00 11.95  ? 161 CYS A CA  1 
ATOM   1073 C C   . CYS A 1 138 ? 14.828  -10.279 12.069  1.00 13.07  ? 161 CYS A C   1 
ATOM   1074 O O   . CYS A 1 138 ? 15.454  -9.797  13.017  1.00 14.10  ? 161 CYS A O   1 
ATOM   1075 C CB  . CYS A 1 138 ? 12.670  -10.014 13.332  1.00 11.30  ? 161 CYS A CB  1 
ATOM   1076 S SG  . CYS A 1 138 ? 11.148  -9.018  13.357  1.00 10.98  ? 161 CYS A SG  1 
ATOM   1077 N N   . SER A 1 139 ? 15.392  -11.028 11.112  1.00 12.93  ? 162 SER A N   1 
ATOM   1078 C CA  . SER A 1 139 ? 16.830  -11.287 11.125  1.00 15.42  ? 162 SER A CA  1 
ATOM   1079 C C   . SER A 1 139 ? 17.376  -9.895  10.996  1.00 17.48  ? 162 SER A C   1 
ATOM   1080 O O   . SER A 1 139 ? 16.705  -9.023  10.433  1.00 18.60  ? 162 SER A O   1 
ATOM   1081 C CB  . SER A 1 139 ? 17.285  -12.164 9.962   1.00 12.37  ? 162 SER A CB  1 
ATOM   1082 O OG  . SER A 1 139 ? 16.667  -11.763 8.766   1.00 13.65  ? 162 SER A OG  1 
ATOM   1083 N N   . CYS A 1 140 ? 18.604  -9.675  11.441  1.00 19.88  ? 163 CYS A N   1 
ATOM   1084 C CA  . CYS A 1 140 ? 19.052  -8.299  11.473  1.00 22.01  ? 163 CYS A CA  1 
ATOM   1085 C C   . CYS A 1 140 ? 19.377  -7.400  10.328  1.00 23.69  ? 163 CYS A C   1 
ATOM   1086 O O   . CYS A 1 140 ? 18.616  -6.456  10.069  1.00 27.78  ? 163 CYS A O   1 
ATOM   1087 C CB  . CYS A 1 140 ? 20.104  -8.130  12.544  1.00 21.28  ? 163 CYS A CB  1 
ATOM   1088 S SG  . CYS A 1 140 ? 19.143  -7.336  13.856  1.00 18.60  ? 163 CYS A SG  1 
ATOM   1089 N N   . PRO A 1 141 ? 20.502  -7.607  9.650   1.00 22.13  ? 164 PRO A N   1 
ATOM   1090 C CA  . PRO A 1 141 ? 20.631  -6.621  8.567   1.00 20.24  ? 164 PRO A CA  1 
ATOM   1091 C C   . PRO A 1 141 ? 19.275  -6.301  7.877   1.00 18.00  ? 164 PRO A C   1 
ATOM   1092 O O   . PRO A 1 141 ? 18.938  -5.134  7.667   1.00 19.23  ? 164 PRO A O   1 
ATOM   1093 C CB  . PRO A 1 141 ? 21.668  -7.264  7.628   1.00 19.01  ? 164 PRO A CB  1 
ATOM   1094 C CG  . PRO A 1 141 ? 21.631  -8.721  7.990   1.00 21.12  ? 164 PRO A CG  1 
ATOM   1095 C CD  . PRO A 1 141 ? 21.402  -8.754  9.476   1.00 19.76  ? 164 PRO A CD  1 
ATOM   1096 N N   . ARG A 1 142 ? 18.465  -7.324  7.611   1.00 15.11  ? 165 ARG A N   1 
ATOM   1097 C CA  . ARG A 1 142 ? 17.193  -7.144  6.900   1.00 13.06  ? 165 ARG A CA  1 
ATOM   1098 C C   . ARG A 1 142 ? 16.109  -6.273  7.566   1.00 11.71  ? 165 ARG A C   1 
ATOM   1099 O O   . ARG A 1 142 ? 15.464  -5.457  6.907   1.00 11.14  ? 165 ARG A O   1 
ATOM   1100 C CB  . ARG A 1 142 ? 16.612  -8.521  6.568   1.00 14.00  ? 165 ARG A CB  1 
ATOM   1101 C CG  . ARG A 1 142 ? 15.642  -8.516  5.420   1.00 14.03  ? 165 ARG A CG  1 
ATOM   1102 C CD  . ARG A 1 142 ? 15.234  -9.925  5.033   1.00 15.95  ? 165 ARG A CD  1 
ATOM   1103 N NE  . ARG A 1 142 ? 14.478  -9.943  3.784   1.00 18.05  ? 165 ARG A NE  1 
ATOM   1104 C CZ  . ARG A 1 142 ? 13.777  -10.987 3.349   1.00 19.62  ? 165 ARG A CZ  1 
ATOM   1105 N NH1 . ARG A 1 142 ? 13.724  -12.108 4.070   1.00 17.81  ? 165 ARG A NH1 1 
ATOM   1106 N NH2 . ARG A 1 142 ? 13.142  -10.917 2.181   1.00 18.78  ? 165 ARG A NH2 1 
ATOM   1107 N N   . ILE A 1 143 ? 15.921  -6.435  8.868   1.00 9.54   ? 166 ILE A N   1 
ATOM   1108 C CA  . ILE A 1 143 ? 14.912  -5.677  9.589   1.00 9.59   ? 166 ILE A CA  1 
ATOM   1109 C C   . ILE A 1 143 ? 15.434  -4.347  10.170  1.00 8.73   ? 166 ILE A C   1 
ATOM   1110 O O   . ILE A 1 143 ? 14.689  -3.621  10.802  1.00 8.32   ? 166 ILE A O   1 
ATOM   1111 C CB  . ILE A 1 143 ? 14.332  -6.540  10.766  1.00 9.64   ? 166 ILE A CB  1 
ATOM   1112 C CG1 . ILE A 1 143 ? 12.966  -6.010  11.199  1.00 8.95   ? 166 ILE A CG1 1 
ATOM   1113 C CG2 . ILE A 1 143 ? 15.305  -6.551  11.940  1.00 8.06   ? 166 ILE A CG2 1 
ATOM   1114 C CD1 . ILE A 1 143 ? 11.836  -6.410  10.234  1.00 9.32   ? 166 ILE A CD1 1 
ATOM   1115 N N   . ASP A 1 144 ? 16.692  -4.010  9.929   1.00 8.39   ? 167 ASP A N   1 
ATOM   1116 C CA  . ASP A 1 144 ? 17.252  -2.808  10.526  1.00 7.87   ? 167 ASP A CA  1 
ATOM   1117 C C   . ASP A 1 144 ? 16.549  -1.488  10.230  1.00 8.46   ? 167 ASP A C   1 
ATOM   1118 O O   . ASP A 1 144 ? 16.276  -0.710  11.155  1.00 8.09   ? 167 ASP A O   1 
ATOM   1119 C CB  . ASP A 1 144 ? 18.724  -2.676  10.156  1.00 10.64  ? 167 ASP A CB  1 
ATOM   1120 C CG  . ASP A 1 144 ? 19.421  -1.569  10.938  1.00 12.39  ? 167 ASP A CG  1 
ATOM   1121 O OD1 . ASP A 1 144 ? 20.184  -0.805  10.318  1.00 15.60  ? 167 ASP A OD1 1 
ATOM   1122 O OD2 . ASP A 1 144 ? 19.223  -1.469  12.171  1.00 11.00  ? 167 ASP A OD2 1 
ATOM   1123 N N   . TYR A 1 145 ? 16.266  -1.218  8.959   1.00 6.58   ? 168 TYR A N   1 
ATOM   1124 C CA  . TYR A 1 145 ? 15.601  0.029   8.606   1.00 6.09   ? 168 TYR A CA  1 
ATOM   1125 C C   . TYR A 1 145 ? 14.199  0.107   9.210   1.00 5.66   ? 168 TYR A C   1 
ATOM   1126 O O   . TYR A 1 145 ? 13.800  1.128   9.775   1.00 3.40   ? 168 TYR A O   1 
ATOM   1127 C CB  . TYR A 1 145 ? 15.471  0.148   7.084   1.00 8.86   ? 168 TYR A CB  1 
ATOM   1128 C CG  . TYR A 1 145 ? 14.560  1.277   6.638   1.00 9.18   ? 168 TYR A CG  1 
ATOM   1129 C CD1 . TYR A 1 145 ? 15.009  2.595   6.611   1.00 9.58   ? 168 TYR A CD1 1 
ATOM   1130 C CD2 . TYR A 1 145 ? 13.245  1.021   6.255   1.00 10.02  ? 168 TYR A CD2 1 
ATOM   1131 C CE1 . TYR A 1 145 ? 14.163  3.635   6.211   1.00 12.35  ? 168 TYR A CE1 1 
ATOM   1132 C CE2 . TYR A 1 145 ? 12.378  2.050   5.848   1.00 10.05  ? 168 TYR A CE2 1 
ATOM   1133 C CZ  . TYR A 1 145 ? 12.833  3.352   5.829   1.00 12.62  ? 168 TYR A CZ  1 
ATOM   1134 O OH  . TYR A 1 145 ? 11.967  4.360   5.447   1.00 10.22  ? 168 TYR A OH  1 
ATOM   1135 N N   . LEU A 1 146 ? 13.450  -0.985  9.091   1.00 4.61   ? 169 LEU A N   1 
ATOM   1136 C CA  . LEU A 1 146 ? 12.081  -0.991  9.588   1.00 4.51   ? 169 LEU A CA  1 
ATOM   1137 C C   . LEU A 1 146 ? 11.959  -0.830  11.101  1.00 4.14   ? 169 LEU A C   1 
ATOM   1138 O O   . LEU A 1 146 ? 11.169  -0.009  11.577  1.00 3.82   ? 169 LEU A O   1 
ATOM   1139 C CB  . LEU A 1 146 ? 11.370  -2.259  9.127   1.00 3.30   ? 169 LEU A CB  1 
ATOM   1140 C CG  . LEU A 1 146 ? 9.855   -2.329  9.321   1.00 4.46   ? 169 LEU A CG  1 
ATOM   1141 C CD1 . LEU A 1 146 ? 9.179   -1.115  8.671   1.00 1.49   ? 169 LEU A CD1 1 
ATOM   1142 C CD2 . LEU A 1 146 ? 9.344   -3.666  8.693   1.00 3.99   ? 169 LEU A CD2 1 
ATOM   1143 N N   . SER A 1 147 ? 12.727  -1.594  11.864  1.00 3.34   ? 170 SER A N   1 
ATOM   1144 C CA  . SER A 1 147 ? 12.635  -1.474  13.317  1.00 6.72   ? 170 SER A CA  1 
ATOM   1145 C C   . SER A 1 147 ? 12.996  -0.042  13.739  1.00 7.53   ? 170 SER A C   1 
ATOM   1146 O O   . SER A 1 147 ? 12.339  0.558   14.609  1.00 9.70   ? 170 SER A O   1 
ATOM   1147 C CB  . SER A 1 147 ? 13.579  -2.477  14.000  1.00 4.74   ? 170 SER A CB  1 
ATOM   1148 O OG  . SER A 1 147 ? 14.890  -2.348  13.468  1.00 7.86   ? 170 SER A OG  1 
ATOM   1149 N N   . ARG A 1 148 ? 14.045  0.502   13.133  1.00 7.35   ? 171 ARG A N   1 
ATOM   1150 C CA  . ARG A 1 148 ? 14.467  1.852   13.450  1.00 7.70   ? 171 ARG A CA  1 
ATOM   1151 C C   . ARG A 1 148 ? 13.431  2.882   13.019  1.00 7.58   ? 171 ARG A C   1 
ATOM   1152 O O   . ARG A 1 148 ? 13.084  3.798   13.789  1.00 4.61   ? 171 ARG A O   1 
ATOM   1153 C CB  . ARG A 1 148 ? 15.810  2.171   12.790  1.00 9.92   ? 171 ARG A CB  1 
ATOM   1154 C CG  . ARG A 1 148 ? 17.005  1.479   13.435  1.00 14.82  ? 171 ARG A CG  1 
ATOM   1155 C CD  . ARG A 1 148 ? 18.339  2.112   13.020  1.00 20.58  ? 171 ARG A CD  1 
ATOM   1156 N NE  . ARG A 1 148 ? 19.495  1.425   13.633  1.00 28.61  ? 171 ARG A NE  1 
ATOM   1157 C CZ  . ARG A 1 148 ? 19.814  1.417   14.939  1.00 30.64  ? 171 ARG A CZ  1 
ATOM   1158 N NH1 . ARG A 1 148 ? 19.076  2.066   15.849  1.00 31.51  ? 171 ARG A NH1 1 
ATOM   1159 N NH2 . ARG A 1 148 ? 20.883  0.735   15.342  1.00 31.31  ? 171 ARG A NH2 1 
ATOM   1160 N N   . TRP A 1 149 ? 12.922  2.731   11.797  1.00 7.28   ? 172 TRP A N   1 
ATOM   1161 C CA  . TRP A 1 149 ? 11.955  3.685   11.300  1.00 7.36   ? 172 TRP A CA  1 
ATOM   1162 C C   . TRP A 1 149 ? 10.698  3.619   12.153  1.00 6.63   ? 172 TRP A C   1 
ATOM   1163 O O   . TRP A 1 149 ? 10.128  4.648   12.526  1.00 6.20   ? 172 TRP A O   1 
ATOM   1164 C CB  . TRP A 1 149 ? 11.645  3.416   9.824   1.00 6.55   ? 172 TRP A CB  1 
ATOM   1165 C CG  . TRP A 1 149 ? 10.696  4.426   9.244   1.00 6.53   ? 172 TRP A CG  1 
ATOM   1166 C CD1 . TRP A 1 149 ? 11.015  5.590   8.604   1.00 7.39   ? 172 TRP A CD1 1 
ATOM   1167 C CD2 . TRP A 1 149 ? 9.268   4.383   9.306   1.00 6.84   ? 172 TRP A CD2 1 
ATOM   1168 N NE1 . TRP A 1 149 ? 9.874   6.275   8.260   1.00 6.59   ? 172 TRP A NE1 1 
ATOM   1169 C CE2 . TRP A 1 149 ? 8.786   5.557   8.681   1.00 6.44   ? 172 TRP A CE2 1 
ATOM   1170 C CE3 . TRP A 1 149 ? 8.344   3.460   9.833   1.00 6.46   ? 172 TRP A CE3 1 
ATOM   1171 C CZ2 . TRP A 1 149 ? 7.419   5.838   8.564   1.00 8.51   ? 172 TRP A CZ2 1 
ATOM   1172 C CZ3 . TRP A 1 149 ? 6.973   3.738   9.716   1.00 8.17   ? 172 TRP A CZ3 1 
ATOM   1173 C CH2 . TRP A 1 149 ? 6.527   4.922   9.085   1.00 8.49   ? 172 TRP A CH2 1 
ATOM   1174 N N   . LEU A 1 150 ? 10.292  2.406   12.506  1.00 8.04   ? 173 LEU A N   1 
ATOM   1175 C CA  . LEU A 1 150 ? 9.092   2.221   13.328  1.00 9.57   ? 173 LEU A CA  1 
ATOM   1176 C C   . LEU A 1 150 ? 9.246   2.803   14.700  1.00 9.85   ? 173 LEU A C   1 
ATOM   1177 O O   . LEU A 1 150 ? 8.273   3.331   15.260  1.00 10.97  ? 173 LEU A O   1 
ATOM   1178 C CB  . LEU A 1 150 ? 8.732   0.742   13.508  1.00 10.14  ? 173 LEU A CB  1 
ATOM   1179 C CG  . LEU A 1 150 ? 7.604   0.180   12.652  1.00 12.27  ? 173 LEU A CG  1 
ATOM   1180 C CD1 . LEU A 1 150 ? 7.238   -1.206  13.176  1.00 8.14   ? 173 LEU A CD1 1 
ATOM   1181 C CD2 . LEU A 1 150 ? 6.393   1.117   12.710  1.00 10.27  ? 173 LEU A CD2 1 
ATOM   1182 N N   . ASN A 1 151 ? 10.440  2.669   15.273  1.00 8.85   ? 174 ASN A N   1 
ATOM   1183 C CA  . ASN A 1 151 ? 10.659  3.225   16.591  1.00 9.81   ? 174 ASN A CA  1 
ATOM   1184 C C   . ASN A 1 151 ? 10.540  4.751   16.528  1.00 9.64   ? 174 ASN A C   1 
ATOM   1185 O O   . ASN A 1 151 ? 9.803   5.339   17.317  1.00 10.03  ? 174 ASN A O   1 
ATOM   1186 C CB  . ASN A 1 151 ? 12.030  2.820   17.153  1.00 8.67   ? 174 ASN A CB  1 
ATOM   1187 C CG  . ASN A 1 151 ? 11.962  1.542   17.945  1.00 9.20   ? 174 ASN A CG  1 
ATOM   1188 O OD1 . ASN A 1 151 ? 11.196  1.442   18.895  1.00 9.00   ? 174 ASN A OD1 1 
ATOM   1189 N ND2 . ASN A 1 151 ? 12.753  0.556   17.563  1.00 7.99   ? 174 ASN A ND2 1 
ATOM   1190 N N   . LYS A 1 152 ? 11.241  5.392   15.596  1.00 8.60   ? 175 LYS A N   1 
ATOM   1191 C CA  . LYS A 1 152 ? 11.147  6.840   15.507  1.00 8.72   ? 175 LYS A CA  1 
ATOM   1192 C C   . LYS A 1 152 ? 9.705   7.282   15.183  1.00 10.12  ? 175 LYS A C   1 
ATOM   1193 O O   . LYS A 1 152 ? 9.185   8.208   15.818  1.00 10.54  ? 175 LYS A O   1 
ATOM   1194 C CB  . LYS A 1 152 ? 12.114  7.379   14.448  1.00 7.84   ? 175 LYS A CB  1 
ATOM   1195 C CG  . LYS A 1 152 ? 12.368  8.897   14.540  1.00 7.66   ? 175 LYS A CG  1 
ATOM   1196 C CD  . LYS A 1 152 ? 11.147  9.726   14.115  1.00 8.10   ? 175 LYS A CD  1 
ATOM   1197 C CE  . LYS A 1 152 ? 11.428  11.222  14.144  1.00 8.26   ? 175 LYS A CE  1 
ATOM   1198 N NZ  . LYS A 1 152 ? 10.256  12.079  13.730  1.00 4.53   ? 175 LYS A NZ  1 
ATOM   1199 N N   . ASN A 1 153 ? 9.052   6.632   14.214  1.00 9.36   ? 176 ASN A N   1 
ATOM   1200 C CA  . ASN A 1 153 ? 7.688   7.027   13.852  1.00 9.73   ? 176 ASN A CA  1 
ATOM   1201 C C   . ASN A 1 153 ? 6.590   6.214   14.536  1.00 10.85  ? 176 ASN A C   1 
ATOM   1202 O O   . ASN A 1 153 ? 5.570   5.869   13.946  1.00 10.72  ? 176 ASN A O   1 
ATOM   1203 C CB  . ASN A 1 153 ? 7.535   6.973   12.349  1.00 7.72   ? 176 ASN A CB  1 
ATOM   1204 C CG  . ASN A 1 153 ? 8.397   7.980   11.670  1.00 8.52   ? 176 ASN A CG  1 
ATOM   1205 O OD1 . ASN A 1 153 ? 8.044   9.160   11.573  1.00 10.50  ? 176 ASN A OD1 1 
ATOM   1206 N ND2 . ASN A 1 153 ? 9.564   7.541   11.220  1.00 5.82   ? 176 ASN A ND2 1 
ATOM   1207 N N   . SER A 1 154 ? 6.833   5.944   15.808  1.00 12.32  ? 177 SER A N   1 
ATOM   1208 C CA  . SER A 1 154 ? 5.949   5.194   16.684  1.00 12.78  ? 177 SER A CA  1 
ATOM   1209 C C   . SER A 1 154 ? 4.484   5.595   16.642  1.00 11.50  ? 177 SER A C   1 
ATOM   1210 O O   . SER A 1 154 ? 3.614   4.759   16.442  1.00 11.17  ? 177 SER A O   1 
ATOM   1211 C CB  . SER A 1 154 ? 6.459   5.333   18.112  1.00 13.03  ? 177 SER A CB  1 
ATOM   1212 O OG  . SER A 1 154 ? 6.632   4.057   18.649  1.00 20.36  ? 177 SER A OG  1 
ATOM   1213 N N   . GLN A 1 155 ? 4.228   6.873   16.880  1.00 11.25  ? 178 GLN A N   1 
ATOM   1214 C CA  . GLN A 1 155 ? 2.876   7.422   16.898  1.00 11.87  ? 178 GLN A CA  1 
ATOM   1215 C C   . GLN A 1 155 ? 2.067   7.230   15.600  1.00 11.54  ? 178 GLN A C   1 
ATOM   1216 O O   . GLN A 1 155 ? 0.852   7.375   15.611  1.00 12.26  ? 178 GLN A O   1 
ATOM   1217 C CB  . GLN A 1 155 ? 2.916   8.927   17.220  1.00 14.05  ? 178 GLN A CB  1 
ATOM   1218 C CG  . GLN A 1 155 ? 4.286   9.481   17.613  1.00 18.29  ? 178 GLN A CG  1 
ATOM   1219 C CD  . GLN A 1 155 ? 5.350   9.410   16.501  1.00 19.60  ? 178 GLN A CD  1 
ATOM   1220 O OE1 . GLN A 1 155 ? 5.187   9.960   15.401  1.00 20.04  ? 178 GLN A OE1 1 
ATOM   1221 N NE2 . GLN A 1 155 ? 6.454   8.739   16.801  1.00 20.61  ? 178 GLN A NE2 1 
ATOM   1222 N N   . LYS A 1 156 ? 2.713   6.923   14.481  1.00 10.95  ? 179 LYS A N   1 
ATOM   1223 C CA  . LYS A 1 156 ? 1.952   6.742   13.240  1.00 10.25  ? 179 LYS A CA  1 
ATOM   1224 C C   . LYS A 1 156 ? 1.466   5.306   13.074  1.00 10.84  ? 179 LYS A C   1 
ATOM   1225 O O   . LYS A 1 156 ? 0.530   5.044   12.319  1.00 9.44   ? 179 LYS A O   1 
ATOM   1226 C CB  . LYS A 1 156 ? 2.800   7.113   12.023  1.00 9.91   ? 179 LYS A CB  1 
ATOM   1227 C CG  . LYS A 1 156 ? 3.428   8.472   12.115  1.00 8.70   ? 179 LYS A CG  1 
ATOM   1228 C CD  . LYS A 1 156 ? 4.216   8.819   10.865  1.00 8.74   ? 179 LYS A CD  1 
ATOM   1229 C CE  . LYS A 1 156 ? 4.868   10.198  11.052  1.00 9.86   ? 179 LYS A CE  1 
ATOM   1230 N NZ  . LYS A 1 156 ? 5.326   10.727  9.758   1.00 15.10  ? 179 LYS A NZ  1 
ATOM   1231 N N   . GLU A 1 157 ? 2.086   4.369   13.789  1.00 10.93  ? 180 GLU A N   1 
ATOM   1232 C CA  . GLU A 1 157 ? 1.687   2.979   13.639  1.00 11.04  ? 180 GLU A CA  1 
ATOM   1233 C C   . GLU A 1 157 ? 0.307   2.665   14.179  1.00 11.30  ? 180 GLU A C   1 
ATOM   1234 O O   . GLU A 1 157 ? -0.017  2.941   15.343  1.00 11.44  ? 180 GLU A O   1 
ATOM   1235 C CB  . GLU A 1 157 ? 2.696   2.019   14.285  1.00 10.98  ? 180 GLU A CB  1 
ATOM   1236 C CG  . GLU A 1 157 ? 2.600   0.621   13.663  1.00 12.23  ? 180 GLU A CG  1 
ATOM   1237 C CD  . GLU A 1 157 ? 3.448   -0.456  14.335  1.00 12.76  ? 180 GLU A CD  1 
ATOM   1238 O OE1 . GLU A 1 157 ? 3.419   -1.598  13.839  1.00 14.48  ? 180 GLU A OE1 1 
ATOM   1239 O OE2 . GLU A 1 157 ? 4.127   -0.191  15.343  1.00 13.60  ? 180 GLU A OE2 1 
ATOM   1240 N N   . GLN A 1 158 ? -0.510  2.093   13.307  1.00 10.68  ? 181 GLN A N   1 
ATOM   1241 C CA  . GLN A 1 158 ? -1.843  1.675   13.677  1.00 10.50  ? 181 GLN A CA  1 
ATOM   1242 C C   . GLN A 1 158 ? -1.655  0.179   13.920  1.00 10.57  ? 181 GLN A C   1 
ATOM   1243 O O   . GLN A 1 158 ? -1.290  -0.559  13.010  1.00 8.62   ? 181 GLN A O   1 
ATOM   1244 C CB  . GLN A 1 158 ? -2.820  1.917   12.519  1.00 11.96  ? 181 GLN A CB  1 
ATOM   1245 C CG  . GLN A 1 158 ? -2.889  3.358   12.049  1.00 11.64  ? 181 GLN A CG  1 
ATOM   1246 C CD  . GLN A 1 158 ? -3.136  4.328   13.198  1.00 15.02  ? 181 GLN A CD  1 
ATOM   1247 O OE1 . GLN A 1 158 ? -4.229  4.385   13.742  1.00 16.39  ? 181 GLN A OE1 1 
ATOM   1248 N NE2 . GLN A 1 158 ? -2.108  5.089   13.575  1.00 14.52  ? 181 GLN A NE2 1 
ATOM   1249 N N   . GLY A 1 159 ? -1.893  -0.266  15.149  1.00 11.38  ? 182 GLY A N   1 
ATOM   1250 C CA  . GLY A 1 159 ? -1.694  -1.670  15.457  1.00 10.77  ? 182 GLY A CA  1 
ATOM   1251 C C   . GLY A 1 159 ? -0.207  -1.885  15.718  1.00 11.46  ? 182 GLY A C   1 
ATOM   1252 O O   . GLY A 1 159 ? 0.536   -0.913  15.880  1.00 11.34  ? 182 GLY A O   1 
ATOM   1253 N N   . SER A 1 160 ? 0.237   -3.141  15.725  1.00 11.52  ? 183 SER A N   1 
ATOM   1254 C CA  . SER A 1 160 ? 1.631   -3.445  15.992  1.00 12.22  ? 183 SER A CA  1 
ATOM   1255 C C   . SER A 1 160 ? 2.242   -4.566  15.134  1.00 12.83  ? 183 SER A C   1 
ATOM   1256 O O   . SER A 1 160 ? 1.802   -5.727  15.192  1.00 11.63  ? 183 SER A O   1 
ATOM   1257 C CB  . SER A 1 160 ? 1.799   -3.797  17.480  1.00 11.82  ? 183 SER A CB  1 
ATOM   1258 O OG  . SER A 1 160 ? 3.152   -4.115  17.776  1.00 10.81  ? 183 SER A OG  1 
ATOM   1259 N N   . ALA A 1 161 ? 3.264   -4.206  14.353  1.00 12.49  ? 184 ALA A N   1 
ATOM   1260 C CA  . ALA A 1 161 ? 3.970   -5.168  13.497  1.00 13.33  ? 184 ALA A CA  1 
ATOM   1261 C C   . ALA A 1 161 ? 4.734   -6.162  14.372  1.00 13.17  ? 184 ALA A C   1 
ATOM   1262 O O   . ALA A 1 161 ? 5.466   -5.771  15.292  1.00 12.19  ? 184 ALA A O   1 
ATOM   1263 C CB  . ALA A 1 161 ? 4.946   -4.440  12.565  1.00 13.61  ? 184 ALA A CB  1 
ATOM   1264 N N   . LYS A 1 162 ? 4.567   -7.443  14.077  1.00 13.29  ? 185 LYS A N   1 
ATOM   1265 C CA  . LYS A 1 162 ? 5.229   -8.485  14.850  1.00 14.38  ? 185 LYS A CA  1 
ATOM   1266 C C   . LYS A 1 162 ? 6.106   -9.417  14.018  1.00 13.05  ? 185 LYS A C   1 
ATOM   1267 O O   . LYS A 1 162 ? 5.808   -9.719  12.873  1.00 11.13  ? 185 LYS A O   1 
ATOM   1268 C CB  . LYS A 1 162 ? 4.181   -9.283  15.621  1.00 16.88  ? 185 LYS A CB  1 
ATOM   1269 C CG  . LYS A 1 162 ? 3.341   -8.380  16.500  1.00 21.48  ? 185 LYS A CG  1 
ATOM   1270 C CD  . LYS A 1 162 ? 2.386   -9.136  17.395  1.00 25.02  ? 185 LYS A CD  1 
ATOM   1271 C CE  . LYS A 1 162 ? 1.637   -8.139  18.305  1.00 28.69  ? 185 LYS A CE  1 
ATOM   1272 N NZ  . LYS A 1 162 ? 0.620   -8.756  19.226  1.00 31.39  ? 185 LYS A NZ  1 
ATOM   1273 N N   . CYS A 1 163 ? 7.208   -9.843  14.620  1.00 13.04  ? 186 CYS A N   1 
ATOM   1274 C CA  . CYS A 1 163 ? 8.172   -10.747 13.990  1.00 13.86  ? 186 CYS A CA  1 
ATOM   1275 C C   . CYS A 1 163 ? 7.625   -12.148 13.758  1.00 13.34  ? 186 CYS A C   1 
ATOM   1276 O O   . CYS A 1 163 ? 7.030   -12.736 14.654  1.00 13.60  ? 186 CYS A O   1 
ATOM   1277 C CB  . CYS A 1 163 ? 9.395   -10.908 14.886  1.00 12.76  ? 186 CYS A CB  1 
ATOM   1278 S SG  . CYS A 1 163 ? 10.329  -9.379  15.197  1.00 12.50  ? 186 CYS A SG  1 
ATOM   1279 N N   . SER A 1 164 ? 7.845   -12.688 12.567  1.00 13.78  ? 187 SER A N   1 
ATOM   1280 C CA  . SER A 1 164 ? 7.426   -14.057 12.287  1.00 14.11  ? 187 SER A CA  1 
ATOM   1281 C C   . SER A 1 164 ? 8.271   -14.989 13.161  1.00 14.95  ? 187 SER A C   1 
ATOM   1282 O O   . SER A 1 164 ? 9.471   -14.764 13.318  1.00 12.86  ? 187 SER A O   1 
ATOM   1283 C CB  . SER A 1 164 ? 7.683   -14.419 10.830  1.00 13.37  ? 187 SER A CB  1 
ATOM   1284 O OG  . SER A 1 164 ? 7.664   -15.826 10.671  1.00 11.51  ? 187 SER A OG  1 
ATOM   1285 N N   . GLY A 1 165 ? 7.645   -16.024 13.728  1.00 16.26  ? 188 GLY A N   1 
ATOM   1286 C CA  . GLY A 1 165 ? 8.390   -16.963 14.549  1.00 17.85  ? 188 GLY A CA  1 
ATOM   1287 C C   . GLY A 1 165 ? 8.280   -16.727 16.037  1.00 18.52  ? 188 GLY A C   1 
ATOM   1288 O O   . GLY A 1 165 ? 7.705   -17.541 16.735  1.00 20.23  ? 188 GLY A O   1 
ATOM   1289 N N   . SER A 1 166 ? 8.811   -15.613 16.527  1.00 19.66  ? 189 SER A N   1 
ATOM   1290 C CA  . SER A 1 166 ? 8.752   -15.317 17.952  1.00 19.05  ? 189 SER A CA  1 
ATOM   1291 C C   . SER A 1 166 ? 7.566   -14.459 18.374  1.00 19.08  ? 189 SER A C   1 
ATOM   1292 O O   . SER A 1 166 ? 7.244   -14.397 19.557  1.00 19.33  ? 189 SER A O   1 
ATOM   1293 C CB  . SER A 1 166 ? 10.011  -14.603 18.391  1.00 20.16  ? 189 SER A CB  1 
ATOM   1294 O OG  . SER A 1 166 ? 9.960   -13.259 17.958  1.00 21.09  ? 189 SER A OG  1 
ATOM   1295 N N   . GLY A 1 167 ? 6.924   -13.777 17.433  1.00 18.59  ? 190 GLY A N   1 
ATOM   1296 C CA  . GLY A 1 167 ? 5.797   -12.935 17.806  1.00 17.40  ? 190 GLY A CA  1 
ATOM   1297 C C   . GLY A 1 167 ? 6.186   -11.639 18.533  1.00 17.23  ? 190 GLY A C   1 
ATOM   1298 O O   . GLY A 1 167 ? 5.321   -10.882 18.996  1.00 16.56  ? 190 GLY A O   1 
ATOM   1299 N N   . LYS A 1 168 ? 7.487   -11.383 18.642  1.00 16.66  ? 191 LYS A N   1 
ATOM   1300 C CA  . LYS A 1 168 ? 7.983   -10.175 19.299  1.00 16.94  ? 191 LYS A CA  1 
ATOM   1301 C C   . LYS A 1 168 ? 7.794   -8.936  18.431  1.00 15.55  ? 191 LYS A C   1 
ATOM   1302 O O   . LYS A 1 168 ? 7.811   -9.005  17.207  1.00 16.08  ? 191 LYS A O   1 
ATOM   1303 C CB  . LYS A 1 168 ? 9.476   -10.320 19.611  1.00 17.60  ? 191 LYS A CB  1 
ATOM   1304 C CG  . LYS A 1 168 ? 9.795   -11.087 20.889  1.00 20.40  ? 191 LYS A CG  1 
ATOM   1305 C CD  . LYS A 1 168 ? 11.277  -11.517 20.951  1.00 21.62  ? 191 LYS A CD  1 
ATOM   1306 C CE  . LYS A 1 168 ? 12.275  -10.384 20.605  1.00 23.68  ? 191 LYS A CE  1 
ATOM   1307 N NZ  . LYS A 1 168 ? 12.308  -9.174  21.535  1.00 23.66  ? 191 LYS A NZ  1 
ATOM   1308 N N   . PRO A 1 169 ? 7.622   -7.774  19.062  1.00 14.55  ? 192 PRO A N   1 
ATOM   1309 C CA  . PRO A 1 169 ? 7.448   -6.569  18.257  1.00 12.89  ? 192 PRO A CA  1 
ATOM   1310 C C   . PRO A 1 169 ? 8.652   -6.303  17.379  1.00 12.44  ? 192 PRO A C   1 
ATOM   1311 O O   . PRO A 1 169 ? 9.803   -6.461  17.797  1.00 11.26  ? 192 PRO A O   1 
ATOM   1312 C CB  . PRO A 1 169 ? 7.269   -5.474  19.297  1.00 13.75  ? 192 PRO A CB  1 
ATOM   1313 C CG  . PRO A 1 169 ? 6.576   -6.204  20.452  1.00 13.97  ? 192 PRO A CG  1 
ATOM   1314 C CD  . PRO A 1 169 ? 7.373   -7.510  20.493  1.00 14.11  ? 192 PRO A CD  1 
ATOM   1315 N N   . VAL A 1 170 ? 8.374   -5.904  16.144  1.00 11.94  ? 193 VAL A N   1 
ATOM   1316 C CA  . VAL A 1 170 ? 9.438   -5.581  15.227  1.00 10.85  ? 193 VAL A CA  1 
ATOM   1317 C C   . VAL A 1 170 ? 10.249  -4.440  15.849  1.00 11.39  ? 193 VAL A C   1 
ATOM   1318 O O   . VAL A 1 170 ? 11.476  -4.387  15.714  1.00 9.22   ? 193 VAL A O   1 
ATOM   1319 C CB  . VAL A 1 170 ? 8.875   -5.155  13.842  1.00 10.38  ? 193 VAL A CB  1 
ATOM   1320 C CG1 . VAL A 1 170 ? 9.974   -4.490  12.991  1.00 6.76   ? 193 VAL A CG1 1 
ATOM   1321 C CG2 . VAL A 1 170 ? 8.311   -6.384  13.128  1.00 8.91   ? 193 VAL A CG2 1 
ATOM   1322 N N   . ARG A 1 171 ? 9.584   -3.529  16.555  1.00 11.36  ? 194 ARG A N   1 
ATOM   1323 C CA  . ARG A 1 171 ? 10.337  -2.435  17.141  1.00 11.33  ? 194 ARG A CA  1 
ATOM   1324 C C   . ARG A 1 171 ? 11.188  -2.844  18.330  1.00 12.04  ? 194 ARG A C   1 
ATOM   1325 O O   . ARG A 1 171 ? 12.072  -2.084  18.712  1.00 11.67  ? 194 ARG A O   1 
ATOM   1326 C CB  . ARG A 1 171 ? 9.426   -1.265  17.522  1.00 11.47  ? 194 ARG A CB  1 
ATOM   1327 C CG  . ARG A 1 171 ? 8.283   -1.618  18.402  1.00 12.10  ? 194 ARG A CG  1 
ATOM   1328 C CD  . ARG A 1 171 ? 7.383   -0.403  18.632  1.00 12.04  ? 194 ARG A CD  1 
ATOM   1329 N NE  . ARG A 1 171 ? 8.093   0.703   19.270  1.00 10.28  ? 194 ARG A NE  1 
ATOM   1330 C CZ  . ARG A 1 171 ? 7.494   1.738   19.856  1.00 6.52   ? 194 ARG A CZ  1 
ATOM   1331 N NH1 . ARG A 1 171 ? 6.169   1.801   19.895  1.00 7.47   ? 194 ARG A NH1 1 
ATOM   1332 N NH2 . ARG A 1 171 ? 8.214   2.727   20.370  1.00 3.11   ? 194 ARG A NH2 1 
ATOM   1333 N N   . SER A 1 172 ? 10.959  -4.033  18.892  1.00 11.51  ? 195 SER A N   1 
ATOM   1334 C CA  . SER A 1 172 ? 11.753  -4.491  20.040  1.00 12.83  ? 195 SER A CA  1 
ATOM   1335 C C   . SER A 1 172 ? 13.120  -4.989  19.601  1.00 14.87  ? 195 SER A C   1 
ATOM   1336 O O   . SER A 1 172 ? 13.983  -5.319  20.429  1.00 14.66  ? 195 SER A O   1 
ATOM   1337 C CB  . SER A 1 172 ? 11.066  -5.631  20.789  1.00 12.98  ? 195 SER A CB  1 
ATOM   1338 O OG  . SER A 1 172 ? 11.234  -6.856  20.101  1.00 13.14  ? 195 SER A OG  1 
ATOM   1339 N N   . ILE A 1 173 ? 13.317  -5.048  18.293  1.00 15.42  ? 196 ILE A N   1 
ATOM   1340 C CA  . ILE A 1 173 ? 14.579  -5.511  17.770  1.00 16.43  ? 196 ILE A CA  1 
ATOM   1341 C C   . ILE A 1 173 ? 15.599  -4.421  17.431  1.00 17.53  ? 196 ILE A C   1 
ATOM   1342 O O   . ILE A 1 173 ? 15.282  -3.416  16.782  1.00 17.69  ? 196 ILE A O   1 
ATOM   1343 C CB  . ILE A 1 173 ? 14.312  -6.384  16.567  1.00 16.83  ? 196 ILE A CB  1 
ATOM   1344 C CG1 . ILE A 1 173 ? 13.543  -7.605  17.074  1.00 18.22  ? 196 ILE A CG1 1 
ATOM   1345 C CG2 . ILE A 1 173 ? 15.626  -6.750  15.854  1.00 16.04  ? 196 ILE A CG2 1 
ATOM   1346 C CD1 . ILE A 1 173 ? 13.175  -8.549  16.058  1.00 19.37  ? 196 ILE A CD1 1 
ATOM   1347 N N   . ILE A 1 174 ? 16.820  -4.611  17.920  1.00 17.92  ? 197 ILE A N   1 
ATOM   1348 C CA  . ILE A 1 174 ? 17.884  -3.675  17.632  1.00 19.38  ? 197 ILE A CA  1 
ATOM   1349 C C   . ILE A 1 174 ? 19.035  -4.424  16.985  1.00 19.97  ? 197 ILE A C   1 
ATOM   1350 O O   . ILE A 1 174 ? 19.598  -5.361  17.543  1.00 17.55  ? 197 ILE A O   1 
ATOM   1351 C CB  . ILE A 1 174 ? 18.358  -2.871  18.896  1.00 19.23  ? 197 ILE A CB  1 
ATOM   1352 C CG1 . ILE A 1 174 ? 19.860  -2.596  18.795  1.00 19.62  ? 197 ILE A CG1 1 
ATOM   1353 C CG2 . ILE A 1 174 ? 17.971  -3.580  20.158  1.00 19.74  ? 197 ILE A CG2 1 
ATOM   1354 C CD1 . ILE A 1 174 ? 20.345  -1.482  19.667  1.00 23.26  ? 197 ILE A CD1 1 
ATOM   1355 N N   . CYS A 1 175 ? 19.344  -3.987  15.775  1.00 21.77  ? 198 CYS A N   1 
ATOM   1356 C CA  . CYS A 1 175 ? 20.389  -4.571  14.980  1.00 24.95  ? 198 CYS A CA  1 
ATOM   1357 C C   . CYS A 1 175 ? 21.778  -4.006  15.270  1.00 28.34  ? 198 CYS A C   1 
ATOM   1358 O O   . CYS A 1 175 ? 21.954  -2.827  15.600  1.00 28.33  ? 198 CYS A O   1 
ATOM   1359 C CB  . CYS A 1 175 ? 20.040  -4.433  13.500  1.00 22.24  ? 198 CYS A CB  1 
ATOM   1360 S SG  . CYS A 1 175 ? 18.672  -5.527  12.999  1.00 23.42  ? 198 CYS A SG  1 
ATOM   1361 N N   . PRO A 1 176 ? 22.776  -4.886  15.193  1.00 31.67  ? 199 PRO A N   1 
ATOM   1362 C CA  . PRO A 1 176 ? 24.226  -4.845  15.375  1.00 34.36  ? 199 PRO A CA  1 
ATOM   1363 C C   . PRO A 1 176 ? 25.244  -3.924  14.735  1.00 36.33  ? 199 PRO A C   1 
ATOM   1364 O O   . PRO A 1 176 ? 26.100  -4.412  14.002  1.00 38.47  ? 199 PRO A O   1 
ATOM   1365 C CB  . PRO A 1 176 ? 24.635  -6.284  15.097  1.00 33.59  ? 199 PRO A CB  1 
ATOM   1366 C CG  . PRO A 1 176 ? 23.583  -7.021  15.743  1.00 34.11  ? 199 PRO A CG  1 
ATOM   1367 C CD  . PRO A 1 176 ? 22.317  -6.285  15.333  1.00 32.33  ? 199 PRO A CD  1 
ATOM   1368 N N   . THR A 1 177 ? 25.202  -2.624  14.948  1.00 38.04  ? 200 THR A N   1 
ATOM   1369 C CA  . THR A 1 177 ? 26.350  -1.875  14.448  1.00 40.17  ? 200 THR A CA  1 
ATOM   1370 C C   . THR A 1 177 ? 26.641  -0.738  15.400  1.00 41.53  ? 200 THR A C   1 
ATOM   1371 O O   . THR A 1 177 ? 27.696  -0.816  16.070  1.00 42.95  ? 200 THR A O   1 
ATOM   1372 C CB  . THR A 1 177 ? 26.222  -1.335  13.009  1.00 40.05  ? 200 THR A CB  1 
ATOM   1373 O OG1 . THR A 1 177 ? 26.054  -2.426  12.096  1.00 41.51  ? 200 THR A OG1 1 
ATOM   1374 C CG2 . THR A 1 177 ? 27.520  -0.611  12.620  1.00 40.14  ? 200 THR A CG2 1 
HETATM 1375 O O   . HOH B 2 .   ? -19.411 0.306   -1.727  1.00 7.53   ? 201 HOH A O   1 
HETATM 1376 O O   . HOH B 2 .   ? -7.626  11.416  -12.061 1.00 5.26   ? 202 HOH A O   1 
HETATM 1377 O O   . HOH B 2 .   ? 13.953  -3.279  7.145   1.00 5.06   ? 203 HOH A O   1 
HETATM 1378 O O   . HOH B 2 .   ? -15.961 -2.004  0.301   1.00 11.08  ? 204 HOH A O   1 
HETATM 1379 O O   . HOH B 2 .   ? 5.244   3.794   -7.799  1.00 4.62   ? 205 HOH A O   1 
HETATM 1380 O O   . HOH B 2 .   ? 7.696   10.738  13.598  1.00 13.96  ? 206 HOH A O   1 
HETATM 1381 O O   . HOH B 2 .   ? 5.944   -6.007  -5.552  1.00 11.18  ? 207 HOH A O   1 
HETATM 1382 O O   . HOH B 2 .   ? 0.850   12.142  -2.659  1.00 6.05   ? 208 HOH A O   1 
HETATM 1383 O O   . HOH B 2 .   ? 12.594  -7.825  7.210   1.00 5.26   ? 209 HOH A O   1 
HETATM 1384 O O   . HOH B 2 .   ? 0.762   -2.007  12.036  1.00 2.58   ? 210 HOH A O   1 
HETATM 1385 O O   . HOH B 2 .   ? 8.633   1.950   -8.075  1.00 7.17   ? 211 HOH A O   1 
HETATM 1386 O O   . HOH B 2 .   ? -10.541 6.104   5.768   1.00 11.78  ? 212 HOH A O   1 
HETATM 1387 O O   . HOH B 2 .   ? 14.749  3.169   18.557  1.00 19.36  ? 213 HOH A O   1 
HETATM 1388 O O   . HOH B 2 .   ? -7.485  15.928  -6.636  1.00 11.57  ? 214 HOH A O   1 
HETATM 1389 O O   . HOH B 2 .   ? -4.427  15.997  -2.446  1.00 10.53  ? 215 HOH A O   1 
HETATM 1390 O O   . HOH B 2 .   ? 5.483   11.996  -10.738 1.00 20.97  ? 216 HOH A O   1 
HETATM 1391 O O   . HOH B 2 .   ? 9.838   12.336  10.759  1.00 13.62  ? 217 HOH A O   1 
HETATM 1392 O O   . HOH B 2 .   ? 8.903   4.650   -1.753  1.00 13.22  ? 218 HOH A O   1 
HETATM 1393 O O   . HOH B 2 .   ? 9.471   7.078   0.178   1.00 16.98  ? 219 HOH A O   1 
HETATM 1394 O O   . HOH B 2 .   ? 4.552   -1.867  17.474  1.00 16.87  ? 220 HOH A O   1 
HETATM 1395 O O   . HOH B 2 .   ? 14.402  -2.151  4.677   1.00 13.32  ? 221 HOH A O   1 
HETATM 1396 O O   . HOH B 2 .   ? -9.423  8.544   6.293   1.00 18.36  ? 222 HOH A O   1 
HETATM 1397 O O   . HOH B 2 .   ? 17.793  -2.837  6.653   1.00 13.15  ? 223 HOH A O   1 
HETATM 1398 O O   . HOH B 2 .   ? -0.056  2.908   -12.970 1.00 7.12   ? 224 HOH A O   1 
HETATM 1399 O O   . HOH B 2 .   ? 19.018  -10.336 7.606   1.00 8.98   ? 225 HOH A O   1 
HETATM 1400 O O   . HOH B 2 .   ? -10.072 12.257  2.591   1.00 25.33  ? 226 HOH A O   1 
HETATM 1401 O O   . HOH B 2 .   ? 0.974   -14.253 5.067   1.00 41.99  ? 227 HOH A O   1 
HETATM 1402 O O   . HOH B 2 .   ? 10.932  5.765   19.431  1.00 49.88  ? 228 HOH A O   1 
HETATM 1403 O O   . HOH B 2 .   ? -2.842  11.900  -7.760  1.00 4.47   ? 229 HOH A O   1 
HETATM 1404 O O   . HOH B 2 .   ? 2.901   -8.374  12.015  1.00 6.44   ? 230 HOH A O   1 
HETATM 1405 O O   . HOH B 2 .   ? -9.890  16.598  -4.877  1.00 17.31  ? 231 HOH A O   1 
HETATM 1406 O O   . HOH B 2 .   ? 1.264   12.732  -14.876 1.00 17.25  ? 232 HOH A O   1 
HETATM 1407 O O   . HOH B 2 .   ? 3.656   11.557  2.418   1.00 6.26   ? 233 HOH A O   1 
HETATM 1408 O O   . HOH B 2 .   ? -14.828 -1.630  -18.163 1.00 14.79  ? 234 HOH A O   1 
HETATM 1409 O O   . HOH B 2 .   ? 6.671   -3.411  16.201  1.00 19.48  ? 235 HOH A O   1 
HETATM 1410 O O   . HOH B 2 .   ? -16.432 -9.577  -5.175  1.00 14.55  ? 236 HOH A O   1 
HETATM 1411 O O   . HOH B 2 .   ? 5.669   6.846   -6.106  1.00 12.10  ? 237 HOH A O   1 
HETATM 1412 O O   . HOH B 2 .   ? -1.907  -5.373  16.202  1.00 18.98  ? 238 HOH A O   1 
HETATM 1413 O O   . HOH B 2 .   ? 12.841  -5.860  0.729   1.00 20.18  ? 239 HOH A O   1 
HETATM 1414 O O   . HOH B 2 .   ? 0.326   15.509  7.098   1.00 23.47  ? 240 HOH A O   1 
HETATM 1415 O O   . HOH B 2 .   ? -19.120 -0.327  -5.624  1.00 29.94  ? 241 HOH A O   1 
HETATM 1416 O O   . HOH B 2 .   ? -8.706  6.506   9.237   1.00 27.45  ? 242 HOH A O   1 
HETATM 1417 O O   . HOH B 2 .   ? -1.160  14.513  -10.112 1.00 10.97  ? 243 HOH A O   1 
HETATM 1418 O O   . HOH B 2 .   ? 10.218  -17.266 11.302  1.00 14.04  ? 244 HOH A O   1 
HETATM 1419 O O   . HOH B 2 .   ? -11.761 -4.171  1.610   1.00 17.02  ? 245 HOH A O   1 
HETATM 1420 O O   . HOH B 2 .   ? 14.363  12.500  -2.659  1.00 37.94  ? 246 HOH A O   1 
HETATM 1421 O O   . HOH B 2 .   ? 9.862   -14.096 7.972   1.00 16.15  ? 247 HOH A O   1 
HETATM 1422 O O   . HOH B 2 .   ? -5.783  -8.834  9.904   1.00 15.93  ? 248 HOH A O   1 
HETATM 1423 O O   . HOH B 2 .   ? 0.517   4.110   17.792  1.00 18.13  ? 249 HOH A O   1 
HETATM 1424 O O   . HOH B 2 .   ? 1.036   13.238  -12.332 1.00 18.97  ? 250 HOH A O   1 
HETATM 1425 O O   . HOH B 2 .   ? 8.959   -9.526  1.759   1.00 20.26  ? 251 HOH A O   1 
HETATM 1426 O O   . HOH B 2 .   ? 14.556  -14.521 10.012  1.00 12.70  ? 252 HOH A O   1 
HETATM 1427 O O   . HOH B 2 .   ? -12.658 -10.708 -2.212  1.00 21.20  ? 253 HOH A O   1 
HETATM 1428 O O   . HOH B 2 .   ? 9.126   6.028   -7.510  1.00 34.96  ? 254 HOH A O   1 
HETATM 1429 O O   . HOH B 2 .   ? -17.763 2.875   -0.413  1.00 22.11  ? 255 HOH A O   1 
HETATM 1430 O O   . HOH B 2 .   ? 9.010   14.682  0.192   1.00 34.66  ? 256 HOH A O   1 
HETATM 1431 O O   . HOH B 2 .   ? -10.711 17.454  -9.474  1.00 23.24  ? 257 HOH A O   1 
HETATM 1432 O O   . HOH B 2 .   ? 17.534  -1.767  14.710  1.00 16.51  ? 258 HOH A O   1 
HETATM 1433 O O   . HOH B 2 .   ? 5.902   14.231  -6.221  1.00 25.53  ? 259 HOH A O   1 
HETATM 1434 O O   . HOH B 2 .   ? 15.768  3.769   9.529   1.00 20.19  ? 260 HOH A O   1 
HETATM 1435 O O   . HOH B 2 .   ? 3.537   1.206   -13.531 1.00 15.76  ? 261 HOH A O   1 
HETATM 1436 O O   . HOH B 2 .   ? -7.571  4.903   -17.453 1.00 15.54  ? 262 HOH A O   1 
HETATM 1437 O O   . HOH B 2 .   ? 9.955   13.104  -3.287  1.00 13.66  ? 263 HOH A O   1 
HETATM 1438 O O   . HOH B 2 .   ? 14.926  -8.572  20.726  1.00 28.79  ? 264 HOH A O   1 
HETATM 1439 O O   . HOH B 2 .   ? -11.783 16.104  -11.515 1.00 20.37  ? 265 HOH A O   1 
HETATM 1440 O O   . HOH B 2 .   ? -19.734 6.333   -6.079  1.00 30.58  ? 266 HOH A O   1 
HETATM 1441 O O   . HOH B 2 .   ? 11.495  -13.364 12.194  1.00 11.32  ? 267 HOH A O   1 
HETATM 1442 O O   . HOH B 2 .   ? -8.019  1.339   11.728  1.00 13.31  ? 268 HOH A O   1 
HETATM 1443 O O   . HOH B 2 .   ? -15.425 13.995  -3.954  1.00 14.03  ? 269 HOH A O   1 
HETATM 1444 O O   . HOH B 2 .   ? 10.955  -0.036  21.200  1.00 20.01  ? 270 HOH A O   1 
HETATM 1445 O O   . HOH B 2 .   ? 6.620   14.007  -8.931  1.00 16.56  ? 271 HOH A O   1 
HETATM 1446 O O   . HOH B 2 .   ? 4.095   -0.359  19.645  1.00 19.81  ? 272 HOH A O   1 
HETATM 1447 O O   . HOH B 2 .   ? 17.445  -10.578 14.940  1.00 20.93  ? 273 HOH A O   1 
HETATM 1448 O O   . HOH B 2 .   ? 12.469  -6.350  14.116  1.00 101.89 ? 274 HOH A O   1 
HETATM 1449 O O   . HOH B 2 .   ? -2.345  -14.296 -6.040  1.00 27.90  ? 275 HOH A O   1 
HETATM 1450 O O   . HOH B 2 .   ? -7.390  10.057  9.454   1.00 23.35  ? 276 HOH A O   1 
HETATM 1451 O O   . HOH B 2 .   ? -8.039  20.966  -7.880  1.00 26.75  ? 277 HOH A O   1 
HETATM 1452 O O   . HOH B 2 .   ? 8.434   14.575  -5.564  1.00 13.83  ? 278 HOH A O   1 
HETATM 1453 O O   . HOH B 2 .   ? 12.167  -5.069  6.306   1.00 19.90  ? 279 HOH A O   1 
HETATM 1454 O O   . HOH B 2 .   ? 5.798   -14.353 2.276   1.00 20.80  ? 280 HOH A O   1 
HETATM 1455 O O   . HOH B 2 .   ? -16.196 4.606   -19.187 1.00 25.52  ? 281 HOH A O   1 
HETATM 1456 O O   . HOH B 2 .   ? 2.854   15.465  -4.655  1.00 26.75  ? 282 HOH A O   1 
HETATM 1457 O O   . HOH B 2 .   ? 11.611  10.324  -6.077  1.00 21.98  ? 283 HOH A O   1 
HETATM 1458 O O   . HOH B 2 .   ? -8.290  10.984  0.289   1.00 10.82  ? 284 HOH A O   1 
HETATM 1459 O O   . HOH B 2 .   ? 0.877   -8.466  13.732  1.00 25.12  ? 285 HOH A O   1 
HETATM 1460 O O   . HOH B 2 .   ? -8.113  17.766  -9.049  1.00 27.30  ? 286 HOH A O   1 
HETATM 1461 O O   . HOH B 2 .   ? -20.990 3.059   -0.244  1.00 35.43  ? 287 HOH A O   1 
HETATM 1462 O O   . HOH B 2 .   ? 3.681   4.569   -13.819 1.00 25.95  ? 288 HOH A O   1 
HETATM 1463 O O   . HOH B 2 .   ? 4.401   4.090   -17.182 1.00 34.53  ? 289 HOH A O   1 
HETATM 1464 O O   . HOH B 2 .   ? 14.442  -5.695  4.088   1.00 25.50  ? 290 HOH A O   1 
HETATM 1465 O O   . HOH B 2 .   ? 4.227   -13.556 14.865  1.00 25.62  ? 291 HOH A O   1 
HETATM 1466 O O   . HOH B 2 .   ? 3.557   1.834   17.366  1.00 26.17  ? 292 HOH A O   1 
HETATM 1467 O O   . HOH B 2 .   ? 0.997   6.069   -11.652 1.00 12.82  ? 293 HOH A O   1 
HETATM 1468 O O   . HOH B 2 .   ? 12.902  -14.430 2.577   1.00 17.00  ? 294 HOH A O   1 
HETATM 1469 O O   . HOH B 2 .   ? 12.929  2.208   -1.306  1.00 20.98  ? 295 HOH A O   1 
HETATM 1470 O O   . HOH B 2 .   ? -7.021  -5.664  8.457   1.00 19.28  ? 296 HOH A O   1 
HETATM 1471 O O   . HOH B 2 .   ? -7.646  2.236   -16.992 1.00 22.40  ? 297 HOH A O   1 
HETATM 1472 O O   . HOH B 2 .   ? 8.894   2.769   -13.431 1.00 25.24  ? 298 HOH A O   1 
HETATM 1473 O O   . HOH B 2 .   ? -1.122  -15.473 19.041  1.00 24.39  ? 299 HOH A O   1 
HETATM 1474 O O   . HOH B 2 .   ? -10.584 -0.592  2.780   1.00 19.80  ? 300 HOH A O   1 
HETATM 1475 O O   . HOH B 2 .   ? 17.359  -7.486  19.310  1.00 21.67  ? 301 HOH A O   1 
HETATM 1476 O O   . HOH B 2 .   ? 10.759  -6.832  -6.147  1.00 31.63  ? 302 HOH A O   1 
HETATM 1477 O O   . HOH B 2 .   ? -10.416 -4.964  -17.693 1.00 25.88  ? 303 HOH A O   1 
HETATM 1478 O O   . HOH B 2 .   ? 1.024   -6.513  -10.240 1.00 27.65  ? 304 HOH A O   1 
HETATM 1479 O O   . HOH B 2 .   ? 11.710  -15.009 9.958   1.00 16.60  ? 305 HOH A O   1 
HETATM 1480 O O   . HOH B 2 .   ? -6.402  11.419  6.111   1.00 21.66  ? 306 HOH A O   1 
HETATM 1481 O O   . HOH B 2 .   ? -0.114  -13.281 7.526   1.00 19.85  ? 307 HOH A O   1 
HETATM 1482 O O   . HOH B 2 .   ? -8.077  -13.391 -10.318 1.00 17.93  ? 308 HOH A O   1 
HETATM 1483 O O   . HOH B 2 .   ? -7.536  14.402  0.825   1.00 36.36  ? 309 HOH A O   1 
HETATM 1484 O O   . HOH B 2 .   ? 9.065   0.972   -15.121 1.00 32.27  ? 310 HOH A O   1 
HETATM 1485 O O   . HOH B 2 .   ? 1.011   4.498   -19.240 1.00 32.21  ? 311 HOH A O   1 
HETATM 1486 O O   . HOH B 2 .   ? -6.726  3.971   12.722  1.00 37.67  ? 312 HOH A O   1 
HETATM 1487 O O   . HOH B 2 .   ? 2.318   -8.746  -11.163 1.00 27.70  ? 313 HOH A O   1 
HETATM 1488 O O   . HOH B 2 .   ? 20.554  1.079   -5.147  1.00 42.92  ? 314 HOH A O   1 
HETATM 1489 O O   . HOH B 2 .   ? -12.361 -4.501  -26.773 1.00 31.97  ? 315 HOH A O   1 
HETATM 1490 O O   . HOH B 2 .   ? -6.293  17.364  -4.359  1.00 28.47  ? 316 HOH A O   1 
HETATM 1491 O O   . HOH B 2 .   ? -13.164 3.158   1.067   1.00 61.21  ? 317 HOH A O   1 
HETATM 1492 O O   . HOH B 2 .   ? 3.560   1.634   -19.179 1.00 38.32  ? 318 HOH A O   1 
HETATM 1493 O O   . HOH B 2 .   ? 9.594   -15.941 21.613  1.00 28.84  ? 319 HOH A O   1 
HETATM 1494 O O   . HOH B 2 .   ? -20.738 9.841   -2.485  1.00 24.66  ? 320 HOH A O   1 
HETATM 1495 O O   . HOH B 2 .   ? 10.538  -0.894  1.767   1.00 65.66  ? 321 HOH A O   1 
HETATM 1496 O O   . HOH B 2 .   ? -21.877 0.826   -3.288  1.00 37.77  ? 322 HOH A O   1 
HETATM 1497 O O   . HOH B 2 .   ? -4.603  5.148   -16.406 1.00 16.08  ? 323 HOH A O   1 
HETATM 1498 O O   . HOH B 2 .   ? -4.831  11.953  -17.751 1.00 27.21  ? 324 HOH A O   1 
HETATM 1499 O O   . HOH B 2 .   ? -8.761  2.482   -20.653 1.00 22.50  ? 325 HOH A O   1 
HETATM 1500 O O   . HOH B 2 .   ? 13.481  -13.645 14.284  1.00 41.01  ? 326 HOH A O   1 
HETATM 1501 O O   . HOH B 2 .   ? -20.616 -2.406  -1.706  1.00 24.70  ? 327 HOH A O   1 
HETATM 1502 O O   . HOH B 2 .   ? -20.450 -7.268  -11.456 1.00 33.51  ? 328 HOH A O   1 
HETATM 1503 O O   . HOH B 2 .   ? -7.506  12.094  3.661   1.00 17.74  ? 329 HOH A O   1 
HETATM 1504 O O   . HOH B 2 .   ? -20.355 -10.248 -7.043  1.00 20.21  ? 330 HOH A O   1 
HETATM 1505 O O   . HOH B 2 .   ? 6.889   16.538  -10.466 1.00 25.73  ? 331 HOH A O   1 
HETATM 1506 O O   . HOH B 2 .   ? -8.659  7.367   -18.211 1.00 27.40  ? 332 HOH A O   1 
HETATM 1507 O O   . HOH B 2 .   ? 1.491   -13.150 9.754   1.00 26.30  ? 333 HOH A O   1 
HETATM 1508 O O   . HOH B 2 .   ? -18.126 16.064  -11.073 1.00 27.88  ? 334 HOH A O   1 
HETATM 1509 O O   . HOH B 2 .   ? -2.955  20.912  -0.723  1.00 38.07  ? 335 HOH A O   1 
HETATM 1510 O O   . HOH B 2 .   ? 9.698   -6.050  0.012   1.00 11.43  ? 336 HOH A O   1 
HETATM 1511 O O   . HOH B 2 .   ? 12.071  -12.485 16.548  1.00 25.94  ? 337 HOH A O   1 
HETATM 1512 O O   . HOH B 2 .   ? -10.115 12.048  -0.840  1.00 93.67  ? 338 HOH A O   1 
HETATM 1513 O O   . HOH B 2 .   ? -6.667  9.355   15.215  1.00 27.51  ? 339 HOH A O   1 
HETATM 1514 O O   . HOH B 2 .   ? 23.252  -3.205  12.718  1.00 68.77  ? 340 HOH A O   1 
HETATM 1515 O O   . HOH B 2 .   ? -8.889  4.254   10.770  1.00 27.84  ? 341 HOH A O   1 
HETATM 1516 O O   . HOH B 2 .   ? -13.256 -8.051  -14.363 1.00 24.20  ? 342 HOH A O   1 
HETATM 1517 O O   . HOH B 2 .   ? 15.353  10.898  1.404   1.00 34.13  ? 343 HOH A O   1 
HETATM 1518 O O   . HOH B 2 .   ? 11.208  -0.126  -8.745  1.00 26.27  ? 344 HOH A O   1 
HETATM 1519 O O   . HOH B 2 .   ? 13.797  2.279   -13.000 1.00 32.14  ? 345 HOH A O   1 
HETATM 1520 O O   . HOH B 2 .   ? -23.068 11.150  -10.973 1.00 25.42  ? 346 HOH A O   1 
HETATM 1521 O O   . HOH B 2 .   ? -16.219 -2.688  -15.826 1.00 23.51  ? 347 HOH A O   1 
HETATM 1522 O O   . HOH B 2 .   ? 3.348   -6.257  19.743  1.00 77.04  ? 348 HOH A O   1 
HETATM 1523 O O   . HOH B 2 .   ? -22.940 5.838   -11.311 1.00 24.14  ? 349 HOH A O   1 
HETATM 1524 O O   . HOH B 2 .   ? -20.463 15.761  -7.113  1.00 27.35  ? 350 HOH A O   1 
HETATM 1525 O O   . HOH B 2 .   ? 9.239   9.220   7.424   1.00 31.78  ? 351 HOH A O   1 
HETATM 1526 O O   . HOH B 2 .   ? -10.355 14.474  -2.788  1.00 36.79  ? 352 HOH A O   1 
HETATM 1527 O O   . HOH B 2 .   ? -14.612 7.153   -0.906  1.00 38.46  ? 353 HOH A O   1 
HETATM 1528 O O   . HOH B 2 .   ? 21.408  2.871   -10.911 1.00 24.12  ? 354 HOH A O   1 
HETATM 1529 O O   . HOH B 2 .   ? -2.039  -4.590  18.929  1.00 21.97  ? 355 HOH A O   1 
HETATM 1530 O O   . HOH B 2 .   ? 0.312   14.988  10.803  1.00 77.80  ? 356 HOH A O   1 
HETATM 1531 O O   . HOH B 2 .   ? 4.388   -16.893 6.468   1.00 33.77  ? 357 HOH A O   1 
HETATM 1532 O O   . HOH B 2 .   ? -18.985 -17.333 -10.613 1.00 31.58  ? 358 HOH A O   1 
HETATM 1533 O O   . HOH B 2 .   ? 9.427   -12.401 -2.397  1.00 43.95  ? 359 HOH A O   1 
HETATM 1534 O O   . HOH B 2 .   ? 11.989  -17.350 17.949  1.00 39.47  ? 360 HOH A O   1 
HETATM 1535 O O   . HOH B 2 .   ? -17.286 -0.876  -19.346 1.00 23.95  ? 361 HOH A O   1 
HETATM 1536 O O   . HOH B 2 .   ? 25.154  -0.803  7.575   1.00 32.82  ? 362 HOH A O   1 
HETATM 1537 O O   . HOH B 2 .   ? 2.427   6.701   -19.623 1.00 29.98  ? 363 HOH A O   1 
HETATM 1538 O O   . HOH B 2 .   ? 10.461  16.207  -2.642  1.00 31.08  ? 364 HOH A O   1 
HETATM 1539 O O   . HOH B 2 .   ? 20.662  -7.273  -6.831  1.00 30.98  ? 365 HOH A O   1 
HETATM 1540 O O   . HOH B 2 .   ? 4.291   -12.023 12.453  1.00 22.77  ? 366 HOH A O   1 
HETATM 1541 O O   . HOH B 2 .   ? -15.939 -12.398 3.887   1.00 23.29  ? 367 HOH A O   1 
HETATM 1542 O O   . HOH B 2 .   ? 6.163   3.922   -14.962 1.00 35.64  ? 368 HOH A O   1 
HETATM 1543 O O   . HOH B 2 .   ? 26.772  -6.670  18.318  1.00 25.01  ? 369 HOH A O   1 
HETATM 1544 O O   . HOH B 2 .   ? -5.203  -1.487  13.221  1.00 28.02  ? 370 HOH A O   1 
HETATM 1545 O O   . HOH B 2 .   ? 20.221  0.712   2.893   1.00 40.34  ? 371 HOH A O   1 
HETATM 1546 O O   . HOH B 2 .   ? -6.378  16.472  -0.567  1.00 20.89  ? 372 HOH A O   1 
HETATM 1547 O O   . HOH B 2 .   ? -5.878  19.775  -6.929  1.00 32.87  ? 373 HOH A O   1 
HETATM 1548 O O   . HOH B 2 .   ? -0.571  -10.559 14.434  1.00 40.58  ? 374 HOH A O   1 
HETATM 1549 O O   . HOH B 2 .   ? 11.008  -5.891  -3.190  1.00 62.61  ? 375 HOH A O   1 
HETATM 1550 O O   . HOH B 2 .   ? -9.932  -20.473 -6.958  1.00 35.32  ? 376 HOH A O   1 
HETATM 1551 O O   . HOH B 2 .   ? -14.560 -18.409 -2.141  1.00 41.32  ? 377 HOH A O   1 
HETATM 1552 O O   . HOH B 2 .   ? -2.865  -12.555 3.059   1.00 41.08  ? 378 HOH A O   1 
HETATM 1553 O O   . HOH B 2 .   ? 6.976   7.108   -13.922 1.00 31.53  ? 379 HOH A O   1 
HETATM 1554 O O   . HOH B 2 .   ? -16.366 8.697   -12.659 1.00 68.95  ? 380 HOH A O   1 
HETATM 1555 O O   . HOH B 2 .   ? 15.479  -1.680  19.671  1.00 80.43  ? 381 HOH A O   1 
HETATM 1556 O O   . HOH B 2 .   ? -0.511  -10.481 17.255  1.00 33.47  ? 382 HOH A O   1 
HETATM 1557 O O   . HOH B 2 .   ? 15.881  7.269   1.449   1.00 31.82  ? 383 HOH A O   1 
HETATM 1558 O O   . HOH B 2 .   ? 16.529  0.108   -1.760  1.00 34.58  ? 384 HOH A O   1 
HETATM 1559 O O   . HOH B 2 .   ? -1.998  20.141  12.368  1.00 39.87  ? 385 HOH A O   1 
HETATM 1560 O O   . HOH B 2 .   ? 0.820   -10.124 -8.847  1.00 23.88  ? 386 HOH A O   1 
HETATM 1561 O O   . HOH B 2 .   ? -10.027 -11.297 -0.765  1.00 39.46  ? 387 HOH A O   1 
HETATM 1562 O O   . HOH B 2 .   ? 6.726   -19.821 1.189   1.00 38.96  ? 388 HOH A O   1 
HETATM 1563 O O   . HOH B 2 .   ? 12.545  -3.105  -6.892  1.00 19.91  ? 389 HOH A O   1 
HETATM 1564 O O   . HOH B 2 .   ? -3.845  -11.864 -12.037 1.00 27.31  ? 390 HOH A O   1 
HETATM 1565 O O   . HOH B 2 .   ? 3.459   -17.873 24.661  1.00 40.24  ? 391 HOH A O   1 
# 
